data_5YIO
#
_entry.id   5YIO
#
_entity_poly.entity_id   1
_entity_poly.type   'polypeptide(L)'
_entity_poly.pdbx_seq_one_letter_code
;MAELNVEIVAVDRNIWSGTAKFLFTRTTVGEIGILPRHIPLVAQLVDDAMVRVEREGEKDLRIAVDGGFLSVTEEGVSIL
AESAEFESEIDEAAAKQDSESDDPRIAARGRARLRAVGAID
;
_entity_poly.pdbx_strand_id   A
#
# COMPACT_ATOMS: atom_id res chain seq x y z
N MET A 1 -19.60 4.36 -8.85
CA MET A 1 -18.75 5.47 -9.38
C MET A 1 -18.62 6.60 -8.36
N ALA A 2 -17.54 6.59 -7.59
CA ALA A 2 -17.31 7.61 -6.58
C ALA A 2 -15.84 7.62 -6.14
N GLU A 3 -15.35 8.80 -5.77
CA GLU A 3 -13.98 8.94 -5.33
C GLU A 3 -13.89 8.99 -3.80
N LEU A 4 -12.97 8.21 -3.24
CA LEU A 4 -12.79 8.18 -1.79
C LEU A 4 -11.42 8.73 -1.40
N ASN A 5 -11.42 9.78 -0.61
CA ASN A 5 -10.17 10.40 -0.16
C ASN A 5 -9.32 9.40 0.62
N VAL A 6 -8.03 9.36 0.28
CA VAL A 6 -7.11 8.44 0.94
C VAL A 6 -5.81 9.15 1.32
N GLU A 7 -5.22 8.73 2.42
CA GLU A 7 -3.96 9.33 2.88
C GLU A 7 -3.06 8.27 3.51
N ILE A 8 -1.77 8.33 3.19
CA ILE A 8 -0.79 7.39 3.73
C ILE A 8 0.32 8.13 4.46
N VAL A 9 0.36 7.94 5.78
CA VAL A 9 1.37 8.60 6.60
C VAL A 9 2.55 7.68 6.86
N ALA A 10 3.76 8.22 6.75
CA ALA A 10 4.98 7.44 6.97
C ALA A 10 5.47 7.62 8.41
N VAL A 11 6.68 7.14 8.67
CA VAL A 11 7.27 7.23 10.00
C VAL A 11 7.95 8.59 10.22
N ASP A 12 8.50 9.14 9.14
CA ASP A 12 9.18 10.43 9.22
C ASP A 12 8.38 11.54 8.57
N ARG A 13 7.53 11.17 7.61
CA ARG A 13 6.71 12.16 6.90
C ARG A 13 5.50 11.50 6.25
N ASN A 14 4.85 12.22 5.35
CA ASN A 14 3.68 11.72 4.65
C ASN A 14 4.05 11.25 3.25
N ILE A 15 3.31 10.27 2.73
CA ILE A 15 3.55 9.72 1.41
C ILE A 15 2.66 10.40 0.37
N TRP A 16 1.36 10.12 0.43
CA TRP A 16 0.40 10.69 -0.50
C TRP A 16 -0.95 10.91 0.16
N SER A 17 -1.68 11.91 -0.30
CA SER A 17 -3.00 12.23 0.24
C SER A 17 -3.85 12.96 -0.78
N GLY A 18 -4.96 12.34 -1.18
CA GLY A 18 -5.85 12.95 -2.15
C GLY A 18 -7.14 12.18 -2.32
N THR A 19 -7.37 11.69 -3.53
CA THR A 19 -8.58 10.93 -3.83
C THR A 19 -8.27 9.74 -4.75
N ALA A 20 -8.91 8.62 -4.49
CA ALA A 20 -8.70 7.42 -5.29
C ALA A 20 -9.99 6.62 -5.46
N LYS A 21 -10.03 5.76 -6.47
CA LYS A 21 -11.20 4.94 -6.74
C LYS A 21 -11.25 3.76 -5.78
N PHE A 22 -10.13 3.06 -5.63
CA PHE A 22 -10.06 1.91 -4.74
C PHE A 22 -8.62 1.43 -4.56
N LEU A 23 -8.40 0.59 -3.56
CA LEU A 23 -7.07 0.06 -3.27
C LEU A 23 -7.16 -1.38 -2.77
N PHE A 24 -6.09 -2.14 -2.98
CA PHE A 24 -6.03 -3.53 -2.55
C PHE A 24 -4.85 -3.76 -1.62
N THR A 25 -5.13 -3.84 -0.32
CA THR A 25 -4.09 -4.06 0.68
C THR A 25 -4.32 -5.36 1.43
N ARG A 26 -3.36 -5.71 2.29
CA ARG A 26 -3.46 -6.94 3.08
C ARG A 26 -3.33 -6.63 4.57
N THR A 27 -4.25 -7.19 5.36
CA THR A 27 -4.24 -6.98 6.80
C THR A 27 -4.35 -8.31 7.54
N THR A 28 -4.60 -8.23 8.85
CA THR A 28 -4.73 -9.43 9.68
C THR A 28 -5.77 -10.38 9.10
N VAL A 29 -6.79 -9.81 8.45
CA VAL A 29 -7.86 -10.60 7.86
C VAL A 29 -7.47 -11.11 6.46
N GLY A 30 -6.49 -10.44 5.85
CA GLY A 30 -6.04 -10.83 4.52
C GLY A 30 -6.31 -9.77 3.48
N GLU A 31 -6.36 -10.17 2.22
CA GLU A 31 -6.61 -9.24 1.12
C GLU A 31 -7.94 -8.53 1.31
N ILE A 32 -7.93 -7.20 1.19
CA ILE A 32 -9.14 -6.40 1.34
C ILE A 32 -9.19 -5.28 0.31
N GLY A 33 -10.33 -5.16 -0.37
CA GLY A 33 -10.48 -4.12 -1.37
C GLY A 33 -11.45 -3.04 -0.94
N ILE A 34 -10.93 -1.82 -0.76
CA ILE A 34 -11.75 -0.70 -0.34
C ILE A 34 -12.38 0.00 -1.54
N LEU A 35 -13.69 -0.14 -1.67
CA LEU A 35 -14.42 0.46 -2.77
C LEU A 35 -15.17 1.72 -2.31
N PRO A 36 -15.48 2.63 -3.25
CA PRO A 36 -16.19 3.87 -2.94
C PRO A 36 -17.48 3.63 -2.14
N ARG A 37 -17.75 4.52 -1.19
CA ARG A 37 -18.95 4.40 -0.37
C ARG A 37 -18.94 3.09 0.43
N HIS A 38 -18.05 3.03 1.42
CA HIS A 38 -17.94 1.82 2.25
C HIS A 38 -17.76 2.21 3.71
N ILE A 39 -18.30 1.39 4.60
CA ILE A 39 -18.20 1.63 6.04
C ILE A 39 -16.74 1.69 6.48
N PRO A 40 -16.42 2.53 7.48
CA PRO A 40 -15.06 2.68 7.99
C PRO A 40 -14.62 1.48 8.81
N LEU A 41 -13.31 1.28 8.92
CA LEU A 41 -12.76 0.17 9.68
C LEU A 41 -11.25 0.32 9.85
N VAL A 42 -10.71 -0.33 10.87
CA VAL A 42 -9.27 -0.27 11.14
C VAL A 42 -8.66 -1.67 11.10
N ALA A 43 -7.40 -1.74 10.67
CA ALA A 43 -6.69 -3.02 10.57
C ALA A 43 -5.19 -2.80 10.39
N GLN A 44 -4.39 -3.69 10.98
CA GLN A 44 -2.93 -3.59 10.87
C GLN A 44 -2.43 -4.33 9.63
N LEU A 45 -1.44 -3.74 8.98
CA LEU A 45 -0.87 -4.35 7.78
C LEU A 45 0.02 -5.53 8.14
N VAL A 46 0.52 -6.23 7.12
CA VAL A 46 1.38 -7.39 7.34
C VAL A 46 2.73 -7.22 6.64
N ASP A 47 3.15 -5.97 6.48
CA ASP A 47 4.43 -5.67 5.83
C ASP A 47 4.50 -6.29 4.44
N ASP A 48 3.46 -6.05 3.63
CA ASP A 48 3.41 -6.59 2.28
C ASP A 48 3.14 -5.48 1.26
N ALA A 49 3.81 -4.35 1.45
CA ALA A 49 3.64 -3.22 0.54
C ALA A 49 2.20 -2.73 0.53
N MET A 50 1.93 -1.71 -0.27
CA MET A 50 0.59 -1.15 -0.38
C MET A 50 0.21 -0.86 -1.82
N VAL A 51 -0.89 -1.45 -2.27
CA VAL A 51 -1.36 -1.25 -3.64
C VAL A 51 -2.66 -0.45 -3.65
N ARG A 52 -2.63 0.72 -4.28
CA ARG A 52 -3.80 1.58 -4.35
C ARG A 52 -3.98 2.13 -5.76
N VAL A 53 -5.23 2.22 -6.21
CA VAL A 53 -5.53 2.75 -7.54
C VAL A 53 -6.47 3.94 -7.44
N GLU A 54 -6.17 4.98 -8.21
CA GLU A 54 -6.99 6.19 -8.20
C GLU A 54 -8.12 6.11 -9.23
N ARG A 55 -8.20 4.99 -9.95
CA ARG A 55 -9.24 4.79 -10.95
C ARG A 55 -9.53 3.32 -11.15
N GLU A 56 -10.68 3.01 -11.73
CA GLU A 56 -11.07 1.64 -11.98
C GLU A 56 -10.38 1.07 -13.21
N GLY A 57 -9.53 0.07 -13.01
CA GLY A 57 -8.82 -0.55 -14.11
C GLY A 57 -7.95 0.42 -14.88
N GLU A 58 -7.37 1.40 -14.17
CA GLU A 58 -6.52 2.38 -14.82
C GLU A 58 -5.34 2.77 -13.92
N LYS A 59 -5.56 3.74 -13.03
CA LYS A 59 -4.52 4.19 -12.12
C LYS A 59 -3.99 3.03 -11.28
N ASP A 60 -2.75 3.14 -10.82
CA ASP A 60 -2.14 2.10 -10.01
C ASP A 60 -0.98 2.66 -9.19
N LEU A 61 -1.32 3.31 -8.09
CA LEU A 61 -0.30 3.89 -7.21
C LEU A 61 0.53 2.79 -6.56
N ARG A 62 1.78 2.67 -6.98
CA ARG A 62 2.68 1.65 -6.44
C ARG A 62 3.30 2.12 -5.13
N ILE A 63 2.80 1.58 -4.02
CA ILE A 63 3.30 1.93 -2.70
C ILE A 63 3.83 0.70 -1.98
N ALA A 64 4.83 0.90 -1.12
CA ALA A 64 5.41 -0.20 -0.36
C ALA A 64 5.53 0.14 1.11
N VAL A 65 4.49 -0.17 1.88
CA VAL A 65 4.47 0.09 3.31
C VAL A 65 4.97 -1.11 4.09
N ASP A 66 5.46 -0.87 5.31
CA ASP A 66 5.98 -1.93 6.15
C ASP A 66 5.46 -1.81 7.58
N GLY A 67 4.56 -2.72 7.96
CA GLY A 67 4.00 -2.70 9.29
C GLY A 67 3.41 -1.34 9.66
N GLY A 68 2.17 -1.11 9.24
CA GLY A 68 1.52 0.16 9.55
C GLY A 68 0.08 -0.03 10.03
N PHE A 69 -0.59 1.08 10.28
CA PHE A 69 -1.97 1.05 10.75
C PHE A 69 -2.91 1.59 9.67
N LEU A 70 -3.86 0.76 9.25
CA LEU A 70 -4.81 1.15 8.22
C LEU A 70 -6.14 1.59 8.84
N SER A 71 -6.55 2.82 8.54
CA SER A 71 -7.80 3.36 9.04
C SER A 71 -8.65 3.87 7.88
N VAL A 72 -9.64 3.06 7.48
CA VAL A 72 -10.51 3.43 6.37
C VAL A 72 -11.64 4.34 6.85
N THR A 73 -11.66 5.56 6.33
CA THR A 73 -12.69 6.53 6.69
C THR A 73 -13.12 7.34 5.47
N GLU A 74 -14.39 7.72 5.44
CA GLU A 74 -14.94 8.51 4.35
C GLU A 74 -14.32 9.90 4.33
N GLU A 75 -13.92 10.38 5.51
CA GLU A 75 -13.30 11.69 5.62
C GLU A 75 -11.94 11.70 4.93
N GLY A 76 -11.36 10.51 4.78
CA GLY A 76 -10.07 10.40 4.13
C GLY A 76 -9.19 9.33 4.75
N VAL A 77 -9.37 8.08 4.29
CA VAL A 77 -8.58 6.93 4.77
C VAL A 77 -7.19 7.36 5.25
N SER A 78 -6.70 6.70 6.29
CA SER A 78 -5.38 7.00 6.84
C SER A 78 -4.56 5.73 7.03
N ILE A 79 -3.33 5.75 6.53
CA ILE A 79 -2.45 4.61 6.64
C ILE A 79 -1.09 5.02 7.20
N LEU A 80 -0.88 4.75 8.48
CA LEU A 80 0.38 5.09 9.14
C LEU A 80 1.38 3.96 9.02
N ALA A 81 2.26 4.04 8.02
CA ALA A 81 3.26 3.02 7.80
C ALA A 81 4.58 3.39 8.47
N GLU A 82 5.35 2.38 8.85
CA GLU A 82 6.63 2.60 9.49
C GLU A 82 7.73 2.87 8.47
N SER A 83 7.55 2.34 7.26
CA SER A 83 8.52 2.54 6.19
C SER A 83 7.85 2.45 4.83
N ALA A 84 7.14 3.52 4.45
CA ALA A 84 6.46 3.57 3.16
C ALA A 84 7.40 4.02 2.06
N GLU A 85 6.97 3.83 0.81
CA GLU A 85 7.78 4.21 -0.34
C GLU A 85 6.90 4.46 -1.56
N PHE A 86 7.22 5.51 -2.30
CA PHE A 86 6.47 5.85 -3.50
C PHE A 86 6.76 4.88 -4.64
N GLU A 87 5.93 4.93 -5.68
CA GLU A 87 6.11 4.04 -6.83
C GLU A 87 7.49 4.19 -7.43
N SER A 88 8.07 5.39 -7.31
CA SER A 88 9.40 5.66 -7.84
C SER A 88 10.44 4.73 -7.21
N GLU A 89 10.13 4.23 -6.03
CA GLU A 89 11.04 3.32 -5.33
C GLU A 89 10.64 1.87 -5.57
N ILE A 90 10.13 1.58 -6.76
CA ILE A 90 9.72 0.23 -7.11
C ILE A 90 10.57 -0.33 -8.25
N ASP A 91 11.64 0.38 -8.59
CA ASP A 91 12.54 -0.05 -9.66
C ASP A 91 13.25 -1.35 -9.29
N GLU A 92 13.63 -2.13 -10.31
CA GLU A 92 14.32 -3.40 -10.09
C GLU A 92 15.45 -3.25 -9.09
N ALA A 93 16.03 -2.05 -9.03
CA ALA A 93 17.13 -1.78 -8.10
C ALA A 93 16.74 -2.11 -6.67
N ALA A 94 15.66 -1.50 -6.20
CA ALA A 94 15.18 -1.73 -4.84
C ALA A 94 14.63 -3.14 -4.70
N ALA A 95 13.99 -3.64 -5.76
CA ALA A 95 13.42 -4.98 -5.76
C ALA A 95 14.50 -6.03 -5.57
N LYS A 96 15.72 -5.69 -5.95
CA LYS A 96 16.85 -6.60 -5.82
C LYS A 96 17.40 -6.60 -4.40
N GLN A 97 17.70 -5.40 -3.91
CA GLN A 97 18.24 -5.26 -2.56
C GLN A 97 17.34 -5.95 -1.55
N ASP A 98 16.04 -5.66 -1.65
CA ASP A 98 15.07 -6.25 -0.74
C ASP A 98 14.90 -7.74 -1.02
N SER A 99 14.99 -8.11 -2.30
CA SER A 99 14.85 -9.51 -2.69
C SER A 99 15.84 -10.38 -1.94
N GLU A 100 17.00 -9.82 -1.62
CA GLU A 100 18.03 -10.55 -0.89
C GLU A 100 17.50 -11.04 0.45
N SER A 101 16.44 -10.41 0.94
CA SER A 101 15.83 -10.78 2.21
C SER A 101 16.84 -10.66 3.36
N ASP A 102 17.36 -9.47 3.55
CA ASP A 102 18.33 -9.21 4.62
C ASP A 102 17.63 -8.81 5.92
N ASP A 103 16.31 -8.91 5.93
CA ASP A 103 15.53 -8.56 7.11
C ASP A 103 14.14 -9.19 7.06
N PRO A 104 13.43 -9.25 8.20
CA PRO A 104 12.09 -9.83 8.27
C PRO A 104 11.08 -9.03 7.46
N ARG A 105 11.13 -7.70 7.61
CA ARG A 105 10.22 -6.82 6.90
C ARG A 105 10.63 -6.68 5.43
N ILE A 106 11.93 -6.57 5.19
CA ILE A 106 12.44 -6.44 3.83
C ILE A 106 12.16 -7.71 3.02
N ALA A 107 12.20 -8.85 3.70
CA ALA A 107 11.95 -10.13 3.04
C ALA A 107 10.49 -10.23 2.60
N ALA A 108 9.57 -10.08 3.55
CA ALA A 108 8.15 -10.15 3.25
C ALA A 108 7.76 -9.07 2.24
N ARG A 109 8.24 -7.86 2.46
CA ARG A 109 7.95 -6.74 1.57
C ARG A 109 8.62 -6.95 0.22
N GLY A 110 9.78 -7.60 0.23
CA GLY A 110 10.50 -7.86 -1.00
C GLY A 110 9.66 -8.64 -1.99
N ARG A 111 9.07 -9.73 -1.53
CA ARG A 111 8.22 -10.57 -2.37
C ARG A 111 6.98 -9.79 -2.81
N ALA A 112 6.45 -9.00 -1.89
CA ALA A 112 5.27 -8.19 -2.18
C ALA A 112 5.58 -7.12 -3.22
N ARG A 113 6.78 -6.57 -3.14
CA ARG A 113 7.21 -5.53 -4.08
C ARG A 113 7.42 -6.11 -5.47
N LEU A 114 8.07 -7.27 -5.52
CA LEU A 114 8.35 -7.93 -6.80
C LEU A 114 7.04 -8.23 -7.54
N ARG A 115 6.07 -8.76 -6.82
CA ARG A 115 4.77 -9.08 -7.42
C ARG A 115 4.14 -7.84 -8.04
N ALA A 116 4.10 -6.76 -7.27
CA ALA A 116 3.53 -5.51 -7.74
C ALA A 116 4.28 -4.99 -8.97
N VAL A 117 5.58 -5.27 -9.01
CA VAL A 117 6.41 -4.84 -10.13
C VAL A 117 6.19 -5.71 -11.37
N GLY A 118 5.52 -6.84 -11.19
CA GLY A 118 5.26 -7.74 -12.29
C GLY A 118 6.22 -8.91 -12.34
N ALA A 119 6.74 -9.29 -11.18
CA ALA A 119 7.68 -10.40 -11.08
C ALA A 119 6.99 -11.73 -11.37
N ILE A 120 6.00 -12.06 -10.54
CA ILE A 120 5.26 -13.32 -10.70
C ILE A 120 4.70 -13.45 -12.11
N ASP A 121 4.44 -14.69 -12.52
CA ASP A 121 3.90 -14.96 -13.85
C ASP A 121 4.84 -14.42 -14.94
N MET A 1 -19.25 3.98 -9.10
CA MET A 1 -18.28 4.89 -9.75
C MET A 1 -18.08 6.18 -8.94
N ALA A 2 -17.30 6.09 -7.88
CA ALA A 2 -17.04 7.24 -7.02
C ALA A 2 -15.61 7.23 -6.49
N GLU A 3 -15.17 8.35 -5.95
CA GLU A 3 -13.82 8.46 -5.40
C GLU A 3 -13.85 8.45 -3.88
N LEU A 4 -12.82 7.84 -3.28
CA LEU A 4 -12.72 7.77 -1.83
C LEU A 4 -11.43 8.38 -1.34
N ASN A 5 -11.55 9.46 -0.56
CA ASN A 5 -10.38 10.15 -0.02
C ASN A 5 -9.47 9.17 0.73
N VAL A 6 -8.17 9.24 0.43
CA VAL A 6 -7.21 8.36 1.06
C VAL A 6 -5.94 9.12 1.42
N GLU A 7 -5.21 8.61 2.42
CA GLU A 7 -3.98 9.23 2.86
C GLU A 7 -3.02 8.21 3.47
N ILE A 8 -1.75 8.29 3.09
CA ILE A 8 -0.74 7.37 3.60
C ILE A 8 0.36 8.14 4.33
N VAL A 9 0.42 7.97 5.65
CA VAL A 9 1.41 8.66 6.45
C VAL A 9 2.62 7.76 6.72
N ALA A 10 3.81 8.32 6.52
CA ALA A 10 5.05 7.57 6.74
C ALA A 10 5.72 8.00 8.04
N VAL A 11 6.93 7.48 8.26
CA VAL A 11 7.67 7.81 9.47
C VAL A 11 8.44 9.12 9.31
N ASP A 12 8.89 9.40 8.09
CA ASP A 12 9.64 10.62 7.81
C ASP A 12 8.72 11.73 7.32
N ARG A 13 7.59 11.34 6.72
CA ARG A 13 6.63 12.32 6.21
C ARG A 13 5.43 11.61 5.57
N ASN A 14 4.62 12.37 4.84
CA ASN A 14 3.44 11.82 4.18
C ASN A 14 3.79 11.37 2.76
N ILE A 15 3.06 10.36 2.28
CA ILE A 15 3.28 9.84 0.93
C ILE A 15 2.26 10.40 -0.05
N TRP A 16 1.00 9.99 0.11
CA TRP A 16 -0.06 10.45 -0.77
C TRP A 16 -1.29 10.87 0.04
N SER A 17 -1.99 11.88 -0.44
CA SER A 17 -3.19 12.37 0.23
C SER A 17 -4.14 13.05 -0.75
N GLY A 18 -5.21 12.36 -1.11
CA GLY A 18 -6.17 12.91 -2.04
C GLY A 18 -7.42 12.07 -2.16
N THR A 19 -7.62 11.47 -3.34
CA THR A 19 -8.78 10.63 -3.57
C THR A 19 -8.45 9.52 -4.57
N ALA A 20 -9.04 8.34 -4.37
CA ALA A 20 -8.80 7.21 -5.26
C ALA A 20 -10.06 6.40 -5.46
N LYS A 21 -10.11 5.62 -6.55
CA LYS A 21 -11.25 4.79 -6.85
C LYS A 21 -11.32 3.59 -5.91
N PHE A 22 -10.17 2.94 -5.71
CA PHE A 22 -10.10 1.79 -4.82
C PHE A 22 -8.66 1.35 -4.59
N LEU A 23 -8.46 0.52 -3.56
CA LEU A 23 -7.13 0.05 -3.22
C LEU A 23 -7.17 -1.38 -2.69
N PHE A 24 -6.07 -2.11 -2.85
CA PHE A 24 -5.98 -3.49 -2.38
C PHE A 24 -4.77 -3.68 -1.48
N THR A 25 -5.02 -3.86 -0.19
CA THR A 25 -3.95 -4.05 0.78
C THR A 25 -4.11 -5.38 1.52
N ARG A 26 -3.12 -5.71 2.35
CA ARG A 26 -3.16 -6.95 3.13
C ARG A 26 -3.17 -6.65 4.62
N THR A 27 -4.02 -7.36 5.35
CA THR A 27 -4.13 -7.18 6.79
C THR A 27 -4.30 -8.52 7.50
N THR A 28 -4.64 -8.47 8.79
CA THR A 28 -4.84 -9.68 9.58
C THR A 28 -5.92 -10.57 8.96
N VAL A 29 -7.03 -9.94 8.57
CA VAL A 29 -8.13 -10.67 7.96
C VAL A 29 -7.77 -11.20 6.58
N GLY A 30 -6.72 -10.62 5.99
CA GLY A 30 -6.29 -11.04 4.67
C GLY A 30 -6.44 -9.95 3.63
N GLU A 31 -6.31 -10.32 2.36
CA GLU A 31 -6.43 -9.36 1.27
C GLU A 31 -7.79 -8.69 1.29
N ILE A 32 -7.79 -7.36 1.30
CA ILE A 32 -9.04 -6.59 1.31
C ILE A 32 -9.01 -5.50 0.26
N GLY A 33 -10.20 -5.14 -0.24
CA GLY A 33 -10.30 -4.11 -1.25
C GLY A 33 -11.28 -3.01 -0.87
N ILE A 34 -10.76 -1.80 -0.67
CA ILE A 34 -11.60 -0.67 -0.30
C ILE A 34 -12.26 -0.05 -1.52
N LEU A 35 -13.59 0.00 -1.51
CA LEU A 35 -14.33 0.58 -2.63
C LEU A 35 -14.90 1.95 -2.25
N PRO A 36 -15.29 2.75 -3.25
CA PRO A 36 -15.85 4.08 -3.03
C PRO A 36 -17.04 4.06 -2.07
N ARG A 37 -16.95 4.87 -1.02
CA ARG A 37 -18.02 4.94 -0.03
C ARG A 37 -18.25 3.58 0.63
N HIS A 38 -17.27 3.14 1.41
CA HIS A 38 -17.36 1.85 2.09
C HIS A 38 -17.36 2.04 3.60
N ILE A 39 -17.83 1.02 4.33
CA ILE A 39 -17.87 1.08 5.78
C ILE A 39 -16.48 1.29 6.37
N PRO A 40 -16.35 2.21 7.34
CA PRO A 40 -15.05 2.50 7.98
C PRO A 40 -14.58 1.36 8.87
N LEU A 41 -13.27 1.24 9.02
CA LEU A 41 -12.69 0.18 9.85
C LEU A 41 -11.17 0.34 9.94
N VAL A 42 -10.56 -0.40 10.85
CA VAL A 42 -9.11 -0.34 11.04
C VAL A 42 -8.50 -1.74 10.98
N ALA A 43 -7.23 -1.81 10.56
CA ALA A 43 -6.54 -3.08 10.46
C ALA A 43 -5.03 -2.87 10.36
N GLN A 44 -4.27 -3.89 10.76
CA GLN A 44 -2.82 -3.82 10.73
C GLN A 44 -2.27 -4.49 9.47
N LEU A 45 -1.23 -3.89 8.89
CA LEU A 45 -0.62 -4.43 7.69
C LEU A 45 0.38 -5.54 8.03
N VAL A 46 0.75 -6.32 7.02
CA VAL A 46 1.69 -7.42 7.23
C VAL A 46 3.01 -7.16 6.51
N ASP A 47 3.34 -5.88 6.34
CA ASP A 47 4.58 -5.49 5.68
C ASP A 47 4.67 -6.11 4.28
N ASP A 48 3.62 -5.93 3.49
CA ASP A 48 3.57 -6.46 2.15
C ASP A 48 3.33 -5.35 1.13
N ALA A 49 3.97 -4.20 1.36
CA ALA A 49 3.83 -3.05 0.48
C ALA A 49 2.39 -2.55 0.45
N MET A 50 2.11 -1.57 -0.41
CA MET A 50 0.78 -1.01 -0.52
C MET A 50 0.39 -0.79 -1.98
N VAL A 51 -0.74 -1.39 -2.38
CA VAL A 51 -1.23 -1.26 -3.75
C VAL A 51 -2.56 -0.52 -3.77
N ARG A 52 -2.53 0.72 -4.24
CA ARG A 52 -3.75 1.53 -4.31
C ARG A 52 -3.91 2.14 -5.70
N VAL A 53 -5.16 2.19 -6.18
CA VAL A 53 -5.44 2.76 -7.49
C VAL A 53 -6.39 3.94 -7.36
N GLU A 54 -6.18 4.95 -8.19
CA GLU A 54 -7.02 6.15 -8.17
C GLU A 54 -8.11 6.10 -9.24
N ARG A 55 -8.14 5.00 -9.99
CA ARG A 55 -9.15 4.84 -11.04
C ARG A 55 -9.49 3.37 -11.23
N GLU A 56 -10.65 3.11 -11.82
CA GLU A 56 -11.11 1.74 -12.05
C GLU A 56 -10.45 1.13 -13.29
N GLY A 57 -9.65 0.10 -13.08
CA GLY A 57 -8.98 -0.58 -14.17
C GLY A 57 -8.06 0.32 -14.97
N GLU A 58 -7.42 1.28 -14.30
CA GLU A 58 -6.50 2.19 -14.97
C GLU A 58 -5.37 2.63 -14.04
N LYS A 59 -5.61 3.68 -13.26
CA LYS A 59 -4.60 4.18 -12.34
C LYS A 59 -4.10 3.08 -11.41
N ASP A 60 -2.86 3.22 -10.94
CA ASP A 60 -2.27 2.23 -10.06
C ASP A 60 -1.08 2.81 -9.30
N LEU A 61 -1.35 3.35 -8.11
CA LEU A 61 -0.30 3.93 -7.28
C LEU A 61 0.53 2.83 -6.63
N ARG A 62 1.79 2.73 -7.03
CA ARG A 62 2.69 1.73 -6.47
C ARG A 62 3.34 2.22 -5.18
N ILE A 63 2.88 1.67 -4.05
CA ILE A 63 3.41 2.05 -2.75
C ILE A 63 3.96 0.83 -2.01
N ALA A 64 4.93 1.05 -1.14
CA ALA A 64 5.55 -0.03 -0.38
C ALA A 64 5.61 0.31 1.11
N VAL A 65 4.56 -0.04 1.84
CA VAL A 65 4.50 0.23 3.27
C VAL A 65 5.12 -0.91 4.06
N ASP A 66 5.64 -0.59 5.24
CA ASP A 66 6.27 -1.59 6.10
C ASP A 66 5.70 -1.54 7.51
N GLY A 67 4.84 -2.51 7.83
CA GLY A 67 4.24 -2.55 9.15
C GLY A 67 3.57 -1.24 9.55
N GLY A 68 2.33 -1.05 9.10
CA GLY A 68 1.60 0.16 9.41
C GLY A 68 0.18 -0.11 9.84
N PHE A 69 -0.58 0.95 10.09
CA PHE A 69 -1.96 0.83 10.51
C PHE A 69 -2.90 1.46 9.49
N LEU A 70 -3.80 0.66 8.95
CA LEU A 70 -4.75 1.14 7.95
C LEU A 70 -6.09 1.50 8.59
N SER A 71 -6.50 2.75 8.41
CA SER A 71 -7.76 3.23 8.95
C SER A 71 -8.64 3.78 7.83
N VAL A 72 -9.64 3.00 7.43
CA VAL A 72 -10.55 3.40 6.37
C VAL A 72 -11.65 4.31 6.90
N THR A 73 -11.66 5.55 6.42
CA THR A 73 -12.67 6.52 6.84
C THR A 73 -13.15 7.36 5.65
N GLU A 74 -14.42 7.75 5.71
CA GLU A 74 -15.01 8.55 4.65
C GLU A 74 -14.37 9.93 4.59
N GLU A 75 -13.89 10.40 5.72
CA GLU A 75 -13.23 11.70 5.78
C GLU A 75 -11.91 11.67 5.02
N GLY A 76 -11.40 10.46 4.78
CA GLY A 76 -10.15 10.31 4.06
C GLY A 76 -9.24 9.28 4.68
N VAL A 77 -9.43 8.01 4.30
CA VAL A 77 -8.63 6.90 4.81
C VAL A 77 -7.21 7.34 5.20
N SER A 78 -6.68 6.76 6.27
CA SER A 78 -5.34 7.11 6.75
C SER A 78 -4.53 5.85 7.04
N ILE A 79 -3.32 5.80 6.50
CA ILE A 79 -2.44 4.66 6.69
C ILE A 79 -1.08 5.09 7.22
N LEU A 80 -0.83 4.83 8.49
CA LEU A 80 0.44 5.22 9.12
C LEU A 80 1.43 4.06 9.07
N ALA A 81 2.35 4.11 8.11
CA ALA A 81 3.35 3.08 7.97
C ALA A 81 4.65 3.48 8.65
N GLU A 82 5.47 2.49 8.99
CA GLU A 82 6.75 2.74 9.64
C GLU A 82 7.81 3.14 8.63
N SER A 83 7.66 2.65 7.40
CA SER A 83 8.60 2.96 6.33
C SER A 83 7.96 2.75 4.96
N ALA A 84 7.24 3.76 4.48
CA ALA A 84 6.59 3.69 3.19
C ALA A 84 7.54 4.05 2.05
N GLU A 85 7.11 3.83 0.83
CA GLU A 85 7.92 4.13 -0.35
C GLU A 85 7.05 4.44 -1.56
N PHE A 86 7.41 5.49 -2.29
CA PHE A 86 6.66 5.89 -3.48
C PHE A 86 6.90 4.91 -4.63
N GLU A 87 6.07 4.99 -5.65
CA GLU A 87 6.20 4.11 -6.82
C GLU A 87 7.60 4.20 -7.41
N SER A 88 8.22 5.37 -7.29
CA SER A 88 9.57 5.59 -7.81
C SER A 88 10.58 4.69 -7.10
N GLU A 89 10.21 4.19 -5.92
CA GLU A 89 11.08 3.31 -5.15
C GLU A 89 10.75 1.85 -5.42
N ILE A 90 10.32 1.55 -6.63
CA ILE A 90 9.98 0.18 -7.01
C ILE A 90 10.96 -0.37 -8.04
N ASP A 91 12.04 0.35 -8.28
CA ASP A 91 13.05 -0.08 -9.24
C ASP A 91 13.75 -1.34 -8.77
N GLU A 92 14.24 -2.13 -9.72
CA GLU A 92 14.94 -3.38 -9.41
C GLU A 92 16.01 -3.17 -8.33
N ALA A 93 16.55 -1.95 -8.27
CA ALA A 93 17.58 -1.62 -7.30
C ALA A 93 17.09 -1.92 -5.87
N ALA A 94 15.95 -1.34 -5.51
CA ALA A 94 15.39 -1.57 -4.18
C ALA A 94 14.80 -2.96 -4.06
N ALA A 95 14.29 -3.48 -5.17
CA ALA A 95 13.71 -4.82 -5.20
C ALA A 95 14.78 -5.88 -5.01
N LYS A 96 16.01 -5.53 -5.34
CA LYS A 96 17.13 -6.46 -5.21
C LYS A 96 17.63 -6.50 -3.79
N GLN A 97 17.93 -5.33 -3.23
CA GLN A 97 18.42 -5.24 -1.88
C GLN A 97 17.47 -5.94 -0.91
N ASP A 98 16.20 -5.62 -1.04
CA ASP A 98 15.18 -6.22 -0.18
C ASP A 98 15.00 -7.70 -0.51
N SER A 99 15.13 -8.04 -1.80
CA SER A 99 14.99 -9.42 -2.23
C SER A 99 15.95 -10.33 -1.48
N GLU A 100 17.10 -9.78 -1.10
CA GLU A 100 18.11 -10.55 -0.37
C GLU A 100 17.56 -11.05 0.97
N SER A 101 16.46 -10.44 1.43
CA SER A 101 15.84 -10.84 2.68
C SER A 101 16.72 -10.44 3.87
N ASP A 102 17.28 -9.24 3.81
CA ASP A 102 18.14 -8.75 4.89
C ASP A 102 17.38 -8.74 6.22
N ASP A 103 16.06 -8.71 6.15
CA ASP A 103 15.23 -8.70 7.35
C ASP A 103 13.88 -9.35 7.09
N PRO A 104 13.14 -9.71 8.15
CA PRO A 104 11.82 -10.35 8.03
C PRO A 104 10.86 -9.50 7.20
N ARG A 105 10.68 -8.24 7.60
CA ARG A 105 9.79 -7.34 6.89
C ARG A 105 10.28 -7.11 5.46
N ILE A 106 11.60 -7.20 5.28
CA ILE A 106 12.20 -7.01 3.97
C ILE A 106 11.83 -8.15 3.03
N ALA A 107 11.85 -9.38 3.55
CA ALA A 107 11.53 -10.55 2.75
C ALA A 107 10.09 -10.50 2.25
N ALA A 108 9.14 -10.39 3.18
CA ALA A 108 7.73 -10.32 2.82
C ALA A 108 7.46 -9.15 1.88
N ARG A 109 8.10 -8.02 2.16
CA ARG A 109 7.93 -6.83 1.33
C ARG A 109 8.64 -7.00 -0.01
N GLY A 110 9.75 -7.74 0.00
CA GLY A 110 10.51 -7.97 -1.21
C GLY A 110 9.67 -8.63 -2.29
N ARG A 111 8.93 -9.66 -1.90
CA ARG A 111 8.07 -10.38 -2.84
C ARG A 111 6.89 -9.51 -3.24
N ALA A 112 6.32 -8.79 -2.27
CA ALA A 112 5.19 -7.91 -2.52
C ALA A 112 5.56 -6.82 -3.50
N ARG A 113 6.79 -6.33 -3.41
CA ARG A 113 7.27 -5.27 -4.27
C ARG A 113 7.38 -5.76 -5.72
N LEU A 114 8.10 -6.87 -5.90
CA LEU A 114 8.27 -7.44 -7.23
C LEU A 114 6.93 -7.82 -7.85
N ARG A 115 6.00 -8.25 -7.01
CA ARG A 115 4.68 -8.64 -7.47
C ARG A 115 3.98 -7.47 -8.15
N ALA A 116 4.01 -6.32 -7.49
CA ALA A 116 3.38 -5.12 -8.03
C ALA A 116 4.11 -4.63 -9.28
N VAL A 117 5.40 -4.93 -9.36
CA VAL A 117 6.21 -4.53 -10.50
C VAL A 117 5.93 -5.40 -11.72
N GLY A 118 5.20 -6.50 -11.53
CA GLY A 118 4.88 -7.38 -12.62
C GLY A 118 5.75 -8.63 -12.63
N ALA A 119 6.21 -9.02 -11.45
CA ALA A 119 7.05 -10.21 -11.32
C ALA A 119 6.23 -11.49 -11.42
N ILE A 120 4.95 -11.39 -11.06
CA ILE A 120 4.06 -12.55 -11.12
C ILE A 120 3.13 -12.47 -12.32
N ASP A 121 2.55 -13.62 -12.68
CA ASP A 121 1.65 -13.68 -13.82
C ASP A 121 0.84 -14.98 -13.79
N MET A 1 -20.06 4.73 -7.54
CA MET A 1 -19.04 5.31 -8.44
C MET A 1 -18.63 6.71 -7.98
N ALA A 2 -17.58 6.78 -7.16
CA ALA A 2 -17.10 8.05 -6.65
C ALA A 2 -15.66 7.93 -6.15
N GLU A 3 -15.06 9.06 -5.82
CA GLU A 3 -13.68 9.07 -5.32
C GLU A 3 -13.66 9.01 -3.80
N LEU A 4 -12.73 8.24 -3.26
CA LEU A 4 -12.59 8.10 -1.81
C LEU A 4 -11.27 8.69 -1.32
N ASN A 5 -11.36 9.77 -0.55
CA ASN A 5 -10.18 10.44 -0.02
C ASN A 5 -9.29 9.45 0.72
N VAL A 6 -8.00 9.45 0.40
CA VAL A 6 -7.05 8.55 1.04
C VAL A 6 -5.75 9.26 1.37
N GLU A 7 -5.02 8.74 2.34
CA GLU A 7 -3.74 9.34 2.75
C GLU A 7 -2.82 8.28 3.33
N ILE A 8 -1.55 8.32 2.92
CA ILE A 8 -0.56 7.37 3.40
C ILE A 8 0.56 8.11 4.14
N VAL A 9 0.60 7.94 5.45
CA VAL A 9 1.62 8.59 6.27
C VAL A 9 2.79 7.66 6.54
N ALA A 10 4.01 8.19 6.39
CA ALA A 10 5.21 7.40 6.64
C ALA A 10 5.60 7.44 8.11
N VAL A 11 6.84 7.05 8.41
CA VAL A 11 7.32 7.05 9.78
C VAL A 11 7.83 8.43 10.20
N ASP A 12 8.39 9.16 9.24
CA ASP A 12 8.91 10.50 9.52
C ASP A 12 8.23 11.57 8.67
N ARG A 13 7.70 11.17 7.51
CA ARG A 13 7.02 12.11 6.63
C ARG A 13 5.78 11.48 6.02
N ASN A 14 5.16 12.19 5.08
CA ASN A 14 3.96 11.72 4.40
C ASN A 14 4.28 11.27 2.98
N ILE A 15 3.50 10.32 2.47
CA ILE A 15 3.72 9.81 1.12
C ILE A 15 2.77 10.47 0.13
N TRP A 16 1.49 10.15 0.24
CA TRP A 16 0.48 10.73 -0.67
C TRP A 16 -0.83 10.97 0.07
N SER A 17 -1.58 11.98 -0.39
CA SER A 17 -2.86 12.32 0.22
C SER A 17 -3.77 13.02 -0.79
N GLY A 18 -4.89 12.39 -1.12
CA GLY A 18 -5.81 12.96 -2.07
C GLY A 18 -7.10 12.18 -2.18
N THR A 19 -7.30 11.54 -3.32
CA THR A 19 -8.49 10.74 -3.56
C THR A 19 -8.20 9.58 -4.52
N ALA A 20 -9.00 8.53 -4.42
CA ALA A 20 -8.82 7.36 -5.28
C ALA A 20 -10.14 6.63 -5.51
N LYS A 21 -10.12 5.66 -6.42
CA LYS A 21 -11.30 4.88 -6.74
C LYS A 21 -11.38 3.63 -5.86
N PHE A 22 -10.25 2.95 -5.74
CA PHE A 22 -10.17 1.74 -4.93
C PHE A 22 -8.73 1.31 -4.73
N LEU A 23 -8.50 0.44 -3.75
CA LEU A 23 -7.16 -0.04 -3.45
C LEU A 23 -7.19 -1.43 -2.82
N PHE A 24 -6.11 -2.18 -3.00
CA PHE A 24 -6.01 -3.52 -2.45
C PHE A 24 -4.87 -3.60 -1.43
N THR A 25 -5.15 -4.18 -0.27
CA THR A 25 -4.14 -4.31 0.78
C THR A 25 -4.35 -5.59 1.57
N ARG A 26 -3.28 -6.09 2.17
CA ARG A 26 -3.33 -7.31 2.97
C ARG A 26 -3.14 -7.00 4.45
N THR A 27 -4.04 -7.50 5.27
CA THR A 27 -3.97 -7.28 6.71
C THR A 27 -4.22 -8.58 7.48
N THR A 28 -4.44 -8.45 8.79
CA THR A 28 -4.70 -9.61 9.63
C THR A 28 -5.88 -10.43 9.11
N VAL A 29 -6.82 -9.74 8.47
CA VAL A 29 -7.99 -10.38 7.91
C VAL A 29 -7.73 -10.92 6.50
N GLY A 30 -6.73 -10.35 5.84
CA GLY A 30 -6.39 -10.78 4.50
C GLY A 30 -6.60 -9.69 3.47
N GLU A 31 -6.66 -10.08 2.20
CA GLU A 31 -6.87 -9.12 1.11
C GLU A 31 -8.18 -8.37 1.30
N ILE A 32 -8.11 -7.05 1.19
CA ILE A 32 -9.30 -6.21 1.34
C ILE A 32 -9.34 -5.11 0.28
N GLY A 33 -10.48 -4.96 -0.36
CA GLY A 33 -10.63 -3.94 -1.39
C GLY A 33 -11.54 -2.82 -0.96
N ILE A 34 -10.96 -1.64 -0.71
CA ILE A 34 -11.72 -0.47 -0.29
C ILE A 34 -12.40 0.20 -1.48
N LEU A 35 -13.73 0.16 -1.50
CA LEU A 35 -14.50 0.76 -2.57
C LEU A 35 -15.26 1.99 -2.06
N PRO A 36 -15.70 2.87 -2.98
CA PRO A 36 -16.45 4.08 -2.62
C PRO A 36 -17.65 3.78 -1.71
N ARG A 37 -18.15 2.55 -1.80
CA ARG A 37 -19.30 2.14 -1.00
C ARG A 37 -18.87 1.17 0.11
N HIS A 38 -17.74 1.48 0.74
CA HIS A 38 -17.23 0.64 1.82
C HIS A 38 -17.50 1.26 3.19
N ILE A 39 -17.38 0.46 4.23
CA ILE A 39 -17.61 0.93 5.59
C ILE A 39 -16.30 1.21 6.31
N PRO A 40 -16.20 2.35 7.03
CA PRO A 40 -14.99 2.72 7.76
C PRO A 40 -14.54 1.62 8.72
N LEU A 41 -13.23 1.50 8.92
CA LEU A 41 -12.67 0.50 9.81
C LEU A 41 -11.15 0.60 9.87
N VAL A 42 -10.55 -0.12 10.82
CA VAL A 42 -9.11 -0.11 10.98
C VAL A 42 -8.54 -1.52 10.97
N ALA A 43 -7.23 -1.64 10.77
CA ALA A 43 -6.57 -2.94 10.73
C ALA A 43 -5.06 -2.78 10.62
N GLN A 44 -4.33 -3.84 10.95
CA GLN A 44 -2.88 -3.83 10.87
C GLN A 44 -2.39 -4.51 9.60
N LEU A 45 -1.48 -3.85 8.89
CA LEU A 45 -0.94 -4.39 7.65
C LEU A 45 -0.12 -5.66 7.92
N VAL A 46 0.43 -6.24 6.85
CA VAL A 46 1.22 -7.45 6.98
C VAL A 46 2.62 -7.25 6.38
N ASP A 47 3.10 -6.02 6.39
CA ASP A 47 4.42 -5.68 5.86
C ASP A 47 4.65 -6.35 4.50
N ASP A 48 3.72 -6.14 3.58
CA ASP A 48 3.82 -6.70 2.24
C ASP A 48 3.52 -5.65 1.18
N ALA A 49 4.05 -4.45 1.38
CA ALA A 49 3.83 -3.35 0.44
C ALA A 49 2.35 -3.03 0.31
N MET A 50 2.03 -2.02 -0.49
CA MET A 50 0.64 -1.61 -0.69
C MET A 50 0.37 -1.32 -2.15
N VAL A 51 -0.86 -1.63 -2.59
CA VAL A 51 -1.28 -1.39 -3.96
C VAL A 51 -2.63 -0.70 -3.99
N ARG A 52 -2.66 0.53 -4.47
CA ARG A 52 -3.90 1.30 -4.54
C ARG A 52 -4.05 1.99 -5.89
N VAL A 53 -5.29 2.13 -6.35
CA VAL A 53 -5.57 2.78 -7.62
C VAL A 53 -6.49 3.98 -7.43
N GLU A 54 -6.28 5.02 -8.23
CA GLU A 54 -7.09 6.23 -8.13
C GLU A 54 -8.32 6.15 -9.02
N ARG A 55 -8.24 5.30 -10.06
CA ARG A 55 -9.35 5.13 -10.98
C ARG A 55 -9.68 3.65 -11.16
N GLU A 56 -10.88 3.38 -11.67
CA GLU A 56 -11.32 2.01 -11.88
C GLU A 56 -10.75 1.42 -13.17
N GLY A 57 -9.91 0.40 -13.02
CA GLY A 57 -9.32 -0.26 -14.17
C GLY A 57 -8.47 0.67 -15.03
N GLU A 58 -7.79 1.62 -14.39
CA GLU A 58 -6.95 2.57 -15.12
C GLU A 58 -5.76 3.00 -14.27
N LYS A 59 -5.95 4.00 -13.42
CA LYS A 59 -4.89 4.51 -12.57
C LYS A 59 -4.34 3.39 -11.67
N ASP A 60 -3.10 3.55 -11.25
CA ASP A 60 -2.46 2.57 -10.38
C ASP A 60 -1.29 3.18 -9.60
N LEU A 61 -1.43 3.22 -8.28
CA LEU A 61 -0.39 3.77 -7.42
C LEU A 61 0.44 2.67 -6.79
N ARG A 62 1.73 2.63 -7.14
CA ARG A 62 2.64 1.62 -6.60
C ARG A 62 3.26 2.10 -5.30
N ILE A 63 2.87 1.46 -4.20
CA ILE A 63 3.40 1.82 -2.88
C ILE A 63 3.97 0.60 -2.17
N ALA A 64 4.85 0.85 -1.20
CA ALA A 64 5.47 -0.24 -0.45
C ALA A 64 5.61 0.14 1.02
N VAL A 65 4.58 -0.18 1.81
CA VAL A 65 4.59 0.13 3.23
C VAL A 65 5.21 -1.01 4.04
N ASP A 66 5.46 -0.75 5.31
CA ASP A 66 6.06 -1.76 6.19
C ASP A 66 5.47 -1.71 7.59
N GLY A 67 4.63 -2.69 7.90
CA GLY A 67 4.00 -2.74 9.21
C GLY A 67 3.32 -1.44 9.59
N GLY A 68 2.30 -1.06 8.84
CA GLY A 68 1.58 0.17 9.12
C GLY A 68 0.15 -0.08 9.56
N PHE A 69 -0.54 0.99 9.93
CA PHE A 69 -1.93 0.90 10.38
C PHE A 69 -2.86 1.55 9.37
N LEU A 70 -3.79 0.77 8.83
CA LEU A 70 -4.75 1.28 7.85
C LEU A 70 -6.06 1.69 8.52
N SER A 71 -6.43 2.95 8.31
CA SER A 71 -7.66 3.47 8.88
C SER A 71 -8.56 4.03 7.76
N VAL A 72 -9.57 3.26 7.39
CA VAL A 72 -10.48 3.66 6.33
C VAL A 72 -11.57 4.58 6.87
N THR A 73 -11.54 5.84 6.41
CA THR A 73 -12.53 6.83 6.84
C THR A 73 -12.99 7.67 5.66
N GLU A 74 -14.26 8.09 5.71
CA GLU A 74 -14.84 8.91 4.66
C GLU A 74 -14.17 10.27 4.60
N GLU A 75 -13.67 10.73 5.74
CA GLU A 75 -12.99 12.02 5.82
C GLU A 75 -11.67 11.97 5.04
N GLY A 76 -11.17 10.76 4.81
CA GLY A 76 -9.93 10.60 4.08
C GLY A 76 -9.04 9.53 4.68
N VAL A 77 -9.28 8.28 4.28
CA VAL A 77 -8.49 7.14 4.77
C VAL A 77 -7.05 7.54 5.14
N SER A 78 -6.53 6.94 6.20
CA SER A 78 -5.17 7.24 6.66
C SER A 78 -4.40 5.96 6.93
N ILE A 79 -3.20 5.87 6.36
CA ILE A 79 -2.36 4.71 6.54
C ILE A 79 -0.97 5.11 7.04
N LEU A 80 -0.71 4.83 8.31
CA LEU A 80 0.58 5.18 8.91
C LEU A 80 1.56 4.00 8.82
N ALA A 81 2.42 4.04 7.82
CA ALA A 81 3.40 2.98 7.62
C ALA A 81 4.74 3.35 8.25
N GLU A 82 5.52 2.34 8.63
CA GLU A 82 6.81 2.56 9.24
C GLU A 82 7.89 2.75 8.18
N SER A 83 7.65 2.21 6.99
CA SER A 83 8.61 2.33 5.89
C SER A 83 7.88 2.33 4.55
N ALA A 84 7.29 3.47 4.20
CA ALA A 84 6.57 3.60 2.94
C ALA A 84 7.53 3.93 1.79
N GLU A 85 7.06 3.71 0.57
CA GLU A 85 7.88 3.97 -0.61
C GLU A 85 6.99 4.23 -1.84
N PHE A 86 7.15 5.40 -2.45
CA PHE A 86 6.37 5.75 -3.63
C PHE A 86 6.67 4.80 -4.78
N GLU A 87 5.84 4.85 -5.82
CA GLU A 87 6.01 3.99 -6.98
C GLU A 87 7.43 4.11 -7.55
N SER A 88 8.03 5.29 -7.38
CA SER A 88 9.37 5.53 -7.87
C SER A 88 10.37 4.56 -7.24
N GLU A 89 10.00 4.01 -6.08
CA GLU A 89 10.86 3.07 -5.38
C GLU A 89 10.48 1.63 -5.71
N ILE A 90 10.03 1.42 -6.94
CA ILE A 90 9.63 0.09 -7.39
C ILE A 90 10.63 -0.49 -8.39
N ASP A 91 11.72 0.23 -8.63
CA ASP A 91 12.74 -0.22 -9.56
C ASP A 91 13.43 -1.48 -9.06
N GLU A 92 13.94 -2.29 -9.98
CA GLU A 92 14.62 -3.53 -9.63
C GLU A 92 15.68 -3.29 -8.56
N ALA A 93 16.31 -2.12 -8.61
CA ALA A 93 17.34 -1.78 -7.64
C ALA A 93 16.81 -1.86 -6.21
N ALA A 94 15.57 -1.42 -6.03
CA ALA A 94 14.94 -1.45 -4.73
C ALA A 94 14.51 -2.87 -4.35
N ALA A 95 14.12 -3.64 -5.36
CA ALA A 95 13.70 -5.01 -5.14
C ALA A 95 14.87 -5.90 -4.75
N LYS A 96 15.99 -5.76 -5.46
CA LYS A 96 17.18 -6.55 -5.18
C LYS A 96 17.71 -6.26 -3.77
N GLN A 97 17.85 -4.97 -3.45
CA GLN A 97 18.35 -4.57 -2.14
C GLN A 97 17.48 -5.15 -1.03
N ASP A 98 16.17 -5.19 -1.27
CA ASP A 98 15.23 -5.72 -0.30
C ASP A 98 15.19 -7.25 -0.37
N SER A 99 15.36 -7.78 -1.57
CA SER A 99 15.36 -9.23 -1.76
C SER A 99 16.44 -9.89 -0.92
N GLU A 100 17.51 -9.15 -0.65
CA GLU A 100 18.62 -9.65 0.15
C GLU A 100 18.11 -10.25 1.47
N SER A 101 16.95 -9.78 1.92
CA SER A 101 16.36 -10.26 3.17
C SER A 101 17.13 -9.75 4.38
N ASP A 102 17.51 -8.48 4.33
CA ASP A 102 18.25 -7.87 5.44
C ASP A 102 17.47 -7.98 6.75
N ASP A 103 16.15 -8.14 6.63
CA ASP A 103 15.29 -8.27 7.80
C ASP A 103 14.01 -9.02 7.46
N PRO A 104 13.28 -9.49 8.48
CA PRO A 104 12.03 -10.23 8.28
C PRO A 104 10.98 -9.40 7.55
N ARG A 105 10.88 -8.12 7.90
CA ARG A 105 9.93 -7.22 7.28
C ARG A 105 10.31 -6.94 5.83
N ILE A 106 11.62 -6.88 5.56
CA ILE A 106 12.11 -6.62 4.21
C ILE A 106 11.86 -7.83 3.31
N ALA A 107 12.05 -9.02 3.85
CA ALA A 107 11.86 -10.25 3.09
C ALA A 107 10.42 -10.35 2.58
N ALA A 108 9.47 -10.18 3.49
CA ALA A 108 8.05 -10.25 3.13
C ALA A 108 7.72 -9.18 2.11
N ARG A 109 8.31 -8.00 2.26
CA ARG A 109 8.07 -6.88 1.34
C ARG A 109 8.78 -7.15 0.02
N GLY A 110 9.94 -7.79 0.08
CA GLY A 110 10.70 -8.09 -1.12
C GLY A 110 9.90 -8.90 -2.11
N ARG A 111 9.29 -9.98 -1.62
CA ARG A 111 8.48 -10.85 -2.47
C ARG A 111 7.22 -10.11 -2.94
N ALA A 112 6.63 -9.34 -2.04
CA ALA A 112 5.42 -8.58 -2.36
C ALA A 112 5.72 -7.49 -3.39
N ARG A 113 6.88 -6.86 -3.25
CA ARG A 113 7.29 -5.81 -4.18
C ARG A 113 7.37 -6.33 -5.61
N LEU A 114 8.17 -7.38 -5.80
CA LEU A 114 8.35 -7.98 -7.11
C LEU A 114 7.00 -8.36 -7.72
N ARG A 115 6.12 -8.91 -6.90
CA ARG A 115 4.80 -9.32 -7.35
C ARG A 115 4.02 -8.12 -7.91
N ALA A 116 4.26 -6.96 -7.32
CA ALA A 116 3.60 -5.74 -7.76
C ALA A 116 4.36 -5.08 -8.90
N VAL A 117 5.65 -5.39 -9.02
CA VAL A 117 6.48 -4.82 -10.07
C VAL A 117 6.22 -5.50 -11.42
N GLY A 118 5.50 -6.63 -11.39
CA GLY A 118 5.20 -7.34 -12.61
C GLY A 118 6.08 -8.55 -12.82
N ALA A 119 6.56 -9.11 -11.71
CA ALA A 119 7.43 -10.29 -11.77
C ALA A 119 6.61 -11.57 -11.89
N ILE A 120 5.34 -11.49 -11.56
CA ILE A 120 4.45 -12.65 -11.62
C ILE A 120 3.52 -12.56 -12.83
N ASP A 121 2.70 -13.59 -13.01
CA ASP A 121 1.76 -13.63 -14.13
C ASP A 121 0.54 -14.48 -13.79
N MET A 1 -19.92 8.15 -9.73
CA MET A 1 -18.58 8.51 -9.21
C MET A 1 -18.21 7.64 -8.00
N ALA A 2 -16.93 7.31 -7.89
CA ALA A 2 -16.45 6.50 -6.79
C ALA A 2 -15.10 7.02 -6.27
N GLU A 3 -15.04 8.31 -6.01
CA GLU A 3 -13.81 8.93 -5.51
C GLU A 3 -13.79 8.99 -4.00
N LEU A 4 -12.78 8.36 -3.40
CA LEU A 4 -12.65 8.34 -1.95
C LEU A 4 -11.28 8.87 -1.53
N ASN A 5 -11.30 9.91 -0.70
CA ASN A 5 -10.06 10.51 -0.22
C ASN A 5 -9.23 9.52 0.58
N VAL A 6 -7.93 9.50 0.33
CA VAL A 6 -7.02 8.60 1.02
C VAL A 6 -5.72 9.29 1.40
N GLU A 7 -5.02 8.75 2.39
CA GLU A 7 -3.76 9.33 2.84
C GLU A 7 -2.86 8.25 3.45
N ILE A 8 -1.57 8.34 3.15
CA ILE A 8 -0.60 7.39 3.67
C ILE A 8 0.47 8.10 4.49
N VAL A 9 0.49 7.83 5.79
CA VAL A 9 1.45 8.46 6.68
C VAL A 9 2.64 7.55 6.95
N ALA A 10 3.83 8.12 6.94
CA ALA A 10 5.05 7.35 7.18
C ALA A 10 5.61 7.65 8.58
N VAL A 11 6.83 7.18 8.84
CA VAL A 11 7.47 7.41 10.12
C VAL A 11 8.17 8.75 10.18
N ASP A 12 8.75 9.17 9.04
CA ASP A 12 9.44 10.44 8.96
C ASP A 12 8.51 11.56 8.53
N ARG A 13 7.45 11.20 7.81
CA ARG A 13 6.48 12.18 7.33
C ARG A 13 5.38 11.51 6.52
N ASN A 14 4.56 12.31 5.86
CA ASN A 14 3.46 11.80 5.05
C ASN A 14 3.96 11.41 3.65
N ILE A 15 3.35 10.39 3.07
CA ILE A 15 3.73 9.92 1.74
C ILE A 15 2.86 10.58 0.67
N TRP A 16 1.59 10.23 0.64
CA TRP A 16 0.66 10.79 -0.35
C TRP A 16 -0.70 11.06 0.27
N SER A 17 -1.44 12.00 -0.32
CA SER A 17 -2.76 12.35 0.17
C SER A 17 -3.62 12.94 -0.95
N GLY A 18 -4.77 12.32 -1.20
CA GLY A 18 -5.65 12.79 -2.25
C GLY A 18 -6.88 11.92 -2.40
N THR A 19 -7.38 11.81 -3.62
CA THR A 19 -8.57 11.00 -3.90
C THR A 19 -8.22 9.81 -4.78
N ALA A 20 -8.98 8.73 -4.64
CA ALA A 20 -8.76 7.52 -5.43
C ALA A 20 -10.06 6.75 -5.64
N LYS A 21 -10.04 5.82 -6.57
CA LYS A 21 -11.22 5.01 -6.88
C LYS A 21 -11.30 3.81 -5.94
N PHE A 22 -10.18 3.11 -5.78
CA PHE A 22 -10.13 1.94 -4.91
C PHE A 22 -8.70 1.44 -4.74
N LEU A 23 -8.49 0.59 -3.73
CA LEU A 23 -7.16 0.05 -3.46
C LEU A 23 -7.26 -1.37 -2.92
N PHE A 24 -6.20 -2.15 -3.13
CA PHE A 24 -6.15 -3.53 -2.67
C PHE A 24 -4.92 -3.76 -1.79
N THR A 25 -5.13 -3.81 -0.48
CA THR A 25 -4.04 -4.02 0.46
C THR A 25 -4.23 -5.32 1.23
N ARG A 26 -3.18 -5.74 1.94
CA ARG A 26 -3.24 -6.96 2.74
C ARG A 26 -3.03 -6.67 4.21
N THR A 27 -3.79 -7.36 5.06
CA THR A 27 -3.70 -7.16 6.51
C THR A 27 -3.81 -8.49 7.24
N THR A 28 -3.99 -8.43 8.56
CA THR A 28 -4.12 -9.63 9.37
C THR A 28 -5.27 -10.51 8.88
N VAL A 29 -6.29 -9.87 8.32
CA VAL A 29 -7.45 -10.59 7.80
C VAL A 29 -7.21 -11.09 6.38
N GLY A 30 -6.24 -10.49 5.70
CA GLY A 30 -5.92 -10.89 4.34
C GLY A 30 -6.20 -9.79 3.33
N GLU A 31 -6.20 -10.15 2.05
CA GLU A 31 -6.45 -9.18 0.99
C GLU A 31 -7.80 -8.50 1.17
N ILE A 32 -7.81 -7.18 1.07
CA ILE A 32 -9.04 -6.42 1.23
C ILE A 32 -9.12 -5.29 0.20
N GLY A 33 -10.34 -5.01 -0.26
CA GLY A 33 -10.53 -3.95 -1.24
C GLY A 33 -11.39 -2.82 -0.72
N ILE A 34 -10.79 -1.63 -0.62
CA ILE A 34 -11.51 -0.46 -0.13
C ILE A 34 -12.37 0.16 -1.23
N LEU A 35 -13.49 0.75 -0.82
CA LEU A 35 -14.40 1.38 -1.77
C LEU A 35 -15.06 2.61 -1.15
N PRO A 36 -15.49 3.58 -1.97
CA PRO A 36 -16.14 4.81 -1.50
C PRO A 36 -17.52 4.53 -0.90
N ARG A 37 -18.16 3.47 -1.37
CA ARG A 37 -19.49 3.10 -0.89
C ARG A 37 -19.39 2.00 0.16
N HIS A 38 -18.31 2.01 0.93
CA HIS A 38 -18.09 1.01 1.97
C HIS A 38 -17.89 1.68 3.33
N ILE A 39 -18.52 1.12 4.36
CA ILE A 39 -18.40 1.67 5.71
C ILE A 39 -16.95 1.68 6.17
N PRO A 40 -16.63 2.52 7.16
CA PRO A 40 -15.26 2.63 7.70
C PRO A 40 -14.66 1.27 8.04
N LEU A 41 -13.36 1.26 8.30
CA LEU A 41 -12.66 0.02 8.64
C LEU A 41 -11.29 0.32 9.25
N VAL A 42 -10.79 -0.63 10.03
CA VAL A 42 -9.49 -0.47 10.67
C VAL A 42 -8.81 -1.83 10.84
N ALA A 43 -7.50 -1.87 10.57
CA ALA A 43 -6.73 -3.09 10.70
C ALA A 43 -5.25 -2.85 10.41
N GLN A 44 -4.40 -3.66 11.01
CA GLN A 44 -2.95 -3.54 10.82
C GLN A 44 -2.49 -4.36 9.62
N LEU A 45 -1.64 -3.78 8.80
CA LEU A 45 -1.13 -4.47 7.62
C LEU A 45 -0.30 -5.68 8.01
N VAL A 46 0.27 -6.36 7.02
CA VAL A 46 1.09 -7.54 7.27
C VAL A 46 2.48 -7.39 6.67
N ASP A 47 2.95 -6.14 6.56
CA ASP A 47 4.26 -5.86 6.01
C ASP A 47 4.42 -6.47 4.62
N ASP A 48 3.46 -6.20 3.75
CA ASP A 48 3.50 -6.73 2.39
C ASP A 48 3.26 -5.62 1.37
N ALA A 49 3.90 -4.47 1.60
CA ALA A 49 3.76 -3.34 0.70
C ALA A 49 2.31 -2.89 0.60
N MET A 50 2.05 -1.93 -0.29
CA MET A 50 0.70 -1.42 -0.48
C MET A 50 0.38 -1.24 -1.96
N VAL A 51 -0.89 -1.44 -2.32
CA VAL A 51 -1.33 -1.31 -3.70
C VAL A 51 -2.68 -0.61 -3.78
N ARG A 52 -2.68 0.61 -4.30
CA ARG A 52 -3.91 1.39 -4.41
C ARG A 52 -4.02 2.04 -5.79
N VAL A 53 -5.25 2.18 -6.27
CA VAL A 53 -5.49 2.79 -7.57
C VAL A 53 -6.41 4.00 -7.44
N GLU A 54 -6.13 5.04 -8.21
CA GLU A 54 -6.92 6.26 -8.17
C GLU A 54 -8.05 6.22 -9.21
N ARG A 55 -8.02 5.21 -10.08
CA ARG A 55 -9.04 5.06 -11.11
C ARG A 55 -9.36 3.59 -11.33
N GLU A 56 -10.51 3.31 -11.94
CA GLU A 56 -10.93 1.95 -12.19
C GLU A 56 -10.24 1.38 -13.43
N GLY A 57 -9.40 0.36 -13.22
CA GLY A 57 -8.70 -0.27 -14.32
C GLY A 57 -7.80 0.69 -15.07
N GLU A 58 -7.21 1.65 -14.35
CA GLU A 58 -6.33 2.62 -14.97
C GLU A 58 -5.14 2.96 -14.06
N LYS A 59 -5.34 3.90 -13.16
CA LYS A 59 -4.29 4.32 -12.24
C LYS A 59 -3.80 3.14 -11.40
N ASP A 60 -2.61 3.27 -10.83
CA ASP A 60 -2.03 2.22 -10.00
C ASP A 60 -0.91 2.77 -9.13
N LEU A 61 -1.30 3.35 -8.00
CA LEU A 61 -0.33 3.90 -7.06
C LEU A 61 0.49 2.80 -6.40
N ARG A 62 1.74 2.67 -6.82
CA ARG A 62 2.63 1.65 -6.27
C ARG A 62 3.28 2.13 -4.98
N ILE A 63 2.88 1.53 -3.86
CA ILE A 63 3.42 1.92 -2.56
C ILE A 63 3.96 0.69 -1.82
N ALA A 64 4.86 0.93 -0.88
CA ALA A 64 5.46 -0.15 -0.10
C ALA A 64 5.44 0.17 1.39
N VAL A 65 4.36 -0.22 2.06
CA VAL A 65 4.21 0.01 3.49
C VAL A 65 4.63 -1.21 4.29
N ASP A 66 5.12 -0.98 5.51
CA ASP A 66 5.55 -2.07 6.38
C ASP A 66 4.94 -1.95 7.76
N GLY A 67 4.23 -2.99 8.19
CA GLY A 67 3.59 -3.00 9.50
C GLY A 67 2.91 -1.68 9.83
N GLY A 68 1.94 -1.30 9.02
CA GLY A 68 1.22 -0.06 9.25
C GLY A 68 -0.22 -0.28 9.66
N PHE A 69 -0.88 0.79 10.09
CA PHE A 69 -2.27 0.70 10.51
C PHE A 69 -3.19 1.36 9.48
N LEU A 70 -4.02 0.57 8.83
CA LEU A 70 -4.93 1.07 7.82
C LEU A 70 -6.28 1.46 8.43
N SER A 71 -6.66 2.72 8.25
CA SER A 71 -7.92 3.23 8.77
C SER A 71 -8.77 3.80 7.64
N VAL A 72 -9.78 3.04 7.23
CA VAL A 72 -10.66 3.48 6.16
C VAL A 72 -11.75 4.41 6.67
N THR A 73 -11.71 5.66 6.21
CA THR A 73 -12.69 6.65 6.61
C THR A 73 -13.13 7.50 5.41
N GLU A 74 -14.38 7.92 5.43
CA GLU A 74 -14.94 8.75 4.36
C GLU A 74 -14.27 10.11 4.34
N GLU A 75 -13.83 10.57 5.52
CA GLU A 75 -13.16 11.86 5.62
C GLU A 75 -11.82 11.83 4.91
N GLY A 76 -11.27 10.62 4.72
CA GLY A 76 -10.00 10.48 4.04
C GLY A 76 -9.13 9.40 4.66
N VAL A 77 -9.35 8.15 4.22
CA VAL A 77 -8.59 7.00 4.72
C VAL A 77 -7.16 7.40 5.13
N SER A 78 -6.66 6.77 6.19
CA SER A 78 -5.32 7.07 6.68
C SER A 78 -4.55 5.78 6.95
N ILE A 79 -3.33 5.71 6.42
CA ILE A 79 -2.50 4.53 6.60
C ILE A 79 -1.12 4.91 7.17
N LEU A 80 -0.91 4.59 8.44
CA LEU A 80 0.34 4.90 9.10
C LEU A 80 1.28 3.69 9.09
N ALA A 81 2.26 3.70 8.19
CA ALA A 81 3.20 2.61 8.08
C ALA A 81 4.51 2.94 8.79
N GLU A 82 5.29 1.91 9.11
CA GLU A 82 6.57 2.08 9.79
C GLU A 82 7.67 2.42 8.78
N SER A 83 7.44 2.06 7.52
CA SER A 83 8.41 2.32 6.47
C SER A 83 7.75 2.29 5.10
N ALA A 84 7.06 3.38 4.76
CA ALA A 84 6.37 3.47 3.48
C ALA A 84 7.33 3.89 2.37
N GLU A 85 6.94 3.65 1.12
CA GLU A 85 7.77 3.99 -0.03
C GLU A 85 6.90 4.33 -1.24
N PHE A 86 7.39 5.25 -2.06
CA PHE A 86 6.67 5.68 -3.24
C PHE A 86 6.88 4.69 -4.40
N GLU A 87 6.05 4.82 -5.44
CA GLU A 87 6.15 3.94 -6.60
C GLU A 87 7.55 3.99 -7.21
N SER A 88 8.27 5.08 -6.95
CA SER A 88 9.63 5.23 -7.47
C SER A 88 10.51 4.07 -7.05
N GLU A 89 10.14 3.39 -5.97
CA GLU A 89 10.90 2.25 -5.47
C GLU A 89 10.32 0.94 -5.98
N ILE A 90 9.80 0.97 -7.21
CA ILE A 90 9.22 -0.23 -7.81
C ILE A 90 10.09 -0.77 -8.94
N ASP A 91 11.25 -0.13 -9.15
CA ASP A 91 12.17 -0.56 -10.20
C ASP A 91 12.96 -1.79 -9.76
N GLU A 92 13.39 -2.58 -10.73
CA GLU A 92 14.15 -3.80 -10.44
C GLU A 92 15.31 -3.51 -9.50
N ALA A 93 15.93 -2.34 -9.66
CA ALA A 93 17.06 -1.96 -8.81
C ALA A 93 16.67 -1.97 -7.33
N ALA A 94 15.49 -1.45 -7.04
CA ALA A 94 15.00 -1.41 -5.66
C ALA A 94 14.54 -2.79 -5.22
N ALA A 95 14.05 -3.59 -6.17
CA ALA A 95 13.57 -4.93 -5.87
C ALA A 95 14.72 -5.86 -5.53
N LYS A 96 15.89 -5.62 -6.11
CA LYS A 96 17.06 -6.45 -5.86
C LYS A 96 17.70 -6.10 -4.52
N GLN A 97 17.83 -4.80 -4.23
CA GLN A 97 18.42 -4.36 -2.98
C GLN A 97 17.61 -4.88 -1.80
N ASP A 98 16.28 -4.92 -1.95
CA ASP A 98 15.41 -5.42 -0.90
C ASP A 98 15.31 -6.94 -0.98
N SER A 99 15.51 -7.48 -2.18
CA SER A 99 15.45 -8.92 -2.39
C SER A 99 16.51 -9.63 -1.55
N GLU A 100 17.63 -8.94 -1.33
CA GLU A 100 18.72 -9.51 -0.54
C GLU A 100 18.20 -10.07 0.79
N SER A 101 17.09 -9.52 1.26
CA SER A 101 16.48 -9.96 2.52
C SER A 101 17.33 -9.57 3.72
N ASP A 102 17.86 -8.34 3.69
CA ASP A 102 18.68 -7.84 4.79
C ASP A 102 17.93 -7.95 6.12
N ASP A 103 16.61 -7.97 6.06
CA ASP A 103 15.78 -8.06 7.25
C ASP A 103 14.41 -8.63 6.93
N PRO A 104 13.64 -9.04 7.96
CA PRO A 104 12.30 -9.61 7.76
C PRO A 104 11.37 -8.65 7.03
N ARG A 105 11.33 -7.41 7.51
CA ARG A 105 10.48 -6.39 6.90
C ARG A 105 10.84 -6.18 5.43
N ILE A 106 12.13 -6.37 5.12
CA ILE A 106 12.62 -6.19 3.77
C ILE A 106 12.25 -7.39 2.88
N ALA A 107 12.29 -8.58 3.46
CA ALA A 107 11.97 -9.79 2.72
C ALA A 107 10.48 -9.86 2.40
N ALA A 108 9.65 -9.68 3.42
CA ALA A 108 8.20 -9.71 3.24
C ALA A 108 7.76 -8.63 2.26
N ARG A 109 8.32 -7.44 2.41
CA ARG A 109 7.99 -6.32 1.53
C ARG A 109 8.66 -6.49 0.18
N GLY A 110 9.88 -6.99 0.19
CA GLY A 110 10.61 -7.20 -1.05
C GLY A 110 9.87 -8.12 -2.00
N ARG A 111 9.46 -9.28 -1.51
CA ARG A 111 8.71 -10.23 -2.31
C ARG A 111 7.38 -9.64 -2.73
N ALA A 112 6.74 -8.91 -1.82
CA ALA A 112 5.45 -8.29 -2.10
C ALA A 112 5.56 -7.32 -3.27
N ARG A 113 6.69 -6.61 -3.34
CA ARG A 113 6.92 -5.65 -4.41
C ARG A 113 6.97 -6.36 -5.76
N LEU A 114 7.87 -7.34 -5.87
CA LEU A 114 8.02 -8.09 -7.11
C LEU A 114 6.68 -8.67 -7.57
N ARG A 115 5.92 -9.20 -6.61
CA ARG A 115 4.61 -9.78 -6.92
C ARG A 115 3.69 -8.73 -7.53
N ALA A 116 3.87 -7.49 -7.09
CA ALA A 116 3.06 -6.38 -7.58
C ALA A 116 3.68 -5.78 -8.84
N VAL A 117 4.99 -5.94 -8.99
CA VAL A 117 5.70 -5.42 -10.15
C VAL A 117 5.47 -6.29 -11.39
N GLY A 118 4.92 -7.49 -11.17
CA GLY A 118 4.67 -8.38 -12.28
C GLY A 118 5.69 -9.49 -12.39
N ALA A 119 6.29 -9.83 -11.25
CA ALA A 119 7.30 -10.89 -11.21
C ALA A 119 6.66 -12.27 -11.26
N ILE A 120 5.91 -12.61 -10.23
CA ILE A 120 5.24 -13.90 -10.15
C ILE A 120 4.36 -14.13 -11.36
N ASP A 121 3.73 -15.31 -11.42
CA ASP A 121 2.84 -15.65 -12.53
C ASP A 121 1.47 -15.02 -12.35
N MET A 1 -19.00 3.33 -8.68
CA MET A 1 -17.96 4.26 -9.21
C MET A 1 -17.99 5.60 -8.49
N ALA A 2 -17.09 5.76 -7.52
CA ALA A 2 -17.01 7.00 -6.75
C ALA A 2 -15.60 7.22 -6.22
N GLU A 3 -15.34 8.44 -5.74
CA GLU A 3 -14.02 8.78 -5.21
C GLU A 3 -14.00 8.64 -3.69
N LEU A 4 -12.92 8.07 -3.17
CA LEU A 4 -12.78 7.87 -1.73
C LEU A 4 -11.48 8.51 -1.23
N ASN A 5 -11.63 9.59 -0.46
CA ASN A 5 -10.48 10.29 0.09
C ASN A 5 -9.57 9.34 0.86
N VAL A 6 -8.28 9.41 0.58
CA VAL A 6 -7.29 8.55 1.25
C VAL A 6 -6.02 9.31 1.56
N GLU A 7 -5.26 8.80 2.54
CA GLU A 7 -4.01 9.43 2.93
C GLU A 7 -3.04 8.40 3.52
N ILE A 8 -1.79 8.44 3.07
CA ILE A 8 -0.78 7.53 3.56
C ILE A 8 0.31 8.29 4.31
N VAL A 9 0.46 7.99 5.60
CA VAL A 9 1.45 8.66 6.42
C VAL A 9 2.62 7.75 6.74
N ALA A 10 3.84 8.29 6.61
CA ALA A 10 5.05 7.53 6.90
C ALA A 10 5.67 7.97 8.22
N VAL A 11 6.89 7.51 8.46
CA VAL A 11 7.60 7.85 9.70
C VAL A 11 8.31 9.21 9.57
N ASP A 12 8.73 9.53 8.36
CA ASP A 12 9.44 10.79 8.11
C ASP A 12 8.50 11.84 7.52
N ARG A 13 7.45 11.38 6.84
CA ARG A 13 6.49 12.29 6.22
C ARG A 13 5.32 11.52 5.61
N ASN A 14 4.47 12.22 4.89
CA ASN A 14 3.31 11.61 4.25
C ASN A 14 3.62 11.22 2.80
N ILE A 15 2.94 10.18 2.32
CA ILE A 15 3.14 9.71 0.95
C ILE A 15 2.20 10.41 0.00
N TRP A 16 0.90 10.16 0.15
CA TRP A 16 -0.11 10.76 -0.71
C TRP A 16 -1.35 11.15 0.10
N SER A 17 -2.07 12.15 -0.38
CA SER A 17 -3.28 12.61 0.30
C SER A 17 -4.26 13.21 -0.69
N GLY A 18 -5.31 12.45 -1.02
CA GLY A 18 -6.30 12.93 -1.96
C GLY A 18 -7.46 11.96 -2.11
N THR A 19 -8.03 11.91 -3.32
CA THR A 19 -9.15 11.01 -3.58
C THR A 19 -8.73 9.91 -4.55
N ALA A 20 -9.20 8.69 -4.29
CA ALA A 20 -8.89 7.55 -5.14
C ALA A 20 -10.13 6.74 -5.45
N LYS A 21 -10.03 5.86 -6.45
CA LYS A 21 -11.15 5.02 -6.84
C LYS A 21 -11.24 3.78 -5.95
N PHE A 22 -10.10 3.12 -5.76
CA PHE A 22 -10.05 1.92 -4.93
C PHE A 22 -8.61 1.49 -4.68
N LEU A 23 -8.42 0.61 -3.70
CA LEU A 23 -7.09 0.11 -3.36
C LEU A 23 -7.17 -1.28 -2.74
N PHE A 24 -6.08 -2.04 -2.88
CA PHE A 24 -6.02 -3.40 -2.33
C PHE A 24 -4.89 -3.51 -1.31
N THR A 25 -5.26 -3.66 -0.04
CA THR A 25 -4.28 -3.79 1.03
C THR A 25 -4.37 -5.15 1.70
N ARG A 26 -3.27 -5.58 2.31
CA ARG A 26 -3.21 -6.86 2.98
C ARG A 26 -3.09 -6.68 4.49
N THR A 27 -3.96 -7.35 5.25
CA THR A 27 -3.94 -7.25 6.69
C THR A 27 -4.09 -8.63 7.34
N THR A 28 -4.34 -8.65 8.64
CA THR A 28 -4.52 -9.91 9.37
C THR A 28 -5.64 -10.74 8.77
N VAL A 29 -6.65 -10.06 8.22
CA VAL A 29 -7.79 -10.74 7.61
C VAL A 29 -7.46 -11.17 6.18
N GLY A 30 -6.48 -10.52 5.58
CA GLY A 30 -6.10 -10.87 4.22
C GLY A 30 -6.35 -9.73 3.24
N GLU A 31 -6.34 -10.05 1.94
CA GLU A 31 -6.58 -9.05 0.91
C GLU A 31 -7.94 -8.38 1.10
N ILE A 32 -7.95 -7.05 1.04
CA ILE A 32 -9.19 -6.29 1.19
C ILE A 32 -9.26 -5.15 0.19
N GLY A 33 -10.44 -4.96 -0.38
CA GLY A 33 -10.62 -3.89 -1.36
C GLY A 33 -11.44 -2.73 -0.82
N ILE A 34 -10.80 -1.58 -0.66
CA ILE A 34 -11.48 -0.40 -0.14
C ILE A 34 -12.15 0.38 -1.26
N LEU A 35 -13.46 0.22 -1.38
CA LEU A 35 -14.23 0.91 -2.40
C LEU A 35 -15.09 2.01 -1.80
N PRO A 36 -15.55 2.97 -2.63
CA PRO A 36 -16.38 4.08 -2.17
C PRO A 36 -17.61 3.61 -1.41
N ARG A 37 -18.08 4.42 -0.48
CA ARG A 37 -19.26 4.08 0.33
C ARG A 37 -19.02 2.81 1.12
N HIS A 38 -18.03 2.85 2.01
CA HIS A 38 -17.69 1.70 2.84
C HIS A 38 -17.62 2.09 4.30
N ILE A 39 -18.11 1.22 5.18
CA ILE A 39 -18.10 1.48 6.62
C ILE A 39 -16.67 1.68 7.12
N PRO A 40 -16.48 2.60 8.08
CA PRO A 40 -15.16 2.88 8.65
C PRO A 40 -14.66 1.76 9.55
N LEU A 41 -13.35 1.58 9.60
CA LEU A 41 -12.75 0.54 10.43
C LEU A 41 -11.22 0.64 10.44
N VAL A 42 -10.58 -0.16 11.27
CA VAL A 42 -9.12 -0.16 11.36
C VAL A 42 -8.56 -1.56 11.14
N ALA A 43 -7.35 -1.62 10.59
CA ALA A 43 -6.69 -2.89 10.32
C ALA A 43 -5.19 -2.73 10.21
N GLN A 44 -4.45 -3.65 10.83
CA GLN A 44 -3.00 -3.60 10.81
C GLN A 44 -2.45 -4.29 9.56
N LEU A 45 -1.38 -3.73 8.99
CA LEU A 45 -0.77 -4.30 7.80
C LEU A 45 0.03 -5.55 8.13
N VAL A 46 0.53 -6.22 7.10
CA VAL A 46 1.33 -7.43 7.30
C VAL A 46 2.70 -7.30 6.65
N ASP A 47 3.17 -6.07 6.49
CA ASP A 47 4.47 -5.81 5.89
C ASP A 47 4.59 -6.47 4.52
N ASP A 48 3.60 -6.24 3.67
CA ASP A 48 3.59 -6.82 2.33
C ASP A 48 3.23 -5.76 1.29
N ALA A 49 3.76 -4.55 1.47
CA ALA A 49 3.50 -3.46 0.54
C ALA A 49 2.01 -3.17 0.43
N MET A 50 1.67 -2.06 -0.21
CA MET A 50 0.29 -1.66 -0.39
C MET A 50 0.02 -1.15 -1.81
N VAL A 51 -1.03 -1.65 -2.43
CA VAL A 51 -1.40 -1.25 -3.77
C VAL A 51 -2.71 -0.48 -3.79
N ARG A 52 -2.67 0.76 -4.21
CA ARG A 52 -3.87 1.59 -4.26
C ARG A 52 -3.96 2.35 -5.59
N VAL A 53 -5.17 2.39 -6.16
CA VAL A 53 -5.38 3.09 -7.41
C VAL A 53 -6.31 4.28 -7.23
N GLU A 54 -6.07 5.35 -7.99
CA GLU A 54 -6.88 6.55 -7.89
C GLU A 54 -7.99 6.56 -8.95
N ARG A 55 -7.87 5.70 -9.95
CA ARG A 55 -8.87 5.62 -11.01
C ARG A 55 -8.82 4.27 -11.72
N GLU A 56 -9.98 3.77 -12.11
CA GLU A 56 -10.07 2.49 -12.80
C GLU A 56 -9.73 2.65 -14.28
N GLY A 57 -9.25 1.57 -14.90
CA GLY A 57 -8.90 1.61 -16.30
C GLY A 57 -7.42 1.46 -16.54
N GLU A 58 -6.61 2.10 -15.68
CA GLU A 58 -5.16 2.03 -15.82
C GLU A 58 -4.46 2.63 -14.60
N LYS A 59 -5.02 3.72 -14.08
CA LYS A 59 -4.46 4.40 -12.92
C LYS A 59 -4.15 3.39 -11.80
N ASP A 60 -3.05 3.62 -11.10
CA ASP A 60 -2.64 2.75 -10.01
C ASP A 60 -1.37 3.28 -9.34
N LEU A 61 -1.43 3.43 -8.02
CA LEU A 61 -0.28 3.93 -7.27
C LEU A 61 0.42 2.77 -6.57
N ARG A 62 1.60 2.41 -7.06
CA ARG A 62 2.38 1.33 -6.48
C ARG A 62 3.08 1.79 -5.20
N ILE A 63 2.54 1.38 -4.06
CA ILE A 63 3.10 1.76 -2.77
C ILE A 63 3.64 0.53 -2.04
N ALA A 64 4.57 0.76 -1.11
CA ALA A 64 5.17 -0.33 -0.35
C ALA A 64 5.35 0.06 1.11
N VAL A 65 4.36 -0.30 1.93
CA VAL A 65 4.40 0.01 3.36
C VAL A 65 4.94 -1.18 4.15
N ASP A 66 5.35 -0.93 5.38
CA ASP A 66 5.88 -1.98 6.25
C ASP A 66 5.33 -1.88 7.66
N GLY A 67 4.39 -2.78 7.99
CA GLY A 67 3.80 -2.77 9.32
C GLY A 67 3.26 -1.41 9.71
N GLY A 68 2.04 -1.11 9.28
CA GLY A 68 1.43 0.16 9.60
C GLY A 68 0.01 0.01 10.14
N PHE A 69 -0.68 1.13 10.30
CA PHE A 69 -2.05 1.13 10.80
C PHE A 69 -3.00 1.71 9.76
N LEU A 70 -3.89 0.87 9.24
CA LEU A 70 -4.84 1.30 8.23
C LEU A 70 -6.19 1.66 8.87
N SER A 71 -6.62 2.89 8.63
CA SER A 71 -7.90 3.36 9.17
C SER A 71 -8.76 3.94 8.06
N VAL A 72 -9.78 3.18 7.65
CA VAL A 72 -10.67 3.61 6.58
C VAL A 72 -11.75 4.55 7.11
N THR A 73 -11.80 5.75 6.56
CA THR A 73 -12.78 6.74 6.96
C THR A 73 -13.27 7.56 5.77
N GLU A 74 -14.54 7.96 5.82
CA GLU A 74 -15.15 8.74 4.75
C GLU A 74 -14.49 10.11 4.66
N GLU A 75 -14.00 10.61 5.79
CA GLU A 75 -13.34 11.91 5.84
C GLU A 75 -12.03 11.86 5.07
N GLY A 76 -11.49 10.65 4.89
CA GLY A 76 -10.25 10.49 4.18
C GLY A 76 -9.35 9.45 4.79
N VAL A 77 -9.56 8.19 4.42
CA VAL A 77 -8.76 7.06 4.92
C VAL A 77 -7.32 7.49 5.28
N SER A 78 -6.77 6.88 6.33
CA SER A 78 -5.42 7.20 6.78
C SER A 78 -4.63 5.93 7.02
N ILE A 79 -3.41 5.90 6.49
CA ILE A 79 -2.54 4.73 6.64
C ILE A 79 -1.17 5.15 7.16
N LEU A 80 -0.92 4.87 8.44
CA LEU A 80 0.36 5.22 9.05
C LEU A 80 1.32 4.04 9.01
N ALA A 81 2.20 4.04 8.01
CA ALA A 81 3.18 2.97 7.86
C ALA A 81 4.52 3.35 8.49
N GLU A 82 5.30 2.34 8.83
CA GLU A 82 6.61 2.57 9.43
C GLU A 82 7.66 2.84 8.37
N SER A 83 7.44 2.34 7.16
CA SER A 83 8.36 2.54 6.05
C SER A 83 7.64 2.41 4.71
N ALA A 84 7.03 3.50 4.27
CA ALA A 84 6.31 3.51 3.00
C ALA A 84 7.25 3.87 1.85
N GLU A 85 6.79 3.60 0.63
CA GLU A 85 7.58 3.89 -0.56
C GLU A 85 6.68 4.10 -1.77
N PHE A 86 7.04 5.08 -2.59
CA PHE A 86 6.26 5.39 -3.79
C PHE A 86 6.57 4.40 -4.91
N GLU A 87 5.73 4.40 -5.94
CA GLU A 87 5.92 3.50 -7.08
C GLU A 87 7.32 3.62 -7.66
N SER A 88 7.95 4.77 -7.45
CA SER A 88 9.31 5.00 -7.95
C SER A 88 10.35 4.31 -7.06
N GLU A 89 9.92 3.81 -5.91
CA GLU A 89 10.83 3.14 -4.99
C GLU A 89 10.73 1.63 -5.15
N ILE A 90 10.50 1.19 -6.38
CA ILE A 90 10.40 -0.24 -6.67
C ILE A 90 11.22 -0.61 -7.89
N ASP A 91 12.27 0.16 -8.15
CA ASP A 91 13.15 -0.09 -9.30
C ASP A 91 13.88 -1.42 -9.12
N GLU A 92 14.25 -2.04 -10.24
CA GLU A 92 14.96 -3.32 -10.22
C GLU A 92 16.10 -3.30 -9.21
N ALA A 93 16.80 -2.17 -9.14
CA ALA A 93 17.92 -2.02 -8.22
C ALA A 93 17.45 -2.19 -6.77
N ALA A 94 16.40 -1.45 -6.41
CA ALA A 94 15.86 -1.52 -5.05
C ALA A 94 15.19 -2.87 -4.81
N ALA A 95 14.63 -3.44 -5.87
CA ALA A 95 13.95 -4.73 -5.77
C ALA A 95 14.94 -5.84 -5.42
N LYS A 96 16.20 -5.64 -5.79
CA LYS A 96 17.24 -6.63 -5.53
C LYS A 96 17.77 -6.51 -4.11
N GLN A 97 18.10 -5.28 -3.71
CA GLN A 97 18.64 -5.04 -2.38
C GLN A 97 17.69 -5.57 -1.30
N ASP A 98 16.38 -5.45 -1.56
CA ASP A 98 15.38 -5.93 -0.61
C ASP A 98 15.13 -7.42 -0.81
N SER A 99 15.29 -7.88 -2.05
CA SER A 99 15.08 -9.28 -2.37
C SER A 99 16.07 -10.16 -1.59
N GLU A 100 17.21 -9.57 -1.24
CA GLU A 100 18.23 -10.30 -0.48
C GLU A 100 17.66 -10.86 0.81
N SER A 101 16.55 -10.27 1.28
CA SER A 101 15.91 -10.70 2.52
C SER A 101 16.82 -10.49 3.72
N ASP A 102 17.43 -9.31 3.79
CA ASP A 102 18.31 -8.97 4.90
C ASP A 102 17.55 -8.98 6.22
N ASP A 103 16.24 -8.77 6.15
CA ASP A 103 15.39 -8.75 7.33
C ASP A 103 14.03 -9.35 7.03
N PRO A 104 13.26 -9.71 8.08
CA PRO A 104 11.93 -10.30 7.93
C PRO A 104 10.96 -9.34 7.25
N ARG A 105 11.05 -8.06 7.58
CA ARG A 105 10.18 -7.05 7.01
C ARG A 105 10.55 -6.79 5.54
N ILE A 106 11.84 -6.94 5.23
CA ILE A 106 12.31 -6.72 3.87
C ILE A 106 11.93 -7.88 2.96
N ALA A 107 11.97 -9.09 3.51
CA ALA A 107 11.63 -10.29 2.75
C ALA A 107 10.17 -10.26 2.31
N ALA A 108 9.28 -10.04 3.27
CA ALA A 108 7.85 -9.98 2.98
C ALA A 108 7.54 -8.86 2.00
N ARG A 109 8.21 -7.72 2.19
CA ARG A 109 8.01 -6.56 1.32
C ARG A 109 8.65 -6.81 -0.04
N GLY A 110 9.78 -7.51 -0.04
CA GLY A 110 10.48 -7.81 -1.28
C GLY A 110 9.61 -8.59 -2.24
N ARG A 111 9.03 -9.68 -1.76
CA ARG A 111 8.17 -10.51 -2.59
C ARG A 111 6.93 -9.74 -3.02
N ALA A 112 6.41 -8.93 -2.10
CA ALA A 112 5.22 -8.12 -2.38
C ALA A 112 5.51 -7.08 -3.46
N ARG A 113 6.70 -6.49 -3.40
CA ARG A 113 7.11 -5.48 -4.36
C ARG A 113 7.22 -6.08 -5.75
N LEU A 114 7.95 -7.19 -5.85
CA LEU A 114 8.14 -7.88 -7.12
C LEU A 114 6.80 -8.26 -7.74
N ARG A 115 5.91 -8.81 -6.92
CA ARG A 115 4.59 -9.23 -7.38
C ARG A 115 3.88 -8.08 -8.08
N ALA A 116 3.92 -6.90 -7.46
CA ALA A 116 3.29 -5.71 -8.04
C ALA A 116 4.07 -5.21 -9.25
N VAL A 117 5.38 -5.46 -9.25
CA VAL A 117 6.24 -5.04 -10.35
C VAL A 117 6.08 -5.95 -11.57
N GLY A 118 5.44 -7.10 -11.37
CA GLY A 118 5.24 -8.03 -12.46
C GLY A 118 6.32 -9.09 -12.52
N ALA A 119 6.88 -9.44 -11.38
CA ALA A 119 7.93 -10.45 -11.29
C ALA A 119 7.34 -11.85 -11.41
N ILE A 120 6.30 -12.11 -10.62
CA ILE A 120 5.65 -13.42 -10.63
C ILE A 120 5.26 -13.85 -12.04
N ASP A 121 4.68 -15.03 -12.16
CA ASP A 121 4.25 -15.55 -13.45
C ASP A 121 3.31 -16.74 -13.28
N MET A 1 -19.57 6.28 -10.24
CA MET A 1 -18.26 6.92 -9.97
C MET A 1 -18.28 7.70 -8.66
N ALA A 2 -17.38 7.34 -7.75
CA ALA A 2 -17.30 8.00 -6.45
C ALA A 2 -15.88 7.96 -5.91
N GLU A 3 -15.27 9.13 -5.79
CA GLU A 3 -13.90 9.23 -5.27
C GLU A 3 -13.90 9.26 -3.75
N LEU A 4 -12.98 8.49 -3.16
CA LEU A 4 -12.86 8.42 -1.71
C LEU A 4 -11.52 8.96 -1.24
N ASN A 5 -11.56 10.04 -0.48
CA ASN A 5 -10.34 10.66 0.04
C ASN A 5 -9.46 9.64 0.75
N VAL A 6 -8.19 9.60 0.39
CA VAL A 6 -7.25 8.66 0.99
C VAL A 6 -5.89 9.29 1.19
N GLU A 7 -5.16 8.84 2.20
CA GLU A 7 -3.83 9.36 2.49
C GLU A 7 -2.96 8.31 3.18
N ILE A 8 -1.67 8.32 2.86
CA ILE A 8 -0.74 7.37 3.45
C ILE A 8 0.35 8.11 4.23
N VAL A 9 0.33 7.96 5.54
CA VAL A 9 1.30 8.63 6.39
C VAL A 9 2.46 7.70 6.74
N ALA A 10 3.66 8.27 6.86
CA ALA A 10 4.85 7.51 7.19
C ALA A 10 5.25 7.73 8.64
N VAL A 11 6.49 7.37 8.98
CA VAL A 11 6.99 7.53 10.34
C VAL A 11 7.33 9.00 10.62
N ASP A 12 8.19 9.57 9.79
CA ASP A 12 8.60 10.96 9.96
C ASP A 12 8.24 11.80 8.74
N ARG A 13 7.20 11.38 8.01
CA ARG A 13 6.77 12.11 6.83
C ARG A 13 5.51 11.47 6.22
N ASN A 14 5.04 12.06 5.13
CA ASN A 14 3.84 11.55 4.44
C ASN A 14 4.18 11.12 3.02
N ILE A 15 3.42 10.15 2.52
CA ILE A 15 3.64 9.64 1.16
C ILE A 15 2.71 10.31 0.16
N TRP A 16 1.41 10.01 0.26
CA TRP A 16 0.42 10.59 -0.64
C TRP A 16 -0.89 10.87 0.09
N SER A 17 -1.63 11.86 -0.39
CA SER A 17 -2.90 12.23 0.22
C SER A 17 -3.81 12.91 -0.80
N GLY A 18 -4.93 12.26 -1.11
CA GLY A 18 -5.87 12.83 -2.07
C GLY A 18 -7.14 12.02 -2.17
N THR A 19 -7.59 11.77 -3.40
CA THR A 19 -8.81 11.01 -3.62
C THR A 19 -8.54 9.84 -4.58
N ALA A 20 -9.17 8.70 -4.31
CA ALA A 20 -8.99 7.52 -5.14
C ALA A 20 -10.32 6.77 -5.32
N LYS A 21 -10.31 5.79 -6.21
CA LYS A 21 -11.50 4.99 -6.47
C LYS A 21 -11.56 3.79 -5.54
N PHE A 22 -10.43 3.09 -5.40
CA PHE A 22 -10.35 1.93 -4.53
C PHE A 22 -8.91 1.46 -4.37
N LEU A 23 -8.68 0.61 -3.38
CA LEU A 23 -7.33 0.09 -3.12
C LEU A 23 -7.39 -1.28 -2.46
N PHE A 24 -6.34 -2.06 -2.65
CA PHE A 24 -6.25 -3.40 -2.07
C PHE A 24 -5.07 -3.50 -1.11
N THR A 25 -5.28 -4.17 0.01
CA THR A 25 -4.22 -4.35 1.01
C THR A 25 -4.43 -5.63 1.80
N ARG A 26 -3.31 -6.22 2.24
CA ARG A 26 -3.36 -7.45 3.02
C ARG A 26 -3.17 -7.17 4.51
N THR A 27 -4.07 -7.69 5.33
CA THR A 27 -4.00 -7.49 6.77
C THR A 27 -4.16 -8.82 7.51
N THR A 28 -4.38 -8.74 8.82
CA THR A 28 -4.56 -9.93 9.63
C THR A 28 -5.68 -10.81 9.09
N VAL A 29 -6.67 -10.18 8.45
CA VAL A 29 -7.79 -10.90 7.88
C VAL A 29 -7.47 -11.39 6.46
N GLY A 30 -6.50 -10.75 5.82
CA GLY A 30 -6.12 -11.14 4.48
C GLY A 30 -6.40 -10.04 3.46
N GLU A 31 -6.44 -10.42 2.18
CA GLU A 31 -6.70 -9.46 1.11
C GLU A 31 -8.06 -8.79 1.30
N ILE A 32 -8.10 -7.48 1.07
CA ILE A 32 -9.33 -6.71 1.22
C ILE A 32 -9.39 -5.57 0.21
N GLY A 33 -10.53 -5.45 -0.45
CA GLY A 33 -10.71 -4.39 -1.44
C GLY A 33 -11.65 -3.30 -0.97
N ILE A 34 -11.13 -2.10 -0.81
CA ILE A 34 -11.94 -0.97 -0.35
C ILE A 34 -12.51 -0.20 -1.54
N LEU A 35 -13.78 -0.45 -1.84
CA LEU A 35 -14.45 0.22 -2.95
C LEU A 35 -15.08 1.53 -2.50
N PRO A 36 -15.47 2.40 -3.44
CA PRO A 36 -16.07 3.70 -3.13
C PRO A 36 -17.26 3.56 -2.16
N ARG A 37 -17.55 4.64 -1.45
CA ARG A 37 -18.66 4.65 -0.48
C ARG A 37 -18.67 3.38 0.36
N HIS A 38 -17.59 3.17 1.12
CA HIS A 38 -17.47 1.99 1.98
C HIS A 38 -17.40 2.41 3.45
N ILE A 39 -18.13 1.70 4.30
CA ILE A 39 -18.14 1.98 5.72
C ILE A 39 -16.73 1.99 6.30
N PRO A 40 -16.51 2.70 7.41
CA PRO A 40 -15.20 2.79 8.06
C PRO A 40 -14.66 1.42 8.48
N LEU A 41 -13.35 1.31 8.61
CA LEU A 41 -12.72 0.06 8.99
C LEU A 41 -11.23 0.24 9.26
N VAL A 42 -10.72 -0.46 10.27
CA VAL A 42 -9.31 -0.35 10.63
C VAL A 42 -8.66 -1.74 10.70
N ALA A 43 -7.35 -1.78 10.47
CA ALA A 43 -6.62 -3.04 10.52
C ALA A 43 -5.12 -2.80 10.33
N GLN A 44 -4.32 -3.78 10.73
CA GLN A 44 -2.87 -3.68 10.60
C GLN A 44 -2.36 -4.47 9.40
N LEU A 45 -1.37 -3.93 8.71
CA LEU A 45 -0.81 -4.59 7.54
C LEU A 45 0.12 -5.73 7.95
N VAL A 46 0.66 -6.43 6.96
CA VAL A 46 1.56 -7.55 7.22
C VAL A 46 2.91 -7.35 6.53
N ASP A 47 3.29 -6.10 6.31
CA ASP A 47 4.55 -5.78 5.66
C ASP A 47 4.65 -6.44 4.29
N ASP A 48 3.61 -6.27 3.47
CA ASP A 48 3.58 -6.86 2.14
C ASP A 48 3.26 -5.80 1.08
N ALA A 49 3.87 -4.62 1.24
CA ALA A 49 3.65 -3.52 0.30
C ALA A 49 2.17 -3.15 0.22
N MET A 50 1.85 -2.14 -0.58
CA MET A 50 0.48 -1.70 -0.75
C MET A 50 0.15 -1.42 -2.21
N VAL A 51 -1.12 -1.57 -2.57
CA VAL A 51 -1.57 -1.33 -3.92
C VAL A 51 -2.92 -0.63 -3.94
N ARG A 52 -2.92 0.64 -4.34
CA ARG A 52 -4.13 1.43 -4.39
C ARG A 52 -4.32 2.08 -5.76
N VAL A 53 -5.58 2.23 -6.17
CA VAL A 53 -5.90 2.84 -7.45
C VAL A 53 -6.79 4.06 -7.27
N GLU A 54 -6.57 5.08 -8.09
CA GLU A 54 -7.36 6.30 -8.02
C GLU A 54 -8.58 6.23 -8.93
N ARG A 55 -8.60 5.26 -9.84
CA ARG A 55 -9.71 5.08 -10.76
C ARG A 55 -10.04 3.62 -10.93
N GLU A 56 -11.24 3.33 -11.43
CA GLU A 56 -11.68 1.95 -11.63
C GLU A 56 -11.09 1.37 -12.91
N GLY A 57 -10.25 0.36 -12.75
CA GLY A 57 -9.63 -0.28 -13.91
C GLY A 57 -8.80 0.68 -14.74
N GLU A 58 -8.16 1.64 -14.08
CA GLU A 58 -7.33 2.61 -14.79
C GLU A 58 -6.07 2.94 -14.01
N LYS A 59 -6.16 3.90 -13.10
CA LYS A 59 -5.02 4.32 -12.29
C LYS A 59 -4.48 3.14 -11.47
N ASP A 60 -3.26 3.28 -10.99
CA ASP A 60 -2.62 2.23 -10.19
C ASP A 60 -1.45 2.78 -9.39
N LEU A 61 -1.72 3.28 -8.20
CA LEU A 61 -0.69 3.83 -7.33
C LEU A 61 0.12 2.72 -6.68
N ARG A 62 1.30 2.45 -7.22
CA ARG A 62 2.17 1.40 -6.68
C ARG A 62 2.93 1.91 -5.46
N ILE A 63 2.62 1.34 -4.30
CA ILE A 63 3.27 1.74 -3.05
C ILE A 63 3.84 0.53 -2.33
N ALA A 64 4.85 0.77 -1.49
CA ALA A 64 5.48 -0.30 -0.73
C ALA A 64 5.56 0.05 0.75
N VAL A 65 4.53 -0.31 1.50
CA VAL A 65 4.48 -0.03 2.93
C VAL A 65 4.97 -1.23 3.74
N ASP A 66 5.43 -0.97 4.96
CA ASP A 66 5.91 -2.03 5.84
C ASP A 66 5.38 -1.85 7.25
N GLY A 67 4.52 -2.77 7.68
CA GLY A 67 3.96 -2.70 9.01
C GLY A 67 3.31 -1.37 9.31
N GLY A 68 2.10 -1.18 8.82
CA GLY A 68 1.39 0.08 9.04
C GLY A 68 -0.03 -0.13 9.53
N PHE A 69 -0.72 0.97 9.80
CA PHE A 69 -2.10 0.90 10.28
C PHE A 69 -3.04 1.55 9.27
N LEU A 70 -3.92 0.75 8.68
CA LEU A 70 -4.88 1.24 7.70
C LEU A 70 -6.20 1.61 8.37
N SER A 71 -6.62 2.86 8.18
CA SER A 71 -7.87 3.34 8.75
C SER A 71 -8.73 3.98 7.67
N VAL A 72 -9.75 3.25 7.23
CA VAL A 72 -10.64 3.73 6.19
C VAL A 72 -11.71 4.65 6.77
N THR A 73 -11.75 5.88 6.29
CA THR A 73 -12.73 6.85 6.76
C THR A 73 -13.20 7.75 5.62
N GLU A 74 -14.45 8.19 5.69
CA GLU A 74 -15.04 9.05 4.67
C GLU A 74 -14.35 10.41 4.68
N GLU A 75 -13.86 10.82 5.85
CA GLU A 75 -13.16 12.09 5.97
C GLU A 75 -11.84 12.06 5.22
N GLY A 76 -11.37 10.85 4.92
CA GLY A 76 -10.12 10.70 4.20
C GLY A 76 -9.25 9.59 4.77
N VAL A 77 -9.48 8.36 4.31
CA VAL A 77 -8.71 7.20 4.76
C VAL A 77 -7.29 7.57 5.19
N SER A 78 -6.79 6.91 6.23
CA SER A 78 -5.45 7.19 6.74
C SER A 78 -4.66 5.90 6.95
N ILE A 79 -3.47 5.86 6.37
CA ILE A 79 -2.61 4.68 6.47
C ILE A 79 -1.23 5.07 7.00
N LEU A 80 -0.98 4.79 8.28
CA LEU A 80 0.29 5.12 8.89
C LEU A 80 1.26 3.97 8.75
N ALA A 81 2.11 4.03 7.73
CA ALA A 81 3.09 2.99 7.48
C ALA A 81 4.42 3.31 8.15
N GLU A 82 5.16 2.27 8.51
CA GLU A 82 6.47 2.46 9.16
C GLU A 82 7.57 2.65 8.12
N SER A 83 7.31 2.22 6.88
CA SER A 83 8.29 2.36 5.81
C SER A 83 7.60 2.27 4.45
N ALA A 84 7.00 3.38 4.04
CA ALA A 84 6.31 3.44 2.74
C ALA A 84 7.22 4.04 1.67
N GLU A 85 6.98 3.66 0.43
CA GLU A 85 7.78 4.15 -0.69
C GLU A 85 6.91 4.40 -1.92
N PHE A 86 7.32 5.37 -2.74
CA PHE A 86 6.59 5.71 -3.95
C PHE A 86 6.71 4.60 -4.99
N GLU A 87 5.87 4.65 -6.02
CA GLU A 87 5.89 3.65 -7.07
C GLU A 87 7.25 3.63 -7.77
N SER A 88 7.87 4.80 -7.84
CA SER A 88 9.18 4.94 -8.48
C SER A 88 10.29 4.43 -7.56
N GLU A 89 9.94 4.08 -6.33
CA GLU A 89 10.90 3.57 -5.36
C GLU A 89 10.86 2.06 -5.30
N ILE A 90 10.59 1.43 -6.43
CA ILE A 90 10.51 -0.02 -6.50
C ILE A 90 11.25 -0.55 -7.72
N ASP A 91 12.28 0.18 -8.15
CA ASP A 91 13.08 -0.23 -9.30
C ASP A 91 13.84 -1.52 -9.01
N GLU A 92 14.12 -2.28 -10.08
CA GLU A 92 14.83 -3.54 -9.95
C GLU A 92 16.02 -3.43 -8.99
N ALA A 93 16.61 -2.23 -8.93
CA ALA A 93 17.75 -2.00 -8.05
C ALA A 93 17.38 -2.29 -6.60
N ALA A 94 16.29 -1.70 -6.13
CA ALA A 94 15.82 -1.89 -4.76
C ALA A 94 15.27 -3.31 -4.58
N ALA A 95 14.59 -3.81 -5.59
CA ALA A 95 14.01 -5.14 -5.54
C ALA A 95 15.09 -6.20 -5.39
N LYS A 96 16.32 -5.84 -5.76
CA LYS A 96 17.44 -6.77 -5.67
C LYS A 96 18.06 -6.74 -4.28
N GLN A 97 18.43 -5.55 -3.83
CA GLN A 97 19.04 -5.40 -2.51
C GLN A 97 18.10 -5.88 -1.41
N ASP A 98 16.80 -5.73 -1.65
CA ASP A 98 15.79 -6.16 -0.69
C ASP A 98 15.50 -7.65 -0.86
N SER A 99 15.56 -8.12 -2.11
CA SER A 99 15.31 -9.52 -2.41
C SER A 99 16.29 -10.41 -1.64
N GLU A 100 17.49 -9.89 -1.41
CA GLU A 100 18.51 -10.63 -0.67
C GLU A 100 17.98 -11.07 0.69
N SER A 101 16.99 -10.35 1.19
CA SER A 101 16.39 -10.66 2.48
C SER A 101 17.39 -10.48 3.62
N ASP A 102 17.88 -9.26 3.78
CA ASP A 102 18.84 -8.95 4.84
C ASP A 102 18.13 -8.52 6.12
N ASP A 103 16.80 -8.63 6.12
CA ASP A 103 16.01 -8.25 7.28
C ASP A 103 14.63 -8.90 7.24
N PRO A 104 13.94 -8.98 8.38
CA PRO A 104 12.60 -9.58 8.45
C PRO A 104 11.59 -8.80 7.63
N ARG A 105 11.65 -7.48 7.73
CA ARG A 105 10.75 -6.61 6.99
C ARG A 105 11.13 -6.54 5.51
N ILE A 106 12.43 -6.36 5.26
CA ILE A 106 12.94 -6.28 3.90
C ILE A 106 12.62 -7.56 3.12
N ALA A 107 12.65 -8.68 3.82
CA ALA A 107 12.36 -9.98 3.20
C ALA A 107 10.90 -10.07 2.80
N ALA A 108 10.01 -9.89 3.76
CA ALA A 108 8.58 -9.95 3.51
C ALA A 108 8.17 -8.90 2.49
N ARG A 109 8.66 -7.68 2.68
CA ARG A 109 8.35 -6.58 1.77
C ARG A 109 9.05 -6.79 0.43
N GLY A 110 10.22 -7.41 0.47
CA GLY A 110 10.96 -7.66 -0.75
C GLY A 110 10.17 -8.48 -1.74
N ARG A 111 9.58 -9.57 -1.27
CA ARG A 111 8.77 -10.43 -2.13
C ARG A 111 7.51 -9.69 -2.58
N ALA A 112 6.93 -8.93 -1.65
CA ALA A 112 5.72 -8.16 -1.96
C ALA A 112 5.98 -7.13 -3.05
N ARG A 113 7.22 -6.64 -3.10
CA ARG A 113 7.60 -5.66 -4.11
C ARG A 113 7.70 -6.29 -5.49
N LEU A 114 8.51 -7.34 -5.59
CA LEU A 114 8.70 -8.05 -6.85
C LEU A 114 7.37 -8.46 -7.46
N ARG A 115 6.50 -9.05 -6.63
CA ARG A 115 5.19 -9.50 -7.09
C ARG A 115 4.39 -8.33 -7.67
N ALA A 116 4.37 -7.22 -6.94
CA ALA A 116 3.65 -6.02 -7.39
C ALA A 116 4.27 -5.45 -8.67
N VAL A 117 5.57 -5.63 -8.81
CA VAL A 117 6.29 -5.13 -9.98
C VAL A 117 6.06 -6.02 -11.20
N GLY A 118 5.38 -7.15 -10.99
CA GLY A 118 5.11 -8.06 -12.10
C GLY A 118 6.03 -9.26 -12.10
N ALA A 119 6.52 -9.63 -10.92
CA ALA A 119 7.42 -10.77 -10.80
C ALA A 119 6.68 -12.08 -10.97
N ILE A 120 5.42 -12.11 -10.52
CA ILE A 120 4.60 -13.32 -10.63
C ILE A 120 3.43 -13.10 -11.58
N ASP A 121 3.06 -11.84 -11.81
CA ASP A 121 1.95 -11.51 -12.69
C ASP A 121 2.47 -10.96 -14.02
N MET A 1 -19.64 6.56 -11.07
CA MET A 1 -18.30 6.53 -10.41
C MET A 1 -18.35 7.14 -9.02
N ALA A 2 -17.23 7.07 -8.31
CA ALA A 2 -17.15 7.61 -6.96
C ALA A 2 -15.72 7.60 -6.45
N GLU A 3 -15.29 8.73 -5.87
CA GLU A 3 -13.94 8.84 -5.34
C GLU A 3 -13.94 8.69 -3.82
N LEU A 4 -12.81 8.23 -3.28
CA LEU A 4 -12.69 8.03 -1.85
C LEU A 4 -11.38 8.63 -1.32
N ASN A 5 -11.49 9.70 -0.56
CA ASN A 5 -10.32 10.37 0.01
C ASN A 5 -9.45 9.38 0.78
N VAL A 6 -8.14 9.43 0.53
CA VAL A 6 -7.21 8.53 1.20
C VAL A 6 -5.92 9.26 1.56
N GLU A 7 -5.21 8.73 2.55
CA GLU A 7 -3.95 9.33 2.99
C GLU A 7 -3.03 8.28 3.58
N ILE A 8 -1.76 8.32 3.19
CA ILE A 8 -0.77 7.37 3.69
C ILE A 8 0.31 8.10 4.47
N VAL A 9 0.33 7.90 5.78
CA VAL A 9 1.31 8.56 6.64
C VAL A 9 2.49 7.63 6.93
N ALA A 10 3.69 8.18 6.83
CA ALA A 10 4.91 7.41 7.08
C ALA A 10 5.28 7.46 8.56
N VAL A 11 6.55 7.14 8.86
CA VAL A 11 7.02 7.15 10.24
C VAL A 11 7.33 8.56 10.72
N ASP A 12 7.92 9.38 9.84
CA ASP A 12 8.27 10.75 10.20
C ASP A 12 7.53 11.76 9.32
N ARG A 13 7.15 11.35 8.12
CA ARG A 13 6.44 12.25 7.20
C ARG A 13 5.27 11.52 6.54
N ASN A 14 4.63 12.21 5.59
CA ASN A 14 3.49 11.64 4.87
C ASN A 14 3.88 11.30 3.44
N ILE A 15 3.21 10.29 2.87
CA ILE A 15 3.49 9.87 1.51
C ILE A 15 2.56 10.57 0.51
N TRP A 16 1.29 10.21 0.55
CA TRP A 16 0.30 10.81 -0.35
C TRP A 16 -1.02 11.04 0.36
N SER A 17 -1.77 12.05 -0.10
CA SER A 17 -3.06 12.38 0.50
C SER A 17 -3.96 13.09 -0.51
N GLY A 18 -5.03 12.42 -0.92
CA GLY A 18 -5.95 13.00 -1.88
C GLY A 18 -7.21 12.18 -2.04
N THR A 19 -7.36 11.55 -3.20
CA THR A 19 -8.53 10.73 -3.47
C THR A 19 -8.20 9.63 -4.47
N ALA A 20 -8.85 8.48 -4.31
CA ALA A 20 -8.63 7.34 -5.20
C ALA A 20 -9.86 6.46 -5.29
N LYS A 21 -10.09 5.89 -6.46
CA LYS A 21 -11.24 5.03 -6.69
C LYS A 21 -11.27 3.90 -5.67
N PHE A 22 -10.17 3.18 -5.54
CA PHE A 22 -10.10 2.07 -4.59
C PHE A 22 -8.67 1.54 -4.47
N LEU A 23 -8.44 0.75 -3.42
CA LEU A 23 -7.12 0.17 -3.18
C LEU A 23 -7.24 -1.27 -2.67
N PHE A 24 -6.21 -2.07 -2.93
CA PHE A 24 -6.20 -3.46 -2.50
C PHE A 24 -4.99 -3.76 -1.63
N THR A 25 -5.21 -3.83 -0.32
CA THR A 25 -4.14 -4.10 0.63
C THR A 25 -4.45 -5.33 1.48
N ARG A 26 -3.44 -5.84 2.17
CA ARG A 26 -3.61 -7.00 3.03
C ARG A 26 -3.50 -6.62 4.50
N THR A 27 -4.49 -7.04 5.29
CA THR A 27 -4.51 -6.74 6.71
C THR A 27 -4.71 -8.01 7.54
N THR A 28 -5.05 -7.84 8.81
CA THR A 28 -5.26 -8.98 9.71
C THR A 28 -6.29 -9.95 9.12
N VAL A 29 -7.23 -9.40 8.35
CA VAL A 29 -8.28 -10.21 7.73
C VAL A 29 -7.83 -10.73 6.36
N GLY A 30 -6.83 -10.07 5.77
CA GLY A 30 -6.34 -10.48 4.47
C GLY A 30 -6.58 -9.43 3.40
N GLU A 31 -6.60 -9.86 2.14
CA GLU A 31 -6.83 -8.95 1.03
C GLU A 31 -8.17 -8.23 1.17
N ILE A 32 -8.12 -6.90 1.12
CA ILE A 32 -9.33 -6.09 1.24
C ILE A 32 -9.36 -4.98 0.21
N GLY A 33 -10.52 -4.77 -0.40
CA GLY A 33 -10.66 -3.73 -1.41
C GLY A 33 -11.61 -2.62 -0.97
N ILE A 34 -11.05 -1.47 -0.65
CA ILE A 34 -11.86 -0.33 -0.22
C ILE A 34 -12.51 0.36 -1.40
N LEU A 35 -13.81 0.64 -1.28
CA LEU A 35 -14.55 1.31 -2.34
C LEU A 35 -15.30 2.52 -1.80
N PRO A 36 -15.66 3.47 -2.69
CA PRO A 36 -16.39 4.69 -2.30
C PRO A 36 -17.65 4.38 -1.52
N ARG A 37 -17.92 5.18 -0.49
CA ARG A 37 -19.10 4.99 0.34
C ARG A 37 -19.11 3.61 0.99
N HIS A 38 -18.17 3.39 1.90
CA HIS A 38 -18.05 2.11 2.59
C HIS A 38 -17.92 2.32 4.09
N ILE A 39 -18.32 1.31 4.86
CA ILE A 39 -18.24 1.37 6.31
C ILE A 39 -16.80 1.52 6.78
N PRO A 40 -16.53 2.48 7.68
CA PRO A 40 -15.16 2.71 8.19
C PRO A 40 -14.71 1.61 9.14
N LEU A 41 -13.41 1.37 9.18
CA LEU A 41 -12.84 0.33 10.05
C LEU A 41 -11.34 0.54 10.22
N VAL A 42 -10.71 -0.36 10.98
CA VAL A 42 -9.28 -0.29 11.22
C VAL A 42 -8.65 -1.67 11.25
N ALA A 43 -7.42 -1.78 10.74
CA ALA A 43 -6.72 -3.05 10.71
C ALA A 43 -5.24 -2.84 10.42
N GLN A 44 -4.40 -3.67 11.03
CA GLN A 44 -2.96 -3.58 10.84
C GLN A 44 -2.52 -4.37 9.61
N LEU A 45 -1.54 -3.83 8.89
CA LEU A 45 -1.03 -4.48 7.69
C LEU A 45 -0.19 -5.71 8.05
N VAL A 46 0.29 -6.41 7.03
CA VAL A 46 1.10 -7.60 7.24
C VAL A 46 2.48 -7.45 6.60
N ASP A 47 2.93 -6.21 6.47
CA ASP A 47 4.24 -5.92 5.88
C ASP A 47 4.35 -6.54 4.48
N ASP A 48 3.36 -6.28 3.64
CA ASP A 48 3.35 -6.81 2.28
C ASP A 48 3.11 -5.70 1.27
N ALA A 49 3.71 -4.53 1.52
CA ALA A 49 3.57 -3.39 0.63
C ALA A 49 2.11 -2.92 0.57
N MET A 50 1.85 -1.95 -0.29
CA MET A 50 0.50 -1.42 -0.45
C MET A 50 0.16 -1.21 -1.92
N VAL A 51 -1.12 -1.41 -2.25
CA VAL A 51 -1.58 -1.24 -3.62
C VAL A 51 -2.86 -0.42 -3.67
N ARG A 52 -2.80 0.75 -4.29
CA ARG A 52 -3.95 1.63 -4.40
C ARG A 52 -4.12 2.14 -5.82
N VAL A 53 -5.36 2.36 -6.23
CA VAL A 53 -5.64 2.88 -7.57
C VAL A 53 -6.60 4.07 -7.50
N GLU A 54 -6.31 5.09 -8.29
CA GLU A 54 -7.14 6.29 -8.32
C GLU A 54 -8.27 6.17 -9.34
N ARG A 55 -8.37 5.01 -9.98
CA ARG A 55 -9.40 4.77 -10.98
C ARG A 55 -9.63 3.27 -11.17
N GLU A 56 -10.76 2.91 -11.75
CA GLU A 56 -11.10 1.51 -11.97
C GLU A 56 -10.39 0.97 -13.21
N GLY A 57 -9.49 0.01 -13.00
CA GLY A 57 -8.77 -0.59 -14.11
C GLY A 57 -7.95 0.42 -14.89
N GLU A 58 -7.41 1.43 -14.21
CA GLU A 58 -6.61 2.44 -14.89
C GLU A 58 -5.49 2.95 -13.99
N LYS A 59 -5.78 3.97 -13.18
CA LYS A 59 -4.79 4.54 -12.28
C LYS A 59 -4.18 3.47 -11.38
N ASP A 60 -2.92 3.66 -11.02
CA ASP A 60 -2.22 2.70 -10.17
C ASP A 60 -1.18 3.40 -9.29
N LEU A 61 -1.27 3.18 -7.99
CA LEU A 61 -0.34 3.78 -7.04
C LEU A 61 0.49 2.69 -6.36
N ARG A 62 1.72 2.53 -6.82
CA ARG A 62 2.61 1.52 -6.26
C ARG A 62 3.26 2.02 -4.97
N ILE A 63 2.78 1.50 -3.84
CA ILE A 63 3.30 1.88 -2.53
C ILE A 63 3.84 0.67 -1.78
N ALA A 64 4.89 0.87 -1.00
CA ALA A 64 5.50 -0.21 -0.24
C ALA A 64 5.55 0.13 1.25
N VAL A 65 4.50 -0.25 1.97
CA VAL A 65 4.43 0.00 3.40
C VAL A 65 4.85 -1.23 4.20
N ASP A 66 5.49 -1.01 5.34
CA ASP A 66 5.94 -2.11 6.19
C ASP A 66 5.38 -1.98 7.60
N GLY A 67 4.44 -2.85 7.94
CA GLY A 67 3.84 -2.82 9.25
C GLY A 67 3.25 -1.48 9.61
N GLY A 68 2.03 -1.21 9.15
CA GLY A 68 1.39 0.05 9.43
C GLY A 68 -0.04 -0.11 9.92
N PHE A 69 -0.72 1.01 10.17
CA PHE A 69 -2.09 0.99 10.64
C PHE A 69 -3.03 1.57 9.59
N LEU A 70 -3.97 0.75 9.12
CA LEU A 70 -4.93 1.20 8.11
C LEU A 70 -6.24 1.61 8.74
N SER A 71 -6.66 2.84 8.48
CA SER A 71 -7.92 3.37 9.01
C SER A 71 -8.79 3.90 7.89
N VAL A 72 -9.78 3.12 7.49
CA VAL A 72 -10.67 3.50 6.40
C VAL A 72 -11.78 4.41 6.91
N THR A 73 -11.81 5.64 6.40
CA THR A 73 -12.82 6.61 6.79
C THR A 73 -13.28 7.44 5.60
N GLU A 74 -14.54 7.83 5.62
CA GLU A 74 -15.12 8.64 4.55
C GLU A 74 -14.48 10.02 4.51
N GLU A 75 -14.04 10.50 5.67
CA GLU A 75 -13.40 11.80 5.77
C GLU A 75 -12.05 11.79 5.04
N GLY A 76 -11.49 10.59 4.86
CA GLY A 76 -10.22 10.47 4.17
C GLY A 76 -9.34 9.39 4.77
N VAL A 77 -9.54 8.15 4.33
CA VAL A 77 -8.77 7.00 4.82
C VAL A 77 -7.35 7.41 5.23
N SER A 78 -6.83 6.76 6.26
CA SER A 78 -5.49 7.05 6.76
C SER A 78 -4.69 5.77 6.98
N ILE A 79 -3.46 5.76 6.48
CA ILE A 79 -2.60 4.59 6.60
C ILE A 79 -1.24 4.98 7.17
N LEU A 80 -1.03 4.69 8.45
CA LEU A 80 0.24 5.01 9.11
C LEU A 80 1.23 3.87 8.98
N ALA A 81 2.10 3.96 7.99
CA ALA A 81 3.10 2.93 7.76
C ALA A 81 4.44 3.31 8.39
N GLU A 82 5.23 2.31 8.75
CA GLU A 82 6.53 2.54 9.37
C GLU A 82 7.59 2.78 8.30
N SER A 83 7.37 2.24 7.10
CA SER A 83 8.32 2.42 6.01
C SER A 83 7.60 2.38 4.66
N ALA A 84 7.08 3.53 4.24
CA ALA A 84 6.37 3.64 2.98
C ALA A 84 7.29 4.12 1.87
N GLU A 85 7.00 3.72 0.64
CA GLU A 85 7.81 4.12 -0.51
C GLU A 85 6.93 4.37 -1.73
N PHE A 86 7.31 5.36 -2.53
CA PHE A 86 6.56 5.71 -3.73
C PHE A 86 6.76 4.66 -4.81
N GLU A 87 5.89 4.69 -5.82
CA GLU A 87 5.97 3.74 -6.93
C GLU A 87 7.33 3.81 -7.62
N SER A 88 8.02 4.94 -7.47
CA SER A 88 9.33 5.12 -8.08
C SER A 88 10.42 4.42 -7.28
N GLU A 89 10.07 3.92 -6.10
CA GLU A 89 11.02 3.22 -5.24
C GLU A 89 10.90 1.72 -5.41
N ILE A 90 10.57 1.28 -6.61
CA ILE A 90 10.41 -0.14 -6.89
C ILE A 90 11.14 -0.52 -8.18
N ASP A 91 12.19 0.22 -8.51
CA ASP A 91 12.96 -0.06 -9.71
C ASP A 91 13.66 -1.40 -9.61
N GLU A 92 13.92 -2.03 -10.76
CA GLU A 92 14.57 -3.34 -10.80
C GLU A 92 15.76 -3.40 -9.84
N ALA A 93 16.51 -2.30 -9.76
CA ALA A 93 17.67 -2.23 -8.88
C ALA A 93 17.26 -2.49 -7.44
N ALA A 94 16.11 -1.96 -7.04
CA ALA A 94 15.60 -2.14 -5.70
C ALA A 94 15.06 -3.55 -5.50
N ALA A 95 14.45 -4.09 -6.56
CA ALA A 95 13.90 -5.44 -6.51
C ALA A 95 14.98 -6.46 -6.18
N LYS A 96 16.20 -6.17 -6.61
CA LYS A 96 17.32 -7.06 -6.36
C LYS A 96 17.84 -6.91 -4.95
N GLN A 97 18.12 -5.67 -4.57
CA GLN A 97 18.62 -5.40 -3.23
C GLN A 97 17.69 -5.94 -2.16
N ASP A 98 16.40 -5.66 -2.33
CA ASP A 98 15.40 -6.12 -1.37
C ASP A 98 15.22 -7.63 -1.48
N SER A 99 15.40 -8.16 -2.70
CA SER A 99 15.26 -9.59 -2.95
C SER A 99 16.22 -10.37 -2.06
N GLU A 100 17.39 -9.80 -1.81
CA GLU A 100 18.40 -10.45 -0.97
C GLU A 100 17.83 -10.81 0.40
N SER A 101 16.76 -10.11 0.79
CA SER A 101 16.11 -10.35 2.08
C SER A 101 17.07 -10.07 3.24
N ASP A 102 17.55 -8.84 3.31
CA ASP A 102 18.46 -8.43 4.37
C ASP A 102 17.70 -7.92 5.60
N ASP A 103 16.38 -8.08 5.58
CA ASP A 103 15.54 -7.63 6.68
C ASP A 103 14.19 -8.35 6.67
N PRO A 104 13.52 -8.44 7.83
CA PRO A 104 12.22 -9.10 7.94
C PRO A 104 11.16 -8.42 7.09
N ARG A 105 11.18 -7.08 7.08
CA ARG A 105 10.22 -6.31 6.30
C ARG A 105 10.62 -6.28 4.83
N ILE A 106 11.92 -6.15 4.58
CA ILE A 106 12.42 -6.11 3.21
C ILE A 106 12.22 -7.44 2.50
N ALA A 107 12.22 -8.52 3.28
CA ALA A 107 12.05 -9.86 2.73
C ALA A 107 10.59 -10.11 2.37
N ALA A 108 9.70 -9.95 3.36
CA ALA A 108 8.28 -10.15 3.14
C ALA A 108 7.74 -9.19 2.09
N ARG A 109 8.05 -7.90 2.27
CA ARG A 109 7.61 -6.88 1.33
C ARG A 109 8.37 -6.98 0.02
N GLY A 110 9.63 -7.43 0.10
CA GLY A 110 10.43 -7.57 -1.09
C GLY A 110 9.80 -8.49 -2.11
N ARG A 111 9.41 -9.68 -1.68
CA ARG A 111 8.77 -10.65 -2.56
C ARG A 111 7.41 -10.14 -3.01
N ALA A 112 6.67 -9.55 -2.08
CA ALA A 112 5.35 -9.01 -2.38
C ALA A 112 5.43 -7.92 -3.44
N ARG A 113 6.28 -6.92 -3.19
CA ARG A 113 6.46 -5.82 -4.12
C ARG A 113 6.99 -6.33 -5.45
N LEU A 114 7.96 -7.23 -5.40
CA LEU A 114 8.55 -7.80 -6.61
C LEU A 114 7.48 -8.48 -7.46
N ARG A 115 6.64 -9.28 -6.80
CA ARG A 115 5.56 -9.98 -7.48
C ARG A 115 4.72 -9.00 -8.29
N ALA A 116 4.42 -7.85 -7.69
CA ALA A 116 3.62 -6.83 -8.36
C ALA A 116 4.44 -6.12 -9.44
N VAL A 117 5.76 -6.12 -9.27
CA VAL A 117 6.66 -5.48 -10.22
C VAL A 117 6.82 -6.31 -11.49
N GLY A 118 6.24 -7.51 -11.50
CA GLY A 118 6.35 -8.38 -12.65
C GLY A 118 7.64 -9.18 -12.67
N ALA A 119 8.09 -9.58 -11.48
CA ALA A 119 9.31 -10.37 -11.35
C ALA A 119 9.00 -11.83 -11.05
N ILE A 120 7.86 -12.06 -10.42
CA ILE A 120 7.44 -13.42 -10.07
C ILE A 120 6.14 -13.79 -10.76
N ASP A 121 5.89 -15.08 -10.89
CA ASP A 121 4.67 -15.57 -11.53
C ASP A 121 3.43 -15.13 -10.76
N MET A 1 -19.29 3.03 -8.44
CA MET A 1 -18.07 3.73 -8.91
C MET A 1 -18.01 5.16 -8.41
N ALA A 2 -16.90 5.52 -7.78
CA ALA A 2 -16.71 6.87 -7.25
C ALA A 2 -15.31 7.05 -6.71
N GLU A 3 -15.04 8.23 -6.15
CA GLU A 3 -13.73 8.53 -5.58
C GLU A 3 -13.75 8.47 -4.06
N LEU A 4 -12.74 7.83 -3.48
CA LEU A 4 -12.65 7.70 -2.04
C LEU A 4 -11.38 8.35 -1.50
N ASN A 5 -11.54 9.45 -0.77
CA ASN A 5 -10.40 10.16 -0.21
C ASN A 5 -9.50 9.22 0.58
N VAL A 6 -8.21 9.28 0.32
CA VAL A 6 -7.24 8.43 1.00
C VAL A 6 -5.97 9.20 1.35
N GLU A 7 -5.26 8.74 2.38
CA GLU A 7 -4.03 9.39 2.80
C GLU A 7 -3.09 8.40 3.48
N ILE A 8 -1.79 8.59 3.27
CA ILE A 8 -0.78 7.71 3.86
C ILE A 8 0.19 8.52 4.70
N VAL A 9 0.32 8.14 5.97
CA VAL A 9 1.20 8.84 6.89
C VAL A 9 2.40 7.98 7.28
N ALA A 10 3.59 8.58 7.25
CA ALA A 10 4.81 7.87 7.60
C ALA A 10 5.32 8.32 8.97
N VAL A 11 6.52 7.87 9.32
CA VAL A 11 7.12 8.21 10.61
C VAL A 11 7.83 9.57 10.54
N ASP A 12 8.33 9.90 9.36
CA ASP A 12 9.04 11.17 9.16
C ASP A 12 8.14 12.22 8.52
N ARG A 13 7.13 11.76 7.78
CA ARG A 13 6.20 12.68 7.12
C ARG A 13 5.09 11.91 6.41
N ASN A 14 4.30 12.62 5.62
CA ASN A 14 3.19 12.02 4.89
C ASN A 14 3.62 11.63 3.48
N ILE A 15 2.98 10.60 2.93
CA ILE A 15 3.30 10.13 1.59
C ILE A 15 2.42 10.82 0.54
N TRP A 16 1.12 10.54 0.60
CA TRP A 16 0.17 11.14 -0.34
C TRP A 16 -1.21 11.27 0.30
N SER A 17 -1.99 12.22 -0.19
CA SER A 17 -3.34 12.45 0.34
C SER A 17 -4.22 13.11 -0.71
N GLY A 18 -5.23 12.37 -1.18
CA GLY A 18 -6.13 12.90 -2.18
C GLY A 18 -7.39 12.06 -2.32
N THR A 19 -7.57 11.47 -3.50
CA THR A 19 -8.74 10.64 -3.76
C THR A 19 -8.40 9.53 -4.74
N ALA A 20 -8.96 8.35 -4.53
CA ALA A 20 -8.72 7.21 -5.40
C ALA A 20 -9.97 6.35 -5.57
N LYS A 21 -10.05 5.64 -6.68
CA LYS A 21 -11.19 4.76 -6.96
C LYS A 21 -11.22 3.59 -6.00
N PHE A 22 -10.09 2.88 -5.89
CA PHE A 22 -9.99 1.73 -5.00
C PHE A 22 -8.53 1.35 -4.77
N LEU A 23 -8.29 0.53 -3.76
CA LEU A 23 -6.94 0.09 -3.44
C LEU A 23 -6.95 -1.26 -2.75
N PHE A 24 -5.88 -2.03 -2.96
CA PHE A 24 -5.76 -3.36 -2.35
C PHE A 24 -4.55 -3.42 -1.44
N THR A 25 -4.78 -3.80 -0.18
CA THR A 25 -3.71 -3.91 0.80
C THR A 25 -3.84 -5.19 1.61
N ARG A 26 -2.75 -5.58 2.25
CA ARG A 26 -2.74 -6.80 3.07
C ARG A 26 -2.75 -6.45 4.55
N THR A 27 -3.66 -7.05 5.29
CA THR A 27 -3.78 -6.81 6.73
C THR A 27 -3.91 -8.12 7.49
N THR A 28 -4.25 -8.02 8.78
CA THR A 28 -4.40 -9.20 9.63
C THR A 28 -5.45 -10.14 9.05
N VAL A 29 -6.45 -9.57 8.39
CA VAL A 29 -7.52 -10.37 7.79
C VAL A 29 -7.12 -10.87 6.40
N GLY A 30 -6.15 -10.21 5.79
CA GLY A 30 -5.71 -10.61 4.47
C GLY A 30 -5.98 -9.55 3.42
N GLU A 31 -6.00 -9.95 2.16
CA GLU A 31 -6.24 -9.03 1.06
C GLU A 31 -7.61 -8.37 1.21
N ILE A 32 -7.63 -7.04 1.12
CA ILE A 32 -8.86 -6.28 1.24
C ILE A 32 -8.93 -5.17 0.20
N GLY A 33 -10.11 -5.02 -0.42
CA GLY A 33 -10.29 -3.99 -1.42
C GLY A 33 -11.17 -2.85 -0.93
N ILE A 34 -10.57 -1.69 -0.73
CA ILE A 34 -11.31 -0.53 -0.25
C ILE A 34 -12.00 0.20 -1.40
N LEU A 35 -13.29 0.49 -1.22
CA LEU A 35 -14.07 1.18 -2.24
C LEU A 35 -14.96 2.25 -1.62
N PRO A 36 -15.31 3.29 -2.39
CA PRO A 36 -16.17 4.38 -1.91
C PRO A 36 -17.57 3.91 -1.54
N ARG A 37 -18.28 4.72 -0.76
CA ARG A 37 -19.64 4.38 -0.35
C ARG A 37 -19.65 3.09 0.47
N HIS A 38 -18.61 2.89 1.27
CA HIS A 38 -18.50 1.71 2.10
C HIS A 38 -18.23 2.08 3.56
N ILE A 39 -18.68 1.23 4.48
CA ILE A 39 -18.49 1.48 5.90
C ILE A 39 -17.00 1.50 6.26
N PRO A 40 -16.62 2.29 7.29
CA PRO A 40 -15.23 2.40 7.73
C PRO A 40 -14.75 1.13 8.42
N LEU A 41 -13.43 0.94 8.45
CA LEU A 41 -12.85 -0.23 9.10
C LEU A 41 -11.35 -0.02 9.36
N VAL A 42 -10.86 -0.64 10.42
CA VAL A 42 -9.44 -0.52 10.78
C VAL A 42 -8.75 -1.87 10.71
N ALA A 43 -7.45 -1.85 10.43
CA ALA A 43 -6.66 -3.07 10.35
C ALA A 43 -5.18 -2.76 10.13
N GLN A 44 -4.32 -3.58 10.73
CA GLN A 44 -2.88 -3.39 10.61
C GLN A 44 -2.34 -4.12 9.38
N LEU A 45 -1.29 -3.58 8.78
CA LEU A 45 -0.68 -4.18 7.61
C LEU A 45 0.21 -5.36 8.00
N VAL A 46 0.79 -6.02 7.00
CA VAL A 46 1.65 -7.17 7.24
C VAL A 46 3.03 -6.97 6.62
N ASP A 47 3.43 -5.70 6.48
CA ASP A 47 4.73 -5.38 5.90
C ASP A 47 4.88 -6.00 4.52
N ASP A 48 3.88 -5.79 3.67
CA ASP A 48 3.90 -6.33 2.31
C ASP A 48 3.62 -5.24 1.29
N ALA A 49 4.22 -4.07 1.50
CA ALA A 49 4.04 -2.94 0.59
C ALA A 49 2.58 -2.51 0.54
N MET A 50 2.28 -1.53 -0.31
CA MET A 50 0.91 -1.03 -0.44
C MET A 50 0.57 -0.81 -1.92
N VAL A 51 -0.58 -1.33 -2.32
CA VAL A 51 -1.04 -1.19 -3.71
C VAL A 51 -2.40 -0.52 -3.76
N ARG A 52 -2.43 0.70 -4.31
CA ARG A 52 -3.68 1.46 -4.42
C ARG A 52 -3.83 2.07 -5.81
N VAL A 53 -5.06 2.18 -6.27
CA VAL A 53 -5.33 2.77 -7.58
C VAL A 53 -6.29 3.95 -7.48
N GLU A 54 -6.06 4.97 -8.29
CA GLU A 54 -6.91 6.16 -8.29
C GLU A 54 -7.96 6.09 -9.39
N ARG A 55 -8.07 4.93 -10.04
CA ARG A 55 -9.04 4.72 -11.10
C ARG A 55 -9.32 3.24 -11.29
N GLU A 56 -10.47 2.92 -11.88
CA GLU A 56 -10.83 1.53 -12.11
C GLU A 56 -10.14 0.98 -13.35
N GLY A 57 -9.26 0.01 -13.14
CA GLY A 57 -8.55 -0.62 -14.24
C GLY A 57 -7.70 0.37 -15.02
N GLU A 58 -7.16 1.38 -14.35
CA GLU A 58 -6.34 2.38 -15.03
C GLU A 58 -5.17 2.84 -14.15
N LYS A 59 -5.46 3.69 -13.18
CA LYS A 59 -4.43 4.21 -12.29
C LYS A 59 -3.82 3.08 -11.46
N ASP A 60 -2.61 3.30 -10.98
CA ASP A 60 -1.91 2.29 -10.17
C ASP A 60 -0.84 2.93 -9.31
N LEU A 61 -1.23 3.42 -8.14
CA LEU A 61 -0.30 4.06 -7.22
C LEU A 61 0.56 3.00 -6.53
N ARG A 62 1.81 2.88 -6.99
CA ARG A 62 2.74 1.91 -6.42
C ARG A 62 3.36 2.44 -5.13
N ILE A 63 2.99 1.84 -4.01
CA ILE A 63 3.51 2.25 -2.72
C ILE A 63 4.12 1.06 -1.98
N ALA A 64 5.04 1.35 -1.06
CA ALA A 64 5.70 0.31 -0.29
C ALA A 64 5.69 0.63 1.21
N VAL A 65 4.64 0.20 1.89
CA VAL A 65 4.50 0.43 3.32
C VAL A 65 5.04 -0.76 4.12
N ASP A 66 5.38 -0.50 5.39
CA ASP A 66 5.89 -1.56 6.26
C ASP A 66 5.31 -1.44 7.66
N GLY A 67 4.45 -2.39 8.01
CA GLY A 67 3.84 -2.39 9.33
C GLY A 67 3.19 -1.06 9.67
N GLY A 68 1.96 -0.86 9.21
CA GLY A 68 1.25 0.38 9.48
C GLY A 68 -0.18 0.15 9.92
N PHE A 69 -0.85 1.23 10.29
CA PHE A 69 -2.24 1.15 10.73
C PHE A 69 -3.18 1.70 9.66
N LEU A 70 -4.03 0.83 9.13
CA LEU A 70 -4.97 1.22 8.09
C LEU A 70 -6.32 1.62 8.68
N SER A 71 -6.73 2.85 8.42
CA SER A 71 -8.00 3.36 8.91
C SER A 71 -8.86 3.85 7.74
N VAL A 72 -9.81 3.03 7.33
CA VAL A 72 -10.69 3.37 6.23
C VAL A 72 -11.85 4.26 6.68
N THR A 73 -11.83 5.51 6.25
CA THR A 73 -12.88 6.46 6.61
C THR A 73 -13.33 7.27 5.39
N GLU A 74 -14.61 7.62 5.38
CA GLU A 74 -15.18 8.39 4.29
C GLU A 74 -14.57 9.79 4.25
N GLU A 75 -14.15 10.28 5.41
CA GLU A 75 -13.55 11.60 5.50
C GLU A 75 -12.21 11.64 4.78
N GLY A 76 -11.61 10.45 4.60
CA GLY A 76 -10.34 10.37 3.92
C GLY A 76 -9.42 9.33 4.54
N VAL A 77 -9.59 8.07 4.13
CA VAL A 77 -8.78 6.96 4.63
C VAL A 77 -7.38 7.41 5.06
N SER A 78 -6.86 6.79 6.13
CA SER A 78 -5.55 7.14 6.65
C SER A 78 -4.73 5.88 6.91
N ILE A 79 -3.48 5.89 6.47
CA ILE A 79 -2.59 4.75 6.65
C ILE A 79 -1.27 5.18 7.28
N LEU A 80 -1.11 4.87 8.56
CA LEU A 80 0.11 5.22 9.28
C LEU A 80 1.13 4.09 9.19
N ALA A 81 2.04 4.20 8.24
CA ALA A 81 3.06 3.18 8.05
C ALA A 81 4.37 3.57 8.74
N GLU A 82 5.18 2.58 9.07
CA GLU A 82 6.46 2.82 9.72
C GLU A 82 7.54 3.16 8.71
N SER A 83 7.34 2.72 7.47
CA SER A 83 8.31 2.99 6.40
C SER A 83 7.64 2.86 5.03
N ALA A 84 7.03 3.96 4.58
CA ALA A 84 6.35 3.98 3.29
C ALA A 84 7.29 4.49 2.20
N GLU A 85 6.92 4.22 0.95
CA GLU A 85 7.73 4.66 -0.19
C GLU A 85 6.85 4.91 -1.41
N PHE A 86 7.41 5.64 -2.38
CA PHE A 86 6.68 5.97 -3.61
C PHE A 86 6.98 4.94 -4.70
N GLU A 87 6.19 4.97 -5.76
CA GLU A 87 6.36 4.06 -6.89
C GLU A 87 7.79 4.13 -7.44
N SER A 88 8.44 5.26 -7.22
CA SER A 88 9.81 5.46 -7.71
C SER A 88 10.81 4.64 -6.88
N GLU A 89 10.37 4.18 -5.71
CA GLU A 89 11.24 3.39 -4.84
C GLU A 89 10.95 1.91 -4.99
N ILE A 90 10.59 1.50 -6.21
CA ILE A 90 10.29 0.11 -6.48
C ILE A 90 10.95 -0.36 -7.78
N ASP A 91 12.06 0.27 -8.12
CA ASP A 91 12.80 -0.07 -9.33
C ASP A 91 13.37 -1.48 -9.24
N GLU A 92 13.55 -2.12 -10.39
CA GLU A 92 14.08 -3.48 -10.46
C GLU A 92 15.29 -3.63 -9.54
N ALA A 93 16.06 -2.57 -9.40
CA ALA A 93 17.25 -2.59 -8.55
C ALA A 93 16.89 -2.99 -7.13
N ALA A 94 15.87 -2.35 -6.58
CA ALA A 94 15.42 -2.65 -5.22
C ALA A 94 14.82 -4.04 -5.15
N ALA A 95 14.09 -4.43 -6.20
CA ALA A 95 13.46 -5.73 -6.25
C ALA A 95 14.47 -6.84 -6.02
N LYS A 96 15.69 -6.63 -6.50
CA LYS A 96 16.76 -7.61 -6.34
C LYS A 96 17.32 -7.58 -4.93
N GLN A 97 17.63 -6.38 -4.45
CA GLN A 97 18.17 -6.22 -3.12
C GLN A 97 17.26 -6.82 -2.07
N ASP A 98 15.98 -6.45 -2.12
CA ASP A 98 15.02 -6.96 -1.17
C ASP A 98 14.75 -8.45 -1.41
N SER A 99 14.89 -8.86 -2.67
CA SER A 99 14.67 -10.26 -3.03
C SER A 99 15.61 -11.17 -2.25
N GLU A 100 16.83 -10.69 -2.01
CA GLU A 100 17.82 -11.46 -1.26
C GLU A 100 17.32 -11.78 0.14
N SER A 101 16.31 -11.02 0.61
CA SER A 101 15.74 -11.23 1.93
C SER A 101 16.82 -11.23 3.00
N ASP A 102 17.47 -10.09 3.18
CA ASP A 102 18.53 -9.95 4.18
C ASP A 102 17.96 -9.47 5.52
N ASP A 103 16.63 -9.41 5.62
CA ASP A 103 15.97 -8.96 6.84
C ASP A 103 14.53 -9.45 6.88
N PRO A 104 13.89 -9.40 8.07
CA PRO A 104 12.50 -9.82 8.24
C PRO A 104 11.53 -8.94 7.46
N ARG A 105 11.70 -7.63 7.58
CA ARG A 105 10.85 -6.68 6.90
C ARG A 105 11.16 -6.63 5.41
N ILE A 106 12.45 -6.70 5.07
CA ILE A 106 12.88 -6.66 3.68
C ILE A 106 12.44 -7.92 2.93
N ALA A 107 12.44 -9.04 3.64
CA ALA A 107 12.05 -10.32 3.05
C ALA A 107 10.57 -10.33 2.69
N ALA A 108 9.72 -10.07 3.68
CA ALA A 108 8.29 -10.03 3.47
C ALA A 108 7.90 -9.01 2.41
N ARG A 109 8.53 -7.83 2.49
CA ARG A 109 8.27 -6.76 1.54
C ARG A 109 8.87 -7.10 0.17
N GLY A 110 9.96 -7.85 0.19
CA GLY A 110 10.62 -8.24 -1.05
C GLY A 110 9.67 -8.99 -1.98
N ARG A 111 9.07 -10.06 -1.46
CA ARG A 111 8.14 -10.86 -2.24
C ARG A 111 6.89 -10.05 -2.57
N ALA A 112 6.44 -9.24 -1.63
CA ALA A 112 5.26 -8.41 -1.82
C ALA A 112 5.52 -7.34 -2.87
N ARG A 113 6.75 -6.84 -2.90
CA ARG A 113 7.13 -5.81 -3.86
C ARG A 113 7.25 -6.38 -5.27
N LEU A 114 7.98 -7.48 -5.40
CA LEU A 114 8.17 -8.13 -6.69
C LEU A 114 6.82 -8.42 -7.35
N ARG A 115 5.91 -8.99 -6.58
CA ARG A 115 4.58 -9.32 -7.09
C ARG A 115 3.85 -8.07 -7.56
N ALA A 116 3.92 -7.02 -6.76
CA ALA A 116 3.27 -5.75 -7.09
C ALA A 116 3.94 -5.09 -8.29
N VAL A 117 5.25 -5.30 -8.43
CA VAL A 117 6.00 -4.73 -9.53
C VAL A 117 5.76 -5.48 -10.83
N GLY A 118 5.12 -6.64 -10.74
CA GLY A 118 4.84 -7.43 -11.92
C GLY A 118 5.79 -8.59 -12.09
N ALA A 119 6.34 -9.07 -10.97
CA ALA A 119 7.27 -10.19 -11.00
C ALA A 119 6.57 -11.51 -11.28
N ILE A 120 5.25 -11.52 -11.11
CA ILE A 120 4.45 -12.73 -11.35
C ILE A 120 3.67 -12.65 -12.65
N ASP A 121 3.79 -11.51 -13.32
CA ASP A 121 3.09 -11.31 -14.59
C ASP A 121 1.60 -11.14 -14.37
N MET A 1 -18.12 4.29 -9.03
CA MET A 1 -18.07 5.59 -9.73
C MET A 1 -18.00 6.75 -8.73
N ALA A 2 -17.32 6.52 -7.62
CA ALA A 2 -17.18 7.55 -6.58
C ALA A 2 -15.73 7.68 -6.14
N GLU A 3 -15.35 8.88 -5.71
CA GLU A 3 -13.98 9.14 -5.26
C GLU A 3 -13.93 9.26 -3.74
N LEU A 4 -13.00 8.53 -3.13
CA LEU A 4 -12.83 8.56 -1.67
C LEU A 4 -11.46 9.09 -1.30
N ASN A 5 -11.44 10.11 -0.44
CA ASN A 5 -10.18 10.71 -0.01
C ASN A 5 -9.32 9.68 0.73
N VAL A 6 -8.02 9.72 0.48
CA VAL A 6 -7.10 8.79 1.10
C VAL A 6 -5.74 9.44 1.36
N GLU A 7 -5.03 8.97 2.38
CA GLU A 7 -3.72 9.51 2.72
C GLU A 7 -2.86 8.45 3.41
N ILE A 8 -1.55 8.54 3.19
CA ILE A 8 -0.62 7.59 3.79
C ILE A 8 0.42 8.33 4.62
N VAL A 9 0.46 8.04 5.91
CA VAL A 9 1.41 8.70 6.80
C VAL A 9 2.60 7.78 7.11
N ALA A 10 3.80 8.34 7.04
CA ALA A 10 5.02 7.60 7.30
C ALA A 10 5.61 7.97 8.66
N VAL A 11 6.86 7.58 8.89
CA VAL A 11 7.54 7.88 10.15
C VAL A 11 8.15 9.28 10.12
N ASP A 12 8.77 9.62 8.99
CA ASP A 12 9.41 10.92 8.85
C ASP A 12 8.40 11.98 8.37
N ARG A 13 7.36 11.53 7.68
CA ARG A 13 6.33 12.43 7.17
C ARG A 13 5.26 11.67 6.40
N ASN A 14 4.41 12.40 5.70
CA ASN A 14 3.33 11.79 4.92
C ASN A 14 3.81 11.49 3.51
N ILE A 15 3.25 10.43 2.93
CA ILE A 15 3.62 10.02 1.57
C ILE A 15 2.74 10.70 0.54
N TRP A 16 1.47 10.32 0.51
CA TRP A 16 0.51 10.90 -0.43
C TRP A 16 -0.83 11.15 0.23
N SER A 17 -1.57 12.12 -0.29
CA SER A 17 -2.88 12.46 0.25
C SER A 17 -3.76 13.11 -0.81
N GLY A 18 -4.91 12.49 -1.07
CA GLY A 18 -5.83 13.00 -2.07
C GLY A 18 -7.06 12.15 -2.21
N THR A 19 -7.52 11.98 -3.44
CA THR A 19 -8.71 11.17 -3.70
C THR A 19 -8.36 9.92 -4.51
N ALA A 20 -8.99 8.81 -4.16
CA ALA A 20 -8.74 7.55 -4.85
C ALA A 20 -10.04 6.79 -5.08
N LYS A 21 -10.01 5.87 -6.04
CA LYS A 21 -11.19 5.08 -6.37
C LYS A 21 -11.29 3.86 -5.45
N PHE A 22 -10.17 3.14 -5.32
CA PHE A 22 -10.15 1.95 -4.47
C PHE A 22 -8.72 1.43 -4.30
N LEU A 23 -8.53 0.54 -3.32
CA LEU A 23 -7.22 -0.03 -3.05
C LEU A 23 -7.33 -1.48 -2.60
N PHE A 24 -6.28 -2.26 -2.83
CA PHE A 24 -6.26 -3.66 -2.45
C PHE A 24 -5.07 -3.96 -1.55
N THR A 25 -5.33 -4.08 -0.25
CA THR A 25 -4.28 -4.35 0.72
C THR A 25 -4.54 -5.65 1.47
N ARG A 26 -3.60 -6.03 2.34
CA ARG A 26 -3.73 -7.25 3.11
C ARG A 26 -3.54 -6.97 4.60
N THR A 27 -4.41 -7.55 5.43
CA THR A 27 -4.32 -7.36 6.87
C THR A 27 -4.53 -8.68 7.61
N THR A 28 -4.76 -8.61 8.91
CA THR A 28 -4.98 -9.80 9.72
C THR A 28 -6.14 -10.62 9.16
N VAL A 29 -7.13 -9.93 8.61
CA VAL A 29 -8.29 -10.59 8.03
C VAL A 29 -7.96 -11.17 6.65
N GLY A 30 -6.96 -10.60 6.01
CA GLY A 30 -6.56 -11.06 4.69
C GLY A 30 -6.78 -10.02 3.62
N GLU A 31 -6.74 -10.46 2.35
CA GLU A 31 -6.93 -9.54 1.23
C GLU A 31 -8.26 -8.81 1.35
N ILE A 32 -8.21 -7.48 1.28
CA ILE A 32 -9.40 -6.66 1.37
C ILE A 32 -9.39 -5.54 0.33
N GLY A 33 -10.54 -5.30 -0.28
CA GLY A 33 -10.64 -4.26 -1.29
C GLY A 33 -11.62 -3.17 -0.90
N ILE A 34 -11.10 -1.96 -0.70
CA ILE A 34 -11.94 -0.82 -0.33
C ILE A 34 -12.47 -0.10 -1.55
N LEU A 35 -13.77 -0.20 -1.78
CA LEU A 35 -14.40 0.45 -2.92
C LEU A 35 -15.23 1.66 -2.47
N PRO A 36 -15.56 2.56 -3.41
CA PRO A 36 -16.35 3.76 -3.10
C PRO A 36 -17.64 3.44 -2.36
N ARG A 37 -18.05 4.32 -1.46
CA ARG A 37 -19.27 4.12 -0.69
C ARG A 37 -19.18 2.85 0.15
N HIS A 38 -18.23 2.83 1.09
CA HIS A 38 -18.03 1.68 1.96
C HIS A 38 -18.12 2.09 3.42
N ILE A 39 -17.86 1.13 4.32
CA ILE A 39 -17.91 1.38 5.75
C ILE A 39 -16.51 1.55 6.33
N PRO A 40 -16.36 2.40 7.36
CA PRO A 40 -15.07 2.65 8.00
C PRO A 40 -14.60 1.46 8.84
N LEU A 41 -13.29 1.32 8.99
CA LEU A 41 -12.72 0.23 9.77
C LEU A 41 -11.22 0.43 9.97
N VAL A 42 -10.64 -0.39 10.85
CA VAL A 42 -9.21 -0.29 11.14
C VAL A 42 -8.58 -1.68 11.22
N ALA A 43 -7.31 -1.78 10.83
CA ALA A 43 -6.59 -3.04 10.86
C ALA A 43 -5.10 -2.83 10.64
N GLN A 44 -4.30 -3.78 11.10
CA GLN A 44 -2.85 -3.71 10.96
C GLN A 44 -2.37 -4.49 9.75
N LEU A 45 -1.50 -3.87 8.96
CA LEU A 45 -0.97 -4.51 7.76
C LEU A 45 -0.09 -5.70 8.13
N VAL A 46 0.44 -6.38 7.10
CA VAL A 46 1.30 -7.54 7.32
C VAL A 46 2.66 -7.36 6.64
N ASP A 47 3.08 -6.10 6.49
CA ASP A 47 4.36 -5.80 5.85
C ASP A 47 4.43 -6.40 4.46
N ASP A 48 3.41 -6.14 3.65
CA ASP A 48 3.36 -6.66 2.28
C ASP A 48 3.11 -5.54 1.29
N ALA A 49 3.80 -4.41 1.49
CA ALA A 49 3.67 -3.26 0.62
C ALA A 49 2.25 -2.70 0.65
N MET A 50 1.99 -1.71 -0.19
CA MET A 50 0.67 -1.10 -0.25
C MET A 50 0.23 -0.89 -1.70
N VAL A 51 -0.93 -1.44 -2.04
CA VAL A 51 -1.47 -1.32 -3.39
C VAL A 51 -2.78 -0.54 -3.39
N ARG A 52 -2.74 0.69 -3.90
CA ARG A 52 -3.91 1.54 -3.95
C ARG A 52 -4.04 2.20 -5.32
N VAL A 53 -5.27 2.27 -5.84
CA VAL A 53 -5.50 2.89 -7.14
C VAL A 53 -6.41 4.11 -6.98
N GLU A 54 -6.17 5.12 -7.80
CA GLU A 54 -6.96 6.35 -7.74
C GLU A 54 -8.14 6.29 -8.72
N ARG A 55 -8.03 5.44 -9.73
CA ARG A 55 -9.08 5.30 -10.73
C ARG A 55 -8.99 3.95 -11.43
N GLU A 56 -10.15 3.41 -11.81
CA GLU A 56 -10.20 2.12 -12.49
C GLU A 56 -9.87 2.28 -13.97
N GLY A 57 -9.35 1.21 -14.57
CA GLY A 57 -8.99 1.25 -15.97
C GLY A 57 -7.50 1.16 -16.21
N GLU A 58 -6.73 1.82 -15.35
CA GLU A 58 -5.27 1.80 -15.47
C GLU A 58 -4.61 2.41 -14.25
N LYS A 59 -5.19 3.49 -13.73
CA LYS A 59 -4.65 4.17 -12.56
C LYS A 59 -4.35 3.17 -11.44
N ASP A 60 -3.19 3.33 -10.81
CA ASP A 60 -2.78 2.44 -9.73
C ASP A 60 -1.51 2.94 -9.06
N LEU A 61 -1.65 3.40 -7.82
CA LEU A 61 -0.52 3.91 -7.06
C LEU A 61 0.25 2.76 -6.41
N ARG A 62 1.47 2.53 -6.90
CA ARG A 62 2.30 1.46 -6.37
C ARG A 62 3.07 1.93 -5.14
N ILE A 63 2.62 1.51 -3.97
CA ILE A 63 3.26 1.89 -2.71
C ILE A 63 3.81 0.67 -2.00
N ALA A 64 4.80 0.90 -1.13
CA ALA A 64 5.43 -0.19 -0.39
C ALA A 64 5.59 0.18 1.09
N VAL A 65 4.61 -0.19 1.90
CA VAL A 65 4.64 0.09 3.33
C VAL A 65 5.12 -1.12 4.12
N ASP A 66 5.57 -0.88 5.35
CA ASP A 66 6.05 -1.97 6.21
C ASP A 66 5.47 -1.84 7.61
N GLY A 67 4.59 -2.77 7.97
CA GLY A 67 3.99 -2.75 9.30
C GLY A 67 3.37 -1.41 9.64
N GLY A 68 2.15 -1.18 9.20
CA GLY A 68 1.47 0.07 9.47
C GLY A 68 0.03 -0.12 9.91
N PHE A 69 -0.65 0.98 10.21
CA PHE A 69 -2.04 0.93 10.65
C PHE A 69 -2.95 1.55 9.60
N LEU A 70 -3.90 0.76 9.09
CA LEU A 70 -4.83 1.24 8.08
C LEU A 70 -6.16 1.64 8.69
N SER A 71 -6.55 2.90 8.48
CA SER A 71 -7.80 3.41 9.00
C SER A 71 -8.67 3.95 7.86
N VAL A 72 -9.65 3.17 7.44
CA VAL A 72 -10.53 3.57 6.35
C VAL A 72 -11.64 4.48 6.84
N THR A 73 -11.68 5.70 6.32
CA THR A 73 -12.70 6.67 6.70
C THR A 73 -13.12 7.51 5.50
N GLU A 74 -14.39 7.90 5.49
CA GLU A 74 -14.94 8.71 4.40
C GLU A 74 -14.30 10.09 4.39
N GLU A 75 -13.90 10.56 5.57
CA GLU A 75 -13.27 11.87 5.69
C GLU A 75 -11.90 11.86 5.02
N GLY A 76 -11.33 10.67 4.86
CA GLY A 76 -10.04 10.55 4.23
C GLY A 76 -9.17 9.46 4.85
N VAL A 77 -9.36 8.23 4.38
CA VAL A 77 -8.59 7.07 4.89
C VAL A 77 -7.20 7.48 5.35
N SER A 78 -6.72 6.84 6.41
CA SER A 78 -5.40 7.14 6.95
C SER A 78 -4.59 5.87 7.16
N ILE A 79 -3.37 5.86 6.63
CA ILE A 79 -2.50 4.70 6.74
C ILE A 79 -1.14 5.10 7.31
N LEU A 80 -0.92 4.76 8.57
CA LEU A 80 0.35 5.09 9.23
C LEU A 80 1.33 3.94 9.10
N ALA A 81 2.21 4.03 8.11
CA ALA A 81 3.21 2.99 7.87
C ALA A 81 4.55 3.37 8.48
N GLU A 82 5.35 2.36 8.82
CA GLU A 82 6.66 2.58 9.41
C GLU A 82 7.71 2.83 8.33
N SER A 83 7.42 2.35 7.12
CA SER A 83 8.35 2.51 6.00
C SER A 83 7.61 2.43 4.67
N ALA A 84 7.09 3.56 4.22
CA ALA A 84 6.34 3.62 2.96
C ALA A 84 7.26 4.07 1.81
N GLU A 85 6.86 3.72 0.59
CA GLU A 85 7.64 4.08 -0.59
C GLU A 85 6.72 4.37 -1.77
N PHE A 86 7.23 5.14 -2.74
CA PHE A 86 6.47 5.49 -3.92
C PHE A 86 6.66 4.46 -5.02
N GLU A 87 5.80 4.52 -6.04
CA GLU A 87 5.88 3.59 -7.17
C GLU A 87 7.27 3.60 -7.79
N SER A 88 7.92 4.77 -7.76
CA SER A 88 9.26 4.91 -8.32
C SER A 88 10.31 4.29 -7.41
N GLU A 89 9.89 3.86 -6.22
CA GLU A 89 10.81 3.24 -5.26
C GLU A 89 10.68 1.73 -5.31
N ILE A 90 10.42 1.20 -6.50
CA ILE A 90 10.28 -0.23 -6.67
C ILE A 90 10.95 -0.70 -7.95
N ASP A 91 12.03 -0.02 -8.33
CA ASP A 91 12.77 -0.37 -9.54
C ASP A 91 13.51 -1.69 -9.35
N GLU A 92 13.75 -2.39 -10.46
CA GLU A 92 14.44 -3.68 -10.43
C GLU A 92 15.65 -3.64 -9.50
N ALA A 93 16.27 -2.47 -9.41
CA ALA A 93 17.44 -2.30 -8.55
C ALA A 93 17.08 -2.54 -7.09
N ALA A 94 16.02 -1.88 -6.63
CA ALA A 94 15.57 -2.03 -5.25
C ALA A 94 14.89 -3.38 -5.05
N ALA A 95 14.24 -3.87 -6.09
CA ALA A 95 13.56 -5.15 -6.04
C ALA A 95 14.55 -6.29 -5.84
N LYS A 96 15.80 -6.07 -6.26
CA LYS A 96 16.84 -7.07 -6.14
C LYS A 96 17.47 -7.04 -4.75
N GLN A 97 17.91 -5.86 -4.33
CA GLN A 97 18.54 -5.71 -3.02
C GLN A 97 17.58 -6.14 -1.91
N ASP A 98 16.29 -5.93 -2.15
CA ASP A 98 15.27 -6.29 -1.18
C ASP A 98 14.90 -7.77 -1.32
N SER A 99 14.95 -8.27 -2.56
CA SER A 99 14.64 -9.66 -2.84
C SER A 99 15.59 -10.58 -2.08
N GLU A 100 16.80 -10.10 -1.83
CA GLU A 100 17.80 -10.87 -1.11
C GLU A 100 17.38 -11.12 0.34
N SER A 101 16.38 -10.37 0.80
CA SER A 101 15.87 -10.52 2.17
C SER A 101 16.91 -10.03 3.18
N ASP A 102 17.46 -8.84 2.93
CA ASP A 102 18.45 -8.27 3.83
C ASP A 102 17.86 -8.04 5.22
N ASP A 103 16.53 -8.01 5.30
CA ASP A 103 15.85 -7.80 6.57
C ASP A 103 14.45 -8.41 6.55
N PRO A 104 13.84 -8.63 7.72
CA PRO A 104 12.50 -9.21 7.82
C PRO A 104 11.48 -8.50 6.94
N ARG A 105 11.33 -7.20 7.15
CA ARG A 105 10.39 -6.41 6.37
C ARG A 105 10.77 -6.43 4.90
N ILE A 106 12.07 -6.49 4.62
CA ILE A 106 12.57 -6.53 3.26
C ILE A 106 12.12 -7.81 2.54
N ALA A 107 12.09 -8.91 3.28
CA ALA A 107 11.69 -10.19 2.71
C ALA A 107 10.21 -10.20 2.36
N ALA A 108 9.37 -9.96 3.36
CA ALA A 108 7.93 -9.94 3.16
C ALA A 108 7.54 -8.87 2.14
N ARG A 109 8.11 -7.68 2.29
CA ARG A 109 7.83 -6.57 1.38
C ARG A 109 8.48 -6.81 0.03
N GLY A 110 9.63 -7.47 0.04
CA GLY A 110 10.34 -7.76 -1.19
C GLY A 110 9.50 -8.56 -2.16
N ARG A 111 8.93 -9.65 -1.66
CA ARG A 111 8.08 -10.51 -2.49
C ARG A 111 6.80 -9.78 -2.89
N ALA A 112 6.26 -9.01 -1.96
CA ALA A 112 5.04 -8.24 -2.20
C ALA A 112 5.26 -7.23 -3.31
N ARG A 113 6.44 -6.61 -3.33
CA ARG A 113 6.78 -5.61 -4.33
C ARG A 113 6.87 -6.24 -5.72
N LEU A 114 7.62 -7.33 -5.81
CA LEU A 114 7.79 -8.04 -7.09
C LEU A 114 6.44 -8.38 -7.71
N ARG A 115 5.54 -8.94 -6.90
CA ARG A 115 4.22 -9.32 -7.37
C ARG A 115 3.48 -8.09 -7.92
N ALA A 116 3.64 -6.96 -7.24
CA ALA A 116 2.99 -5.72 -7.65
C ALA A 116 3.66 -5.13 -8.88
N VAL A 117 4.96 -5.39 -9.03
CA VAL A 117 5.72 -4.89 -10.17
C VAL A 117 5.42 -5.69 -11.44
N GLY A 118 4.77 -6.85 -11.28
CA GLY A 118 4.45 -7.68 -12.42
C GLY A 118 5.52 -8.70 -12.72
N ALA A 119 6.22 -9.14 -11.68
CA ALA A 119 7.28 -10.13 -11.84
C ALA A 119 6.85 -11.49 -11.32
N ILE A 120 6.63 -11.57 -10.00
CA ILE A 120 6.20 -12.81 -9.36
C ILE A 120 7.31 -13.84 -9.39
N ASP A 121 7.64 -14.33 -10.59
CA ASP A 121 8.69 -15.32 -10.74
C ASP A 121 10.07 -14.67 -10.78
N MET A 1 -17.96 3.39 -8.66
CA MET A 1 -18.29 4.55 -9.51
C MET A 1 -18.23 5.86 -8.73
N ALA A 2 -17.27 5.94 -7.81
CA ALA A 2 -17.09 7.14 -7.00
C ALA A 2 -15.64 7.30 -6.57
N GLU A 3 -15.33 8.47 -6.00
CA GLU A 3 -13.97 8.74 -5.54
C GLU A 3 -13.89 8.74 -4.01
N LEU A 4 -12.82 8.15 -3.49
CA LEU A 4 -12.63 8.08 -2.05
C LEU A 4 -11.27 8.65 -1.67
N ASN A 5 -11.27 9.68 -0.82
CA ASN A 5 -10.04 10.32 -0.38
C ASN A 5 -9.19 9.34 0.42
N VAL A 6 -7.89 9.33 0.15
CA VAL A 6 -6.97 8.46 0.85
C VAL A 6 -5.67 9.17 1.19
N GLU A 7 -4.97 8.68 2.21
CA GLU A 7 -3.71 9.27 2.63
C GLU A 7 -2.81 8.23 3.29
N ILE A 8 -1.51 8.34 3.03
CA ILE A 8 -0.54 7.41 3.61
C ILE A 8 0.51 8.16 4.41
N VAL A 9 0.52 7.95 5.72
CA VAL A 9 1.47 8.63 6.59
C VAL A 9 2.65 7.72 6.92
N ALA A 10 3.86 8.29 6.88
CA ALA A 10 5.07 7.54 7.19
C ALA A 10 5.62 7.93 8.55
N VAL A 11 6.85 7.51 8.83
CA VAL A 11 7.50 7.81 10.10
C VAL A 11 8.16 9.20 10.07
N ASP A 12 8.68 9.57 8.91
CA ASP A 12 9.34 10.86 8.75
C ASP A 12 8.38 11.91 8.20
N ARG A 13 7.37 11.47 7.47
CA ARG A 13 6.39 12.38 6.90
C ARG A 13 5.32 11.60 6.12
N ASN A 14 4.41 12.34 5.48
CA ASN A 14 3.34 11.73 4.71
C ASN A 14 3.83 11.38 3.30
N ILE A 15 3.27 10.32 2.74
CA ILE A 15 3.64 9.88 1.41
C ILE A 15 2.74 10.50 0.34
N TRP A 16 1.48 10.11 0.34
CA TRP A 16 0.51 10.63 -0.62
C TRP A 16 -0.82 10.95 0.06
N SER A 17 -1.54 11.91 -0.50
CA SER A 17 -2.83 12.31 0.05
C SER A 17 -3.72 12.92 -1.03
N GLY A 18 -4.81 12.23 -1.36
CA GLY A 18 -5.72 12.72 -2.38
C GLY A 18 -6.93 11.83 -2.54
N THR A 19 -7.44 11.74 -3.76
CA THR A 19 -8.61 10.91 -4.04
C THR A 19 -8.24 9.72 -4.91
N ALA A 20 -8.99 8.63 -4.76
CA ALA A 20 -8.75 7.43 -5.54
C ALA A 20 -10.04 6.65 -5.78
N LYS A 21 -9.99 5.67 -6.66
CA LYS A 21 -11.15 4.86 -6.97
C LYS A 21 -11.23 3.63 -6.07
N PHE A 22 -10.08 2.98 -5.87
CA PHE A 22 -10.04 1.80 -5.01
C PHE A 22 -8.60 1.35 -4.76
N LEU A 23 -8.43 0.48 -3.77
CA LEU A 23 -7.10 -0.02 -3.41
C LEU A 23 -7.20 -1.43 -2.84
N PHE A 24 -6.12 -2.20 -2.97
CA PHE A 24 -6.08 -3.56 -2.46
C PHE A 24 -4.90 -3.75 -1.52
N THR A 25 -5.18 -3.76 -0.22
CA THR A 25 -4.13 -3.94 0.78
C THR A 25 -4.28 -5.27 1.49
N ARG A 26 -3.37 -5.55 2.43
CA ARG A 26 -3.40 -6.80 3.18
C ARG A 26 -3.40 -6.53 4.68
N THR A 27 -4.31 -7.20 5.39
CA THR A 27 -4.40 -7.03 6.84
C THR A 27 -4.51 -8.38 7.54
N THR A 28 -4.86 -8.35 8.82
CA THR A 28 -5.00 -9.59 9.60
C THR A 28 -6.02 -10.52 8.96
N VAL A 29 -7.03 -9.94 8.31
CA VAL A 29 -8.07 -10.72 7.66
C VAL A 29 -7.62 -11.20 6.28
N GLY A 30 -6.61 -10.53 5.72
CA GLY A 30 -6.11 -10.91 4.42
C GLY A 30 -6.33 -9.83 3.38
N GLU A 31 -6.27 -10.22 2.10
CA GLU A 31 -6.47 -9.27 1.01
C GLU A 31 -7.84 -8.60 1.11
N ILE A 32 -7.84 -7.28 1.10
CA ILE A 32 -9.07 -6.51 1.19
C ILE A 32 -9.12 -5.41 0.13
N GLY A 33 -10.28 -5.23 -0.48
CA GLY A 33 -10.44 -4.21 -1.50
C GLY A 33 -11.38 -3.11 -1.08
N ILE A 34 -10.86 -1.90 -0.95
CA ILE A 34 -11.66 -0.74 -0.55
C ILE A 34 -12.27 -0.05 -1.76
N LEU A 35 -13.58 0.15 -1.73
CA LEU A 35 -14.29 0.80 -2.82
C LEU A 35 -15.31 1.81 -2.29
N PRO A 36 -15.77 2.73 -3.15
CA PRO A 36 -16.75 3.75 -2.76
C PRO A 36 -17.98 3.14 -2.09
N ARG A 37 -17.92 3.02 -0.76
CA ARG A 37 -19.03 2.46 0.00
C ARG A 37 -18.78 2.58 1.50
N HIS A 38 -18.16 3.69 1.90
CA HIS A 38 -17.85 3.94 3.31
C HIS A 38 -16.87 2.89 3.84
N ILE A 39 -17.39 1.70 4.18
CA ILE A 39 -16.57 0.62 4.71
C ILE A 39 -15.53 1.11 5.70
N PRO A 40 -15.97 1.83 6.75
CA PRO A 40 -15.08 2.37 7.78
C PRO A 40 -14.59 1.30 8.75
N LEU A 41 -13.28 1.23 8.94
CA LEU A 41 -12.68 0.25 9.84
C LEU A 41 -11.18 0.44 9.95
N VAL A 42 -10.58 -0.19 10.95
CA VAL A 42 -9.14 -0.09 11.17
C VAL A 42 -8.51 -1.47 11.26
N ALA A 43 -7.29 -1.59 10.73
CA ALA A 43 -6.57 -2.86 10.74
C ALA A 43 -5.07 -2.65 10.59
N GLN A 44 -4.29 -3.59 11.07
CA GLN A 44 -2.83 -3.52 10.99
C GLN A 44 -2.31 -4.29 9.79
N LEU A 45 -1.34 -3.71 9.09
CA LEU A 45 -0.75 -4.36 7.92
C LEU A 45 0.22 -5.46 8.33
N VAL A 46 0.61 -6.29 7.38
CA VAL A 46 1.53 -7.39 7.64
C VAL A 46 2.86 -7.18 6.90
N ASP A 47 3.21 -5.92 6.67
CA ASP A 47 4.45 -5.59 5.97
C ASP A 47 4.49 -6.22 4.59
N ASP A 48 3.37 -6.17 3.88
CA ASP A 48 3.27 -6.74 2.54
C ASP A 48 3.10 -5.64 1.50
N ALA A 49 3.85 -4.55 1.66
CA ALA A 49 3.78 -3.43 0.73
C ALA A 49 2.37 -2.86 0.67
N MET A 50 2.14 -1.96 -0.30
CA MET A 50 0.83 -1.35 -0.47
C MET A 50 0.45 -1.28 -1.95
N VAL A 51 -0.85 -1.42 -2.21
CA VAL A 51 -1.36 -1.37 -3.58
C VAL A 51 -2.66 -0.60 -3.65
N ARG A 52 -2.60 0.60 -4.20
CA ARG A 52 -3.80 1.44 -4.32
C ARG A 52 -3.89 2.05 -5.72
N VAL A 53 -5.12 2.17 -6.22
CA VAL A 53 -5.35 2.74 -7.54
C VAL A 53 -6.28 3.95 -7.44
N GLU A 54 -6.00 4.98 -8.24
CA GLU A 54 -6.80 6.19 -8.23
C GLU A 54 -7.97 6.08 -9.21
N ARG A 55 -7.81 5.24 -10.23
CA ARG A 55 -8.86 5.04 -11.22
C ARG A 55 -9.22 3.57 -11.34
N GLU A 56 -10.38 3.29 -11.91
CA GLU A 56 -10.84 1.91 -12.07
C GLU A 56 -10.17 1.26 -13.29
N GLY A 57 -9.37 0.24 -13.03
CA GLY A 57 -8.69 -0.46 -14.10
C GLY A 57 -7.77 0.44 -14.92
N GLU A 58 -7.17 1.42 -14.27
CA GLU A 58 -6.26 2.34 -14.95
C GLU A 58 -5.04 2.65 -14.09
N LYS A 59 -5.14 3.64 -13.21
CA LYS A 59 -4.03 4.02 -12.35
C LYS A 59 -3.60 2.85 -11.48
N ASP A 60 -2.47 3.00 -10.80
CA ASP A 60 -1.95 1.95 -9.93
C ASP A 60 -0.78 2.45 -9.09
N LEU A 61 -1.10 3.14 -7.99
CA LEU A 61 -0.08 3.66 -7.10
C LEU A 61 0.65 2.53 -6.39
N ARG A 62 1.86 2.22 -6.87
CA ARG A 62 2.66 1.16 -6.29
C ARG A 62 3.45 1.67 -5.08
N ILE A 63 2.98 1.32 -3.89
CA ILE A 63 3.62 1.74 -2.66
C ILE A 63 4.11 0.53 -1.87
N ALA A 64 5.18 0.73 -1.10
CA ALA A 64 5.76 -0.35 -0.31
C ALA A 64 5.83 0.03 1.17
N VAL A 65 4.79 -0.31 1.92
CA VAL A 65 4.74 -0.01 3.34
C VAL A 65 5.26 -1.18 4.17
N ASP A 66 5.51 -0.93 5.44
CA ASP A 66 6.02 -1.97 6.33
C ASP A 66 5.46 -1.81 7.75
N GLY A 67 4.56 -2.71 8.13
CA GLY A 67 3.97 -2.65 9.46
C GLY A 67 3.38 -1.29 9.78
N GLY A 68 2.15 -1.06 9.33
CA GLY A 68 1.49 0.21 9.58
C GLY A 68 0.07 0.04 10.06
N PHE A 69 -0.60 1.16 10.32
CA PHE A 69 -1.98 1.15 10.78
C PHE A 69 -2.91 1.67 9.69
N LEU A 70 -3.79 0.80 9.21
CA LEU A 70 -4.73 1.17 8.16
C LEU A 70 -6.09 1.57 8.75
N SER A 71 -6.50 2.79 8.45
CA SER A 71 -7.78 3.31 8.94
C SER A 71 -8.62 3.82 7.77
N VAL A 72 -9.60 3.02 7.37
CA VAL A 72 -10.47 3.39 6.26
C VAL A 72 -11.59 4.33 6.71
N THR A 73 -11.67 5.49 6.09
CA THR A 73 -12.69 6.46 6.41
C THR A 73 -13.08 7.28 5.18
N GLU A 74 -14.35 7.67 5.13
CA GLU A 74 -14.87 8.46 4.01
C GLU A 74 -14.23 9.84 4.00
N GLU A 75 -13.86 10.33 5.17
CA GLU A 75 -13.23 11.64 5.30
C GLU A 75 -11.85 11.62 4.65
N GLY A 76 -11.28 10.43 4.52
CA GLY A 76 -9.96 10.31 3.92
C GLY A 76 -9.11 9.24 4.58
N VAL A 77 -9.29 7.99 4.13
CA VAL A 77 -8.53 6.85 4.67
C VAL A 77 -7.14 7.27 5.15
N SER A 78 -6.68 6.66 6.24
CA SER A 78 -5.37 6.98 6.81
C SER A 78 -4.54 5.73 6.99
N ILE A 79 -3.31 5.76 6.49
CA ILE A 79 -2.41 4.62 6.59
C ILE A 79 -1.06 5.04 7.16
N LEU A 80 -0.85 4.75 8.44
CA LEU A 80 0.41 5.10 9.11
C LEU A 80 1.39 3.95 9.02
N ALA A 81 2.28 4.02 8.03
CA ALA A 81 3.28 2.98 7.84
C ALA A 81 4.61 3.37 8.48
N GLU A 82 5.40 2.37 8.87
CA GLU A 82 6.70 2.61 9.49
C GLU A 82 7.78 2.82 8.43
N SER A 83 7.53 2.32 7.23
CA SER A 83 8.49 2.45 6.14
C SER A 83 7.78 2.40 4.79
N ALA A 84 7.15 3.51 4.42
CA ALA A 84 6.43 3.60 3.16
C ALA A 84 7.36 4.08 2.04
N GLU A 85 7.18 3.52 0.85
CA GLU A 85 8.00 3.88 -0.30
C GLU A 85 7.13 4.15 -1.52
N PHE A 86 7.24 5.37 -2.06
CA PHE A 86 6.47 5.75 -3.24
C PHE A 86 6.84 4.90 -4.44
N GLU A 87 6.01 4.96 -5.47
CA GLU A 87 6.23 4.20 -6.69
C GLU A 87 7.64 4.43 -7.25
N SER A 88 8.18 5.60 -6.97
CA SER A 88 9.52 5.95 -7.44
C SER A 88 10.55 4.94 -6.94
N GLU A 89 10.25 4.32 -5.80
CA GLU A 89 11.14 3.32 -5.22
C GLU A 89 10.68 1.91 -5.56
N ILE A 90 10.08 1.77 -6.73
CA ILE A 90 9.59 0.47 -7.18
C ILE A 90 10.46 -0.10 -8.30
N ASP A 91 11.54 0.61 -8.63
CA ASP A 91 12.45 0.17 -9.69
C ASP A 91 13.15 -1.13 -9.29
N GLU A 92 13.54 -1.91 -10.30
CA GLU A 92 14.21 -3.19 -10.06
C GLU A 92 15.34 -3.03 -9.05
N ALA A 93 15.94 -1.84 -9.00
CA ALA A 93 17.02 -1.57 -8.07
C ALA A 93 16.61 -1.85 -6.63
N ALA A 94 15.55 -1.18 -6.18
CA ALA A 94 15.05 -1.36 -4.83
C ALA A 94 14.36 -2.71 -4.68
N ALA A 95 13.72 -3.17 -5.74
CA ALA A 95 13.04 -4.45 -5.73
C ALA A 95 14.02 -5.61 -5.63
N LYS A 96 15.23 -5.38 -6.13
CA LYS A 96 16.28 -6.40 -6.10
C LYS A 96 16.88 -6.52 -4.72
N GLN A 97 17.28 -5.40 -4.16
CA GLN A 97 17.90 -5.39 -2.85
C GLN A 97 17.01 -6.06 -1.82
N ASP A 98 15.72 -5.77 -1.88
CA ASP A 98 14.77 -6.36 -0.95
C ASP A 98 14.55 -7.83 -1.27
N SER A 99 14.60 -8.18 -2.55
CA SER A 99 14.42 -9.57 -2.98
C SER A 99 15.44 -10.46 -2.30
N GLU A 100 16.63 -9.92 -2.06
CA GLU A 100 17.70 -10.68 -1.41
C GLU A 100 17.24 -11.20 -0.05
N SER A 101 16.23 -10.56 0.52
CA SER A 101 15.69 -10.95 1.81
C SER A 101 16.76 -10.89 2.90
N ASP A 102 17.25 -9.69 3.16
CA ASP A 102 18.28 -9.49 4.18
C ASP A 102 17.66 -9.11 5.52
N ASP A 103 16.34 -9.15 5.60
CA ASP A 103 15.63 -8.82 6.83
C ASP A 103 14.22 -9.39 6.82
N PRO A 104 13.59 -9.54 8.01
CA PRO A 104 12.23 -10.07 8.13
C PRO A 104 11.22 -9.17 7.44
N ARG A 105 11.39 -7.87 7.61
CA ARG A 105 10.49 -6.89 7.01
C ARG A 105 10.79 -6.72 5.53
N ILE A 106 12.08 -6.61 5.20
CA ILE A 106 12.50 -6.45 3.81
C ILE A 106 12.10 -7.66 2.97
N ALA A 107 12.06 -8.82 3.60
CA ALA A 107 11.69 -10.05 2.91
C ALA A 107 10.20 -10.07 2.61
N ALA A 108 9.39 -9.84 3.64
CA ALA A 108 7.95 -9.83 3.47
C ALA A 108 7.52 -8.75 2.49
N ARG A 109 8.08 -7.56 2.63
CA ARG A 109 7.77 -6.45 1.74
C ARG A 109 8.44 -6.64 0.39
N GLY A 110 9.64 -7.21 0.40
CA GLY A 110 10.35 -7.44 -0.84
C GLY A 110 9.59 -8.36 -1.78
N ARG A 111 8.95 -9.37 -1.22
CA ARG A 111 8.17 -10.32 -2.00
C ARG A 111 6.89 -9.66 -2.53
N ALA A 112 6.16 -9.01 -1.65
CA ALA A 112 4.93 -8.33 -2.03
C ALA A 112 5.22 -7.21 -3.03
N ARG A 113 6.37 -6.56 -2.86
CA ARG A 113 6.76 -5.48 -3.75
C ARG A 113 6.89 -5.99 -5.19
N LEU A 114 7.62 -7.08 -5.36
CA LEU A 114 7.82 -7.68 -6.68
C LEU A 114 6.47 -7.96 -7.34
N ARG A 115 5.56 -8.57 -6.59
CA ARG A 115 4.23 -8.88 -7.10
C ARG A 115 3.58 -7.64 -7.69
N ALA A 116 3.76 -6.51 -7.02
CA ALA A 116 3.21 -5.24 -7.49
C ALA A 116 4.06 -4.64 -8.59
N VAL A 117 5.34 -4.98 -8.61
CA VAL A 117 6.26 -4.47 -9.62
C VAL A 117 6.06 -5.18 -10.96
N GLY A 118 5.33 -6.28 -10.95
CA GLY A 118 5.08 -7.03 -12.17
C GLY A 118 6.16 -8.07 -12.45
N ALA A 119 6.79 -8.56 -11.39
CA ALA A 119 7.84 -9.55 -11.52
C ALA A 119 7.33 -10.96 -11.18
N ILE A 120 6.01 -11.11 -11.16
CA ILE A 120 5.40 -12.41 -10.85
C ILE A 120 4.30 -12.74 -11.84
N ASP A 121 4.12 -14.03 -12.11
CA ASP A 121 3.09 -14.48 -13.04
C ASP A 121 1.70 -14.30 -12.45
N MET A 1 -19.67 4.79 -9.17
CA MET A 1 -18.62 5.79 -9.51
C MET A 1 -18.55 6.89 -8.46
N ALA A 2 -17.47 6.90 -7.69
CA ALA A 2 -17.28 7.90 -6.65
C ALA A 2 -15.87 7.85 -6.09
N GLU A 3 -15.27 9.02 -5.89
CA GLU A 3 -13.92 9.11 -5.36
C GLU A 3 -13.92 8.98 -3.84
N LEU A 4 -12.79 8.55 -3.28
CA LEU A 4 -12.67 8.37 -1.84
C LEU A 4 -11.35 8.94 -1.34
N ASN A 5 -11.44 10.01 -0.54
CA ASN A 5 -10.25 10.66 0.01
C ASN A 5 -9.37 9.64 0.73
N VAL A 6 -8.07 9.65 0.43
CA VAL A 6 -7.14 8.74 1.05
C VAL A 6 -5.79 9.43 1.34
N GLU A 7 -5.13 8.99 2.39
CA GLU A 7 -3.84 9.56 2.77
C GLU A 7 -2.93 8.49 3.35
N ILE A 8 -1.65 8.54 2.98
CA ILE A 8 -0.67 7.57 3.46
C ILE A 8 0.44 8.28 4.22
N VAL A 9 0.48 8.07 5.53
CA VAL A 9 1.49 8.70 6.37
C VAL A 9 2.66 7.76 6.62
N ALA A 10 3.87 8.31 6.61
CA ALA A 10 5.08 7.52 6.84
C ALA A 10 5.48 7.55 8.31
N VAL A 11 6.71 7.15 8.59
CA VAL A 11 7.22 7.13 9.96
C VAL A 11 7.75 8.49 10.38
N ASP A 12 8.39 9.20 9.45
CA ASP A 12 8.94 10.52 9.75
C ASP A 12 8.20 11.62 9.00
N ARG A 13 7.58 11.27 7.88
CA ARG A 13 6.84 12.25 7.09
C ARG A 13 5.62 11.60 6.42
N ASN A 14 5.01 12.33 5.50
CA ASN A 14 3.84 11.83 4.79
C ASN A 14 4.20 11.43 3.37
N ILE A 15 3.47 10.47 2.83
CA ILE A 15 3.71 9.99 1.47
C ILE A 15 2.81 10.70 0.46
N TRP A 16 1.52 10.41 0.52
CA TRP A 16 0.55 11.03 -0.38
C TRP A 16 -0.79 11.26 0.32
N SER A 17 -1.55 12.21 -0.19
CA SER A 17 -2.86 12.53 0.38
C SER A 17 -3.77 13.16 -0.67
N GLY A 18 -4.88 12.48 -0.97
CA GLY A 18 -5.81 12.99 -1.95
C GLY A 18 -7.05 12.13 -2.07
N THR A 19 -7.44 11.83 -3.30
CA THR A 19 -8.62 11.00 -3.55
C THR A 19 -8.27 9.81 -4.42
N ALA A 20 -9.11 8.78 -4.38
CA ALA A 20 -8.90 7.57 -5.17
C ALA A 20 -10.19 6.79 -5.34
N LYS A 21 -10.15 5.79 -6.22
CA LYS A 21 -11.32 4.96 -6.48
C LYS A 21 -11.36 3.78 -5.52
N PHE A 22 -10.25 3.06 -5.42
CA PHE A 22 -10.17 1.91 -4.52
C PHE A 22 -8.73 1.38 -4.42
N LEU A 23 -8.49 0.55 -3.41
CA LEU A 23 -7.17 -0.01 -3.19
C LEU A 23 -7.26 -1.47 -2.78
N PHE A 24 -6.20 -2.24 -3.06
CA PHE A 24 -6.16 -3.65 -2.72
C PHE A 24 -4.94 -3.95 -1.84
N THR A 25 -5.18 -4.11 -0.54
CA THR A 25 -4.10 -4.39 0.41
C THR A 25 -4.35 -5.71 1.13
N ARG A 26 -3.42 -6.08 2.00
CA ARG A 26 -3.53 -7.32 2.75
C ARG A 26 -3.17 -7.11 4.21
N THR A 27 -4.05 -7.56 5.11
CA THR A 27 -3.82 -7.41 6.54
C THR A 27 -3.91 -8.75 7.24
N THR A 28 -3.99 -8.73 8.57
CA THR A 28 -4.09 -9.95 9.36
C THR A 28 -5.29 -10.78 8.92
N VAL A 29 -6.33 -10.11 8.46
CA VAL A 29 -7.54 -10.78 8.01
C VAL A 29 -7.37 -11.32 6.58
N GLY A 30 -6.39 -10.78 5.87
CA GLY A 30 -6.15 -11.22 4.50
C GLY A 30 -6.38 -10.12 3.48
N GLU A 31 -6.40 -10.48 2.20
CA GLU A 31 -6.61 -9.51 1.14
C GLU A 31 -7.94 -8.79 1.31
N ILE A 32 -7.91 -7.47 1.13
CA ILE A 32 -9.13 -6.66 1.27
C ILE A 32 -9.16 -5.55 0.23
N GLY A 33 -10.35 -5.24 -0.27
CA GLY A 33 -10.51 -4.20 -1.26
C GLY A 33 -11.47 -3.12 -0.83
N ILE A 34 -10.95 -1.91 -0.64
CA ILE A 34 -11.76 -0.78 -0.22
C ILE A 34 -12.43 -0.10 -1.41
N LEU A 35 -13.75 -0.01 -1.38
CA LEU A 35 -14.51 0.61 -2.46
C LEU A 35 -15.04 1.98 -2.04
N PRO A 36 -15.45 2.81 -3.00
CA PRO A 36 -15.99 4.14 -2.72
C PRO A 36 -17.11 4.11 -1.69
N ARG A 37 -18.04 3.18 -1.86
CA ARG A 37 -19.17 3.04 -0.95
C ARG A 37 -18.94 1.88 0.01
N HIS A 38 -18.31 2.18 1.15
CA HIS A 38 -18.03 1.16 2.16
C HIS A 38 -17.87 1.79 3.54
N ILE A 39 -18.35 1.09 4.56
CA ILE A 39 -18.26 1.58 5.94
C ILE A 39 -16.81 1.59 6.42
N PRO A 40 -16.44 2.57 7.26
CA PRO A 40 -15.08 2.68 7.79
C PRO A 40 -14.61 1.38 8.46
N LEU A 41 -13.30 1.23 8.62
CA LEU A 41 -12.74 0.05 9.24
C LEU A 41 -11.22 0.20 9.42
N VAL A 42 -10.69 -0.49 10.43
CA VAL A 42 -9.26 -0.43 10.71
C VAL A 42 -8.63 -1.81 10.63
N ALA A 43 -7.32 -1.84 10.39
CA ALA A 43 -6.59 -3.11 10.28
C ALA A 43 -5.10 -2.86 10.13
N GLN A 44 -4.29 -3.75 10.71
CA GLN A 44 -2.84 -3.63 10.65
C GLN A 44 -2.29 -4.41 9.45
N LEU A 45 -1.44 -3.75 8.67
CA LEU A 45 -0.84 -4.37 7.50
C LEU A 45 0.05 -5.54 7.91
N VAL A 46 0.59 -6.25 6.90
CA VAL A 46 1.46 -7.39 7.17
C VAL A 46 2.82 -7.21 6.47
N ASP A 47 3.22 -5.96 6.28
CA ASP A 47 4.49 -5.65 5.63
C ASP A 47 4.54 -6.24 4.23
N ASP A 48 3.50 -5.98 3.44
CA ASP A 48 3.43 -6.49 2.08
C ASP A 48 3.19 -5.35 1.09
N ALA A 49 3.89 -4.23 1.31
CA ALA A 49 3.76 -3.07 0.43
C ALA A 49 2.33 -2.55 0.42
N MET A 50 2.05 -1.63 -0.49
CA MET A 50 0.72 -1.05 -0.61
C MET A 50 0.30 -0.92 -2.07
N VAL A 51 -1.00 -1.12 -2.32
CA VAL A 51 -1.54 -1.02 -3.68
C VAL A 51 -2.87 -0.29 -3.67
N ARG A 52 -2.87 0.93 -4.23
CA ARG A 52 -4.08 1.74 -4.28
C ARG A 52 -4.26 2.36 -5.66
N VAL A 53 -5.48 2.28 -6.18
CA VAL A 53 -5.77 2.86 -7.49
C VAL A 53 -6.73 4.04 -7.36
N GLU A 54 -6.40 5.13 -8.02
CA GLU A 54 -7.23 6.34 -7.97
C GLU A 54 -8.41 6.23 -8.92
N ARG A 55 -8.27 5.40 -9.95
CA ARG A 55 -9.32 5.19 -10.93
C ARG A 55 -9.62 3.71 -11.10
N GLU A 56 -10.79 3.40 -11.65
CA GLU A 56 -11.18 2.01 -11.87
C GLU A 56 -10.53 1.44 -13.12
N GLY A 57 -9.66 0.45 -12.92
CA GLY A 57 -8.98 -0.18 -14.05
C GLY A 57 -8.14 0.78 -14.85
N GLU A 58 -7.55 1.77 -14.18
CA GLU A 58 -6.72 2.75 -14.86
C GLU A 58 -5.51 3.15 -14.01
N LYS A 59 -5.75 4.02 -13.03
CA LYS A 59 -4.68 4.49 -12.16
C LYS A 59 -4.22 3.36 -11.23
N ASP A 60 -3.00 3.48 -10.71
CA ASP A 60 -2.47 2.47 -9.82
C ASP A 60 -1.29 3.02 -9.01
N LEU A 61 -1.61 3.70 -7.90
CA LEU A 61 -0.59 4.26 -7.04
C LEU A 61 0.23 3.16 -6.38
N ARG A 62 1.46 2.98 -6.85
CA ARG A 62 2.34 1.95 -6.31
C ARG A 62 3.07 2.45 -5.08
N ILE A 63 2.70 1.92 -3.92
CA ILE A 63 3.32 2.31 -2.66
C ILE A 63 3.87 1.09 -1.92
N ALA A 64 4.96 1.28 -1.19
CA ALA A 64 5.58 0.19 -0.45
C ALA A 64 5.63 0.50 1.04
N VAL A 65 4.61 0.04 1.76
CA VAL A 65 4.53 0.26 3.21
C VAL A 65 4.96 -0.98 3.97
N ASP A 66 5.55 -0.78 5.15
CA ASP A 66 6.01 -1.88 5.98
C ASP A 66 5.48 -1.76 7.40
N GLY A 67 4.55 -2.63 7.77
CA GLY A 67 3.99 -2.60 9.10
C GLY A 67 3.37 -1.26 9.44
N GLY A 68 2.13 -1.05 9.02
CA GLY A 68 1.45 0.20 9.29
C GLY A 68 0.02 0.00 9.76
N PHE A 69 -0.66 1.10 10.04
CA PHE A 69 -2.04 1.05 10.50
C PHE A 69 -2.99 1.64 9.45
N LEU A 70 -3.86 0.80 8.92
CA LEU A 70 -4.81 1.23 7.91
C LEU A 70 -6.14 1.63 8.53
N SER A 71 -6.55 2.87 8.29
CA SER A 71 -7.80 3.38 8.82
C SER A 71 -8.66 3.96 7.70
N VAL A 72 -9.64 3.20 7.27
CA VAL A 72 -10.54 3.62 6.20
C VAL A 72 -11.65 4.52 6.73
N THR A 73 -11.62 5.78 6.33
CA THR A 73 -12.63 6.74 6.77
C THR A 73 -13.09 7.62 5.61
N GLU A 74 -14.36 8.01 5.65
CA GLU A 74 -14.94 8.86 4.61
C GLU A 74 -14.29 10.23 4.61
N GLU A 75 -13.81 10.65 5.77
CA GLU A 75 -13.16 11.95 5.90
C GLU A 75 -11.84 11.96 5.15
N GLY A 76 -11.31 10.77 4.87
CA GLY A 76 -10.06 10.65 4.15
C GLY A 76 -9.16 9.57 4.70
N VAL A 77 -9.37 8.33 4.24
CA VAL A 77 -8.58 7.17 4.68
C VAL A 77 -7.16 7.57 5.09
N SER A 78 -6.62 6.89 6.10
CA SER A 78 -5.29 7.18 6.59
C SER A 78 -4.48 5.90 6.76
N ILE A 79 -3.25 5.91 6.25
CA ILE A 79 -2.38 4.75 6.35
C ILE A 79 -1.01 5.14 6.91
N LEU A 80 -0.81 4.85 8.19
CA LEU A 80 0.45 5.17 8.85
C LEU A 80 1.41 3.98 8.82
N ALA A 81 2.36 4.03 7.89
CA ALA A 81 3.33 2.95 7.76
C ALA A 81 4.65 3.32 8.42
N GLU A 82 5.43 2.31 8.76
CA GLU A 82 6.72 2.52 9.40
C GLU A 82 7.82 2.80 8.37
N SER A 83 7.58 2.35 7.14
CA SER A 83 8.54 2.54 6.06
C SER A 83 7.85 2.56 4.71
N ALA A 84 7.12 3.65 4.43
CA ALA A 84 6.41 3.78 3.17
C ALA A 84 7.34 4.24 2.05
N GLU A 85 6.89 4.09 0.81
CA GLU A 85 7.68 4.50 -0.35
C GLU A 85 6.78 4.82 -1.53
N PHE A 86 7.33 5.55 -2.50
CA PHE A 86 6.57 5.92 -3.69
C PHE A 86 6.76 4.88 -4.80
N GLU A 87 5.91 4.97 -5.82
CA GLU A 87 5.97 4.03 -6.95
C GLU A 87 7.36 4.00 -7.57
N SER A 88 8.12 5.08 -7.40
CA SER A 88 9.47 5.16 -7.94
C SER A 88 10.45 4.32 -7.10
N GLU A 89 9.98 3.83 -5.96
CA GLU A 89 10.82 3.02 -5.08
C GLU A 89 10.55 1.54 -5.28
N ILE A 90 10.22 1.17 -6.51
CA ILE A 90 9.94 -0.23 -6.83
C ILE A 90 10.66 -0.67 -8.10
N ASP A 91 11.80 -0.03 -8.36
CA ASP A 91 12.59 -0.35 -9.55
C ASP A 91 13.34 -1.67 -9.35
N GLU A 92 13.62 -2.35 -10.45
CA GLU A 92 14.33 -3.63 -10.41
C GLU A 92 15.50 -3.58 -9.42
N ALA A 93 16.10 -2.42 -9.27
CA ALA A 93 17.23 -2.24 -8.37
C ALA A 93 16.81 -2.52 -6.93
N ALA A 94 15.72 -1.90 -6.50
CA ALA A 94 15.21 -2.09 -5.15
C ALA A 94 14.68 -3.51 -4.96
N ALA A 95 14.19 -4.10 -6.03
CA ALA A 95 13.66 -5.45 -5.99
C ALA A 95 14.72 -6.45 -5.52
N LYS A 96 15.86 -6.45 -6.21
CA LYS A 96 16.95 -7.35 -5.87
C LYS A 96 17.47 -7.06 -4.46
N GLN A 97 17.53 -5.77 -4.12
CA GLN A 97 18.00 -5.35 -2.81
C GLN A 97 17.18 -6.01 -1.71
N ASP A 98 15.89 -5.70 -1.67
CA ASP A 98 15.00 -6.26 -0.67
C ASP A 98 14.83 -7.76 -0.86
N SER A 99 14.96 -8.21 -2.11
CA SER A 99 14.83 -9.62 -2.43
C SER A 99 15.85 -10.45 -1.66
N GLU A 100 17.01 -9.84 -1.40
CA GLU A 100 18.06 -10.52 -0.66
C GLU A 100 17.56 -10.99 0.71
N SER A 101 16.52 -10.33 1.22
CA SER A 101 15.95 -10.67 2.50
C SER A 101 16.98 -10.49 3.62
N ASP A 102 17.38 -9.25 3.84
CA ASP A 102 18.35 -8.94 4.89
C ASP A 102 17.66 -8.44 6.15
N ASP A 103 16.33 -8.49 6.17
CA ASP A 103 15.55 -8.04 7.32
C ASP A 103 14.15 -8.65 7.28
N PRO A 104 13.44 -8.62 8.43
CA PRO A 104 12.08 -9.15 8.53
C PRO A 104 11.09 -8.37 7.67
N ARG A 105 11.20 -7.05 7.73
CA ARG A 105 10.32 -6.18 6.96
C ARG A 105 10.72 -6.18 5.49
N ILE A 106 12.02 -6.08 5.24
CA ILE A 106 12.53 -6.06 3.88
C ILE A 106 12.20 -7.36 3.15
N ALA A 107 12.22 -8.47 3.90
CA ALA A 107 11.92 -9.77 3.32
C ALA A 107 10.47 -9.85 2.90
N ALA A 108 9.55 -9.61 3.83
CA ALA A 108 8.13 -9.65 3.54
C ALA A 108 7.77 -8.68 2.43
N ARG A 109 8.33 -7.47 2.52
CA ARG A 109 8.07 -6.44 1.52
C ARG A 109 8.78 -6.77 0.21
N GLY A 110 9.93 -7.43 0.32
CA GLY A 110 10.69 -7.81 -0.86
C GLY A 110 9.88 -8.69 -1.80
N ARG A 111 9.25 -9.72 -1.26
CA ARG A 111 8.44 -10.63 -2.06
C ARG A 111 7.19 -9.93 -2.55
N ALA A 112 6.60 -9.10 -1.68
CA ALA A 112 5.40 -8.36 -2.03
C ALA A 112 5.66 -7.41 -3.19
N ARG A 113 6.78 -6.70 -3.14
CA ARG A 113 7.15 -5.76 -4.19
C ARG A 113 7.26 -6.46 -5.53
N LEU A 114 8.07 -7.52 -5.58
CA LEU A 114 8.26 -8.28 -6.81
C LEU A 114 6.93 -8.72 -7.39
N ARG A 115 6.07 -9.27 -6.55
CA ARG A 115 4.76 -9.74 -6.98
C ARG A 115 3.96 -8.60 -7.60
N ALA A 116 4.21 -7.38 -7.14
CA ALA A 116 3.51 -6.20 -7.66
C ALA A 116 4.21 -5.64 -8.89
N VAL A 117 5.53 -5.83 -8.96
CA VAL A 117 6.31 -5.33 -10.09
C VAL A 117 6.13 -6.22 -11.33
N GLY A 118 5.41 -7.32 -11.16
CA GLY A 118 5.19 -8.23 -12.29
C GLY A 118 6.23 -9.34 -12.36
N ALA A 119 6.75 -9.73 -11.20
CA ALA A 119 7.75 -10.79 -11.13
C ALA A 119 7.11 -12.15 -10.88
N ILE A 120 5.80 -12.23 -11.08
CA ILE A 120 5.07 -13.48 -10.86
C ILE A 120 5.11 -14.36 -12.11
N ASP A 121 4.48 -13.88 -13.18
CA ASP A 121 4.46 -14.63 -14.44
C ASP A 121 5.46 -14.06 -15.43
N MET A 1 -19.50 2.94 -8.18
CA MET A 1 -18.19 3.46 -7.72
C MET A 1 -18.27 4.95 -7.39
N ALA A 2 -17.16 5.51 -6.92
CA ALA A 2 -17.11 6.92 -6.56
C ALA A 2 -15.70 7.34 -6.17
N GLU A 3 -15.57 8.55 -5.64
CA GLU A 3 -14.27 9.06 -5.22
C GLU A 3 -14.12 9.02 -3.70
N LEU A 4 -12.98 8.51 -3.24
CA LEU A 4 -12.72 8.42 -1.81
C LEU A 4 -11.32 8.93 -1.49
N ASN A 5 -11.25 9.94 -0.62
CA ASN A 5 -9.97 10.51 -0.23
C ASN A 5 -9.12 9.48 0.51
N VAL A 6 -7.82 9.46 0.22
CA VAL A 6 -6.91 8.52 0.85
C VAL A 6 -5.56 9.18 1.14
N GLU A 7 -4.86 8.68 2.16
CA GLU A 7 -3.56 9.22 2.54
C GLU A 7 -2.71 8.16 3.21
N ILE A 8 -1.41 8.20 2.96
CA ILE A 8 -0.48 7.24 3.54
C ILE A 8 0.63 7.97 4.29
N VAL A 9 0.66 7.79 5.60
CA VAL A 9 1.67 8.43 6.43
C VAL A 9 2.85 7.49 6.70
N ALA A 10 4.05 8.04 6.63
CA ALA A 10 5.26 7.25 6.88
C ALA A 10 5.69 7.35 8.33
N VAL A 11 6.93 6.97 8.61
CA VAL A 11 7.46 7.00 9.97
C VAL A 11 7.80 8.42 10.40
N ASP A 12 8.45 9.17 9.51
CA ASP A 12 8.84 10.54 9.81
C ASP A 12 8.17 11.54 8.87
N ARG A 13 7.73 11.06 7.70
CA ARG A 13 7.09 11.92 6.72
C ARG A 13 5.85 11.26 6.12
N ASN A 14 5.28 11.87 5.09
CA ASN A 14 4.10 11.33 4.44
C ASN A 14 4.43 10.90 3.00
N ILE A 15 3.68 9.90 2.52
CA ILE A 15 3.90 9.39 1.17
C ILE A 15 3.00 10.12 0.16
N TRP A 16 1.69 9.88 0.28
CA TRP A 16 0.72 10.50 -0.62
C TRP A 16 -0.60 10.74 0.09
N SER A 17 -1.33 11.77 -0.35
CA SER A 17 -2.62 12.10 0.24
C SER A 17 -3.49 12.85 -0.76
N GLY A 18 -4.63 12.26 -1.11
CA GLY A 18 -5.53 12.89 -2.05
C GLY A 18 -6.78 12.07 -2.29
N THR A 19 -7.22 12.01 -3.55
CA THR A 19 -8.42 11.25 -3.90
C THR A 19 -8.07 10.06 -4.77
N ALA A 20 -8.74 8.93 -4.51
CA ALA A 20 -8.49 7.71 -5.26
C ALA A 20 -9.77 6.87 -5.37
N LYS A 21 -9.95 6.25 -6.53
CA LYS A 21 -11.13 5.42 -6.77
C LYS A 21 -11.23 4.29 -5.74
N PHE A 22 -10.15 3.51 -5.61
CA PHE A 22 -10.13 2.41 -4.66
C PHE A 22 -8.74 1.80 -4.54
N LEU A 23 -8.53 1.01 -3.49
CA LEU A 23 -7.24 0.38 -3.26
C LEU A 23 -7.42 -1.04 -2.73
N PHE A 24 -6.43 -1.89 -2.98
CA PHE A 24 -6.46 -3.27 -2.53
C PHE A 24 -5.23 -3.60 -1.69
N THR A 25 -5.40 -3.65 -0.38
CA THR A 25 -4.29 -3.95 0.53
C THR A 25 -4.56 -5.22 1.33
N ARG A 26 -3.51 -5.79 1.90
CA ARG A 26 -3.64 -7.01 2.69
C ARG A 26 -3.54 -6.71 4.18
N THR A 27 -4.50 -7.20 4.95
CA THR A 27 -4.50 -6.98 6.39
C THR A 27 -4.62 -8.31 7.14
N THR A 28 -4.90 -8.23 8.44
CA THR A 28 -5.03 -9.42 9.27
C THR A 28 -6.07 -10.38 8.68
N VAL A 29 -7.08 -9.81 8.03
CA VAL A 29 -8.14 -10.62 7.43
C VAL A 29 -7.76 -11.06 6.02
N GLY A 30 -6.78 -10.40 5.43
CA GLY A 30 -6.35 -10.74 4.08
C GLY A 30 -6.60 -9.63 3.09
N GLU A 31 -6.59 -9.96 1.81
CA GLU A 31 -6.81 -8.98 0.76
C GLU A 31 -8.17 -8.29 0.93
N ILE A 32 -8.14 -6.96 0.96
CA ILE A 32 -9.37 -6.19 1.13
C ILE A 32 -9.41 -5.01 0.15
N GLY A 33 -10.60 -4.76 -0.39
CA GLY A 33 -10.76 -3.66 -1.33
C GLY A 33 -11.55 -2.51 -0.76
N ILE A 34 -10.91 -1.36 -0.62
CA ILE A 34 -11.57 -0.17 -0.08
C ILE A 34 -12.33 0.57 -1.17
N LEU A 35 -13.61 0.84 -0.90
CA LEU A 35 -14.45 1.55 -1.85
C LEU A 35 -15.05 2.81 -1.21
N PRO A 36 -15.52 3.76 -2.05
CA PRO A 36 -16.11 5.01 -1.55
C PRO A 36 -17.44 4.77 -0.84
N ARG A 37 -18.14 3.71 -1.22
CA ARG A 37 -19.42 3.37 -0.63
C ARG A 37 -19.27 2.24 0.38
N HIS A 38 -18.67 2.54 1.52
CA HIS A 38 -18.46 1.55 2.57
C HIS A 38 -18.21 2.22 3.91
N ILE A 39 -18.62 1.56 4.99
CA ILE A 39 -18.45 2.09 6.34
C ILE A 39 -16.98 2.02 6.76
N PRO A 40 -16.52 3.01 7.56
CA PRO A 40 -15.14 3.06 8.03
C PRO A 40 -14.72 1.77 8.74
N LEU A 41 -13.42 1.57 8.87
CA LEU A 41 -12.90 0.37 9.53
C LEU A 41 -11.39 0.48 9.74
N VAL A 42 -10.90 -0.21 10.78
CA VAL A 42 -9.48 -0.19 11.09
C VAL A 42 -8.87 -1.59 11.02
N ALA A 43 -7.67 -1.68 10.45
CA ALA A 43 -6.99 -2.97 10.31
C ALA A 43 -5.48 -2.79 10.34
N GLN A 44 -4.76 -3.86 10.64
CA GLN A 44 -3.31 -3.82 10.69
C GLN A 44 -2.70 -4.51 9.47
N LEU A 45 -1.80 -3.80 8.80
CA LEU A 45 -1.14 -4.34 7.61
C LEU A 45 -0.34 -5.60 7.95
N VAL A 46 0.15 -6.28 6.93
CA VAL A 46 0.93 -7.50 7.12
C VAL A 46 2.31 -7.38 6.49
N ASP A 47 2.80 -6.15 6.36
CA ASP A 47 4.11 -5.89 5.77
C ASP A 47 4.21 -6.50 4.37
N ASP A 48 3.12 -6.38 3.61
CA ASP A 48 3.08 -6.90 2.25
C ASP A 48 2.85 -5.79 1.23
N ALA A 49 3.54 -4.66 1.43
CA ALA A 49 3.42 -3.52 0.54
C ALA A 49 1.98 -3.03 0.46
N MET A 50 1.73 -2.07 -0.42
CA MET A 50 0.38 -1.52 -0.59
C MET A 50 0.04 -1.33 -2.06
N VAL A 51 -1.23 -1.52 -2.39
CA VAL A 51 -1.70 -1.38 -3.77
C VAL A 51 -2.96 -0.54 -3.82
N ARG A 52 -2.85 0.66 -4.35
CA ARG A 52 -3.99 1.57 -4.46
C ARG A 52 -4.13 2.12 -5.87
N VAL A 53 -5.37 2.35 -6.29
CA VAL A 53 -5.64 2.89 -7.62
C VAL A 53 -6.51 4.14 -7.53
N GLU A 54 -6.14 5.16 -8.29
CA GLU A 54 -6.90 6.41 -8.30
C GLU A 54 -8.00 6.40 -9.35
N ARG A 55 -8.19 5.24 -10.00
CA ARG A 55 -9.21 5.10 -11.03
C ARG A 55 -9.57 3.64 -11.22
N GLU A 56 -10.75 3.38 -11.80
CA GLU A 56 -11.21 2.02 -12.04
C GLU A 56 -10.55 1.42 -13.28
N GLY A 57 -9.74 0.38 -13.06
CA GLY A 57 -9.08 -0.29 -14.16
C GLY A 57 -8.16 0.63 -14.96
N GLU A 58 -7.54 1.58 -14.29
CA GLU A 58 -6.62 2.51 -14.97
C GLU A 58 -5.43 2.87 -14.08
N LYS A 59 -5.66 3.76 -13.13
CA LYS A 59 -4.61 4.19 -12.22
C LYS A 59 -4.10 3.02 -11.39
N ASP A 60 -2.85 3.10 -10.95
CA ASP A 60 -2.26 2.03 -10.16
C ASP A 60 -1.07 2.56 -9.34
N LEU A 61 -1.39 3.10 -8.16
CA LEU A 61 -0.36 3.63 -7.27
C LEU A 61 0.42 2.50 -6.62
N ARG A 62 1.63 2.26 -7.10
CA ARG A 62 2.48 1.20 -6.56
C ARG A 62 3.17 1.66 -5.29
N ILE A 63 2.67 1.20 -4.15
CA ILE A 63 3.24 1.55 -2.85
C ILE A 63 3.74 0.32 -2.11
N ALA A 64 4.65 0.52 -1.17
CA ALA A 64 5.20 -0.58 -0.39
C ALA A 64 5.33 -0.21 1.09
N VAL A 65 4.29 -0.47 1.85
CA VAL A 65 4.29 -0.17 3.27
C VAL A 65 4.98 -1.28 4.07
N ASP A 66 5.42 -0.96 5.28
CA ASP A 66 6.11 -1.92 6.12
C ASP A 66 5.56 -1.90 7.55
N GLY A 67 4.68 -2.85 7.86
CA GLY A 67 4.11 -2.92 9.18
C GLY A 67 3.54 -1.60 9.66
N GLY A 68 2.32 -1.29 9.25
CA GLY A 68 1.69 -0.05 9.65
C GLY A 68 0.24 -0.23 10.05
N PHE A 69 -0.46 0.88 10.25
CA PHE A 69 -1.87 0.83 10.63
C PHE A 69 -2.75 1.30 9.48
N LEU A 70 -3.99 0.81 9.44
CA LEU A 70 -4.91 1.18 8.39
C LEU A 70 -6.23 1.69 8.97
N SER A 71 -6.59 2.91 8.59
CA SER A 71 -7.83 3.52 9.06
C SER A 71 -8.66 4.00 7.88
N VAL A 72 -9.66 3.22 7.51
CA VAL A 72 -10.53 3.56 6.38
C VAL A 72 -11.63 4.53 6.81
N THR A 73 -11.60 5.73 6.22
CA THR A 73 -12.59 6.75 6.54
C THR A 73 -12.94 7.56 5.30
N GLU A 74 -14.20 8.00 5.22
CA GLU A 74 -14.67 8.79 4.10
C GLU A 74 -13.98 10.15 4.08
N GLU A 75 -13.60 10.63 5.25
CA GLU A 75 -12.92 11.91 5.38
C GLU A 75 -11.53 11.85 4.73
N GLY A 76 -11.00 10.63 4.61
CA GLY A 76 -9.70 10.46 4.02
C GLY A 76 -8.88 9.36 4.68
N VAL A 77 -9.11 8.12 4.26
CA VAL A 77 -8.40 6.95 4.80
C VAL A 77 -7.00 7.32 5.28
N SER A 78 -6.57 6.72 6.39
CA SER A 78 -5.26 7.00 6.95
C SER A 78 -4.45 5.72 7.13
N ILE A 79 -3.24 5.71 6.58
CA ILE A 79 -2.36 4.55 6.65
C ILE A 79 -0.98 4.96 7.16
N LEU A 80 -0.70 4.64 8.43
CA LEU A 80 0.58 4.97 9.02
C LEU A 80 1.56 3.81 8.91
N ALA A 81 2.45 3.89 7.94
CA ALA A 81 3.44 2.85 7.72
C ALA A 81 4.78 3.23 8.32
N GLU A 82 5.57 2.23 8.72
CA GLU A 82 6.88 2.47 9.31
C GLU A 82 7.93 2.69 8.22
N SER A 83 7.69 2.11 7.05
CA SER A 83 8.62 2.24 5.93
C SER A 83 7.89 2.10 4.61
N ALA A 84 7.20 3.16 4.19
CA ALA A 84 6.47 3.15 2.94
C ALA A 84 7.35 3.60 1.78
N GLU A 85 6.89 3.35 0.55
CA GLU A 85 7.64 3.73 -0.64
C GLU A 85 6.69 4.02 -1.80
N PHE A 86 7.07 4.99 -2.63
CA PHE A 86 6.26 5.37 -3.78
C PHE A 86 6.54 4.45 -4.97
N GLU A 87 5.68 4.52 -5.98
CA GLU A 87 5.82 3.69 -7.18
C GLU A 87 7.19 3.91 -7.81
N SER A 88 7.64 5.15 -7.85
CA SER A 88 8.93 5.48 -8.43
C SER A 88 10.07 4.83 -7.65
N GLU A 89 9.79 4.45 -6.41
CA GLU A 89 10.79 3.81 -5.56
C GLU A 89 10.66 2.29 -5.60
N ILE A 90 10.14 1.77 -6.70
CA ILE A 90 9.97 0.32 -6.86
C ILE A 90 10.78 -0.20 -8.05
N ASP A 91 11.81 0.56 -8.44
CA ASP A 91 12.67 0.16 -9.55
C ASP A 91 13.45 -1.09 -9.21
N GLU A 92 13.81 -1.86 -10.25
CA GLU A 92 14.57 -3.10 -10.06
C GLU A 92 15.71 -2.90 -9.08
N ALA A 93 16.27 -1.69 -9.04
CA ALA A 93 17.37 -1.38 -8.14
C ALA A 93 16.95 -1.61 -6.69
N ALA A 94 15.93 -0.89 -6.26
CA ALA A 94 15.43 -1.00 -4.89
C ALA A 94 14.71 -2.33 -4.70
N ALA A 95 14.07 -2.81 -5.76
CA ALA A 95 13.35 -4.08 -5.71
C ALA A 95 14.32 -5.24 -5.51
N LYS A 96 15.56 -5.06 -5.95
CA LYS A 96 16.57 -6.09 -5.82
C LYS A 96 17.14 -6.13 -4.41
N GLN A 97 17.56 -4.97 -3.91
CA GLN A 97 18.11 -4.87 -2.58
C GLN A 97 17.18 -5.54 -1.57
N ASP A 98 15.88 -5.29 -1.72
CA ASP A 98 14.89 -5.85 -0.84
C ASP A 98 14.73 -7.35 -1.09
N SER A 99 14.82 -7.74 -2.37
CA SER A 99 14.69 -9.14 -2.76
C SER A 99 15.75 -9.99 -2.07
N GLU A 100 16.85 -9.34 -1.67
CA GLU A 100 17.94 -10.04 -0.98
C GLU A 100 17.55 -10.42 0.45
N SER A 101 16.35 -10.02 0.87
CA SER A 101 15.87 -10.31 2.22
C SER A 101 16.88 -9.86 3.28
N ASP A 102 17.36 -8.63 3.14
CA ASP A 102 18.31 -8.07 4.09
C ASP A 102 17.72 -8.02 5.49
N ASP A 103 16.39 -8.07 5.57
CA ASP A 103 15.69 -8.03 6.85
C ASP A 103 14.35 -8.78 6.77
N PRO A 104 13.78 -9.13 7.93
CA PRO A 104 12.50 -9.84 8.00
C PRO A 104 11.41 -9.13 7.19
N ARG A 105 11.20 -7.85 7.49
CA ARG A 105 10.20 -7.05 6.79
C ARG A 105 10.55 -6.95 5.30
N ILE A 106 11.84 -6.79 5.03
CA ILE A 106 12.33 -6.66 3.66
C ILE A 106 11.98 -7.92 2.85
N ALA A 107 11.98 -9.06 3.52
CA ALA A 107 11.68 -10.32 2.87
C ALA A 107 10.20 -10.42 2.52
N ALA A 108 9.34 -10.06 3.47
CA ALA A 108 7.90 -10.10 3.26
C ALA A 108 7.45 -9.01 2.30
N ARG A 109 7.99 -7.80 2.49
CA ARG A 109 7.65 -6.68 1.62
C ARG A 109 8.37 -6.78 0.29
N GLY A 110 9.57 -7.35 0.31
CA GLY A 110 10.34 -7.49 -0.91
C GLY A 110 9.67 -8.40 -1.92
N ARG A 111 9.07 -9.49 -1.42
CA ARG A 111 8.38 -10.43 -2.28
C ARG A 111 7.03 -9.88 -2.74
N ALA A 112 6.33 -9.23 -1.82
CA ALA A 112 5.02 -8.65 -2.13
C ALA A 112 5.13 -7.58 -3.20
N ARG A 113 6.02 -6.61 -2.98
CA ARG A 113 6.21 -5.52 -3.94
C ARG A 113 6.67 -6.05 -5.28
N LEU A 114 7.60 -7.01 -5.25
CA LEU A 114 8.13 -7.60 -6.47
C LEU A 114 7.01 -8.26 -7.28
N ARG A 115 6.17 -9.03 -6.59
CA ARG A 115 5.06 -9.72 -7.22
C ARG A 115 4.22 -8.74 -8.03
N ALA A 116 3.91 -7.60 -7.43
CA ALA A 116 3.11 -6.57 -8.09
C ALA A 116 3.91 -5.90 -9.21
N VAL A 117 5.23 -5.85 -9.03
CA VAL A 117 6.11 -5.24 -10.03
C VAL A 117 6.32 -6.15 -11.23
N GLY A 118 5.90 -7.41 -11.10
CA GLY A 118 6.06 -8.35 -12.19
C GLY A 118 7.41 -9.04 -12.16
N ALA A 119 7.93 -9.28 -10.96
CA ALA A 119 9.23 -9.94 -10.81
C ALA A 119 9.05 -11.41 -10.50
N ILE A 120 7.90 -11.75 -9.92
CA ILE A 120 7.60 -13.13 -9.57
C ILE A 120 6.54 -13.72 -10.49
N ASP A 121 6.73 -14.97 -10.89
CA ASP A 121 5.78 -15.66 -11.77
C ASP A 121 5.68 -14.93 -13.10
N MET A 1 -19.23 5.09 -9.96
CA MET A 1 -18.03 5.96 -9.98
C MET A 1 -18.05 6.93 -8.80
N ALA A 2 -17.43 6.53 -7.70
CA ALA A 2 -17.37 7.36 -6.51
C ALA A 2 -15.93 7.54 -6.03
N GLU A 3 -15.58 8.77 -5.66
CA GLU A 3 -14.23 9.08 -5.20
C GLU A 3 -14.18 9.10 -3.68
N LEU A 4 -13.10 8.55 -3.12
CA LEU A 4 -12.93 8.50 -1.67
C LEU A 4 -11.56 9.05 -1.29
N ASN A 5 -11.55 10.02 -0.39
CA ASN A 5 -10.31 10.64 0.07
C ASN A 5 -9.43 9.60 0.77
N VAL A 6 -8.12 9.70 0.53
CA VAL A 6 -7.17 8.77 1.14
C VAL A 6 -5.84 9.45 1.43
N GLU A 7 -5.12 8.93 2.41
CA GLU A 7 -3.82 9.49 2.79
C GLU A 7 -2.93 8.42 3.40
N ILE A 8 -1.61 8.56 3.17
CA ILE A 8 -0.64 7.61 3.70
C ILE A 8 0.40 8.33 4.54
N VAL A 9 0.39 8.04 5.84
CA VAL A 9 1.33 8.68 6.76
C VAL A 9 2.54 7.81 7.01
N ALA A 10 3.73 8.40 6.92
CA ALA A 10 4.97 7.69 7.15
C ALA A 10 5.58 8.05 8.49
N VAL A 11 6.84 7.68 8.70
CA VAL A 11 7.53 7.97 9.95
C VAL A 11 8.13 9.38 9.94
N ASP A 12 8.76 9.75 8.83
CA ASP A 12 9.38 11.06 8.70
C ASP A 12 8.36 12.11 8.27
N ARG A 13 7.31 11.67 7.59
CA ARG A 13 6.26 12.58 7.12
C ARG A 13 5.20 11.83 6.32
N ASN A 14 4.30 12.57 5.69
CA ASN A 14 3.23 11.97 4.89
C ASN A 14 3.72 11.68 3.48
N ILE A 15 3.13 10.66 2.87
CA ILE A 15 3.50 10.27 1.50
C ILE A 15 2.58 10.92 0.48
N TRP A 16 1.32 10.51 0.48
CA TRP A 16 0.34 11.06 -0.45
C TRP A 16 -1.02 11.24 0.22
N SER A 17 -1.77 12.24 -0.22
CA SER A 17 -3.09 12.52 0.35
C SER A 17 -3.97 13.24 -0.65
N GLY A 18 -5.10 12.64 -0.99
CA GLY A 18 -6.02 13.25 -1.93
C GLY A 18 -7.30 12.46 -2.08
N THR A 19 -7.50 11.85 -3.25
CA THR A 19 -8.69 11.06 -3.50
C THR A 19 -8.37 9.88 -4.42
N ALA A 20 -9.22 8.85 -4.38
CA ALA A 20 -9.02 7.67 -5.21
C ALA A 20 -10.33 6.89 -5.36
N LYS A 21 -10.30 5.88 -6.22
CA LYS A 21 -11.48 5.05 -6.46
C LYS A 21 -11.48 3.83 -5.55
N PHE A 22 -10.32 3.18 -5.43
CA PHE A 22 -10.21 2.00 -4.57
C PHE A 22 -8.75 1.57 -4.43
N LEU A 23 -8.49 0.71 -3.45
CA LEU A 23 -7.14 0.21 -3.21
C LEU A 23 -7.15 -1.24 -2.75
N PHE A 24 -6.05 -1.94 -3.01
CA PHE A 24 -5.92 -3.35 -2.63
C PHE A 24 -4.79 -3.53 -1.64
N THR A 25 -5.13 -3.69 -0.37
CA THR A 25 -4.12 -3.88 0.68
C THR A 25 -4.28 -5.23 1.36
N ARG A 26 -3.25 -5.66 2.07
CA ARG A 26 -3.28 -6.94 2.77
C ARG A 26 -3.05 -6.74 4.27
N THR A 27 -3.94 -7.33 5.06
CA THR A 27 -3.84 -7.22 6.52
C THR A 27 -3.99 -8.58 7.18
N THR A 28 -4.18 -8.58 8.49
CA THR A 28 -4.34 -9.83 9.24
C THR A 28 -5.42 -10.71 8.61
N VAL A 29 -6.42 -10.07 8.02
CA VAL A 29 -7.51 -10.78 7.37
C VAL A 29 -7.11 -11.22 5.97
N GLY A 30 -6.18 -10.50 5.38
CA GLY A 30 -5.72 -10.82 4.03
C GLY A 30 -6.03 -9.73 3.04
N GLU A 31 -5.94 -10.06 1.75
CA GLU A 31 -6.21 -9.08 0.70
C GLU A 31 -7.61 -8.48 0.86
N ILE A 32 -7.67 -7.16 0.90
CA ILE A 32 -8.94 -6.46 1.04
C ILE A 32 -9.05 -5.30 0.07
N GLY A 33 -10.23 -5.12 -0.51
CA GLY A 33 -10.45 -4.04 -1.45
C GLY A 33 -11.35 -2.96 -0.89
N ILE A 34 -10.81 -1.76 -0.74
CA ILE A 34 -11.58 -0.63 -0.20
C ILE A 34 -12.32 0.11 -1.31
N LEU A 35 -13.64 0.12 -1.23
CA LEU A 35 -14.46 0.80 -2.23
C LEU A 35 -14.89 2.18 -1.73
N PRO A 36 -15.30 3.06 -2.66
CA PRO A 36 -15.73 4.42 -2.31
C PRO A 36 -16.78 4.42 -1.21
N ARG A 37 -17.88 3.71 -1.44
CA ARG A 37 -18.96 3.63 -0.46
C ARG A 37 -18.86 2.35 0.36
N HIS A 38 -18.05 2.39 1.42
CA HIS A 38 -17.88 1.23 2.28
C HIS A 38 -17.77 1.65 3.74
N ILE A 39 -18.14 0.75 4.64
CA ILE A 39 -18.09 1.02 6.08
C ILE A 39 -16.64 1.18 6.55
N PRO A 40 -16.37 2.20 7.38
CA PRO A 40 -15.01 2.44 7.90
C PRO A 40 -14.54 1.32 8.81
N LEU A 41 -13.24 1.02 8.76
CA LEU A 41 -12.67 -0.04 9.57
C LEU A 41 -11.16 0.16 9.73
N VAL A 42 -10.53 -0.71 10.53
CA VAL A 42 -9.10 -0.63 10.76
C VAL A 42 -8.46 -2.02 10.71
N ALA A 43 -7.16 -2.06 10.43
CA ALA A 43 -6.43 -3.32 10.35
C ALA A 43 -4.94 -3.07 10.13
N GLN A 44 -4.12 -3.92 10.74
CA GLN A 44 -2.67 -3.80 10.60
C GLN A 44 -2.17 -4.53 9.37
N LEU A 45 -1.21 -3.95 8.68
CA LEU A 45 -0.64 -4.55 7.48
C LEU A 45 0.35 -5.65 7.83
N VAL A 46 0.86 -6.35 6.81
CA VAL A 46 1.82 -7.43 7.02
C VAL A 46 3.10 -7.17 6.24
N ASP A 47 3.41 -5.91 6.02
CA ASP A 47 4.62 -5.52 5.28
C ASP A 47 4.61 -6.12 3.88
N ASP A 48 3.51 -5.93 3.16
CA ASP A 48 3.38 -6.44 1.81
C ASP A 48 3.12 -5.31 0.82
N ALA A 49 3.81 -4.19 1.02
CA ALA A 49 3.68 -3.04 0.15
C ALA A 49 2.25 -2.48 0.19
N MET A 50 1.97 -1.49 -0.65
CA MET A 50 0.65 -0.89 -0.70
C MET A 50 0.21 -0.65 -2.14
N VAL A 51 -0.98 -1.15 -2.48
CA VAL A 51 -1.53 -1.00 -3.83
C VAL A 51 -2.83 -0.21 -3.79
N ARG A 52 -2.81 0.98 -4.39
CA ARG A 52 -3.99 1.83 -4.42
C ARG A 52 -4.22 2.41 -5.82
N VAL A 53 -5.49 2.50 -6.22
CA VAL A 53 -5.83 3.05 -7.52
C VAL A 53 -6.80 4.23 -7.36
N GLU A 54 -6.56 5.28 -8.15
CA GLU A 54 -7.40 6.47 -8.08
C GLU A 54 -8.65 6.32 -8.93
N ARG A 55 -8.62 5.37 -9.86
CA ARG A 55 -9.76 5.14 -10.74
C ARG A 55 -10.02 3.64 -10.89
N GLU A 56 -11.20 3.28 -11.40
CA GLU A 56 -11.56 1.89 -11.59
C GLU A 56 -10.93 1.33 -12.87
N GLY A 57 -10.02 0.37 -12.70
CA GLY A 57 -9.37 -0.24 -13.84
C GLY A 57 -8.59 0.75 -14.67
N GLU A 58 -8.09 1.80 -14.03
CA GLU A 58 -7.32 2.82 -14.74
C GLU A 58 -6.04 3.20 -13.98
N LYS A 59 -6.16 4.15 -13.06
CA LYS A 59 -5.01 4.59 -12.27
C LYS A 59 -4.45 3.43 -11.46
N ASP A 60 -3.21 3.58 -11.00
CA ASP A 60 -2.56 2.54 -10.21
C ASP A 60 -1.39 3.11 -9.41
N LEU A 61 -1.71 3.67 -8.24
CA LEU A 61 -0.68 4.24 -7.37
C LEU A 61 0.18 3.13 -6.76
N ARG A 62 1.38 2.95 -7.31
CA ARG A 62 2.29 1.93 -6.83
C ARG A 62 3.01 2.39 -5.57
N ILE A 63 2.66 1.79 -4.44
CA ILE A 63 3.26 2.13 -3.16
C ILE A 63 3.80 0.89 -2.46
N ALA A 64 4.73 1.08 -1.54
CA ALA A 64 5.33 -0.02 -0.80
C ALA A 64 5.55 0.34 0.66
N VAL A 65 4.58 -0.02 1.51
CA VAL A 65 4.66 0.27 2.93
C VAL A 65 5.19 -0.95 3.69
N ASP A 66 5.74 -0.70 4.88
CA ASP A 66 6.28 -1.78 5.71
C ASP A 66 5.76 -1.69 7.14
N GLY A 67 4.96 -2.68 7.53
CA GLY A 67 4.41 -2.71 8.88
C GLY A 67 3.79 -1.39 9.29
N GLY A 68 2.54 -1.18 8.89
CA GLY A 68 1.85 0.05 9.23
C GLY A 68 0.44 -0.19 9.75
N PHE A 69 -0.31 0.90 9.93
CA PHE A 69 -1.68 0.81 10.42
C PHE A 69 -2.64 1.44 9.42
N LEU A 70 -3.64 0.67 9.00
CA LEU A 70 -4.61 1.16 8.03
C LEU A 70 -5.92 1.55 8.71
N SER A 71 -6.47 2.69 8.31
CA SER A 71 -7.73 3.18 8.86
C SER A 71 -8.63 3.70 7.74
N VAL A 72 -9.62 2.90 7.36
CA VAL A 72 -10.53 3.27 6.29
C VAL A 72 -11.66 4.17 6.82
N THR A 73 -11.69 5.40 6.31
CA THR A 73 -12.72 6.35 6.71
C THR A 73 -13.16 7.20 5.53
N GLU A 74 -14.42 7.59 5.53
CA GLU A 74 -14.98 8.42 4.46
C GLU A 74 -14.36 9.81 4.48
N GLU A 75 -13.95 10.25 5.67
CA GLU A 75 -13.33 11.55 5.81
C GLU A 75 -11.96 11.58 5.13
N GLY A 76 -11.38 10.40 4.93
CA GLY A 76 -10.10 10.31 4.27
C GLY A 76 -9.22 9.22 4.84
N VAL A 77 -9.42 7.99 4.35
CA VAL A 77 -8.64 6.83 4.80
C VAL A 77 -7.23 7.22 5.24
N SER A 78 -6.72 6.58 6.28
CA SER A 78 -5.40 6.87 6.81
C SER A 78 -4.54 5.61 6.89
N ILE A 79 -3.33 5.71 6.36
CA ILE A 79 -2.40 4.59 6.35
C ILE A 79 -1.07 4.98 6.98
N LEU A 80 -0.86 4.59 8.23
CA LEU A 80 0.37 4.91 8.94
C LEU A 80 1.41 3.82 8.72
N ALA A 81 2.29 4.04 7.76
CA ALA A 81 3.33 3.07 7.44
C ALA A 81 4.66 3.46 8.07
N GLU A 82 5.47 2.47 8.41
CA GLU A 82 6.77 2.71 9.03
C GLU A 82 7.83 2.99 7.97
N SER A 83 7.57 2.54 6.74
CA SER A 83 8.52 2.74 5.65
C SER A 83 7.82 2.59 4.30
N ALA A 84 7.33 3.71 3.77
CA ALA A 84 6.64 3.70 2.48
C ALA A 84 7.60 4.03 1.34
N GLU A 85 7.24 3.60 0.13
CA GLU A 85 8.07 3.85 -1.04
C GLU A 85 7.20 4.17 -2.25
N PHE A 86 7.45 5.33 -2.86
CA PHE A 86 6.70 5.76 -4.03
C PHE A 86 6.84 4.75 -5.16
N GLU A 87 5.98 4.88 -6.17
CA GLU A 87 6.00 3.97 -7.32
C GLU A 87 7.37 3.97 -8.00
N SER A 88 8.14 5.03 -7.78
CA SER A 88 9.47 5.14 -8.38
C SER A 88 10.55 4.57 -7.45
N GLU A 89 10.12 3.80 -6.45
CA GLU A 89 11.05 3.20 -5.51
C GLU A 89 10.88 1.68 -5.48
N ILE A 90 10.50 1.12 -6.61
CA ILE A 90 10.30 -0.32 -6.72
C ILE A 90 11.11 -0.90 -7.87
N ASP A 91 12.13 -0.16 -8.29
CA ASP A 91 12.98 -0.60 -9.39
C ASP A 91 13.76 -1.86 -9.00
N GLU A 92 14.11 -2.66 -10.01
CA GLU A 92 14.86 -3.90 -9.78
C GLU A 92 15.99 -3.70 -8.77
N ALA A 93 16.55 -2.49 -8.74
CA ALA A 93 17.63 -2.18 -7.81
C ALA A 93 17.19 -2.44 -6.37
N ALA A 94 16.13 -1.77 -5.96
CA ALA A 94 15.61 -1.93 -4.60
C ALA A 94 15.08 -3.35 -4.38
N ALA A 95 14.42 -3.88 -5.40
CA ALA A 95 13.87 -5.24 -5.32
C ALA A 95 14.95 -6.24 -4.96
N LYS A 96 16.19 -5.95 -5.34
CA LYS A 96 17.30 -6.83 -5.05
C LYS A 96 17.79 -6.67 -3.61
N GLN A 97 18.02 -5.41 -3.22
CA GLN A 97 18.49 -5.12 -1.88
C GLN A 97 17.56 -5.73 -0.85
N ASP A 98 16.26 -5.52 -1.03
CA ASP A 98 15.27 -6.06 -0.10
C ASP A 98 15.13 -7.57 -0.30
N SER A 99 15.33 -8.02 -1.52
CA SER A 99 15.22 -9.45 -1.85
C SER A 99 16.19 -10.26 -0.99
N GLU A 100 17.31 -9.63 -0.62
CA GLU A 100 18.32 -10.29 0.20
C GLU A 100 17.70 -10.87 1.47
N SER A 101 16.57 -10.30 1.90
CA SER A 101 15.88 -10.76 3.10
C SER A 101 16.72 -10.51 4.34
N ASP A 102 17.29 -9.32 4.43
CA ASP A 102 18.12 -8.95 5.57
C ASP A 102 17.30 -8.94 6.85
N ASP A 103 16.00 -8.71 6.71
CA ASP A 103 15.09 -8.68 7.85
C ASP A 103 13.74 -9.32 7.50
N PRO A 104 12.95 -9.70 8.52
CA PRO A 104 11.64 -10.32 8.31
C PRO A 104 10.68 -9.40 7.56
N ARG A 105 10.73 -8.11 7.89
CA ARG A 105 9.87 -7.13 7.25
C ARG A 105 10.30 -6.89 5.81
N ILE A 106 11.60 -6.95 5.55
CA ILE A 106 12.14 -6.75 4.22
C ILE A 106 11.79 -7.93 3.31
N ALA A 107 11.86 -9.14 3.87
CA ALA A 107 11.57 -10.34 3.11
C ALA A 107 10.13 -10.33 2.59
N ALA A 108 9.18 -10.13 3.51
CA ALA A 108 7.78 -10.07 3.14
C ALA A 108 7.53 -8.98 2.10
N ARG A 109 8.19 -7.86 2.29
CA ARG A 109 8.04 -6.73 1.36
C ARG A 109 8.75 -7.03 0.04
N GLY A 110 9.85 -7.78 0.12
CA GLY A 110 10.59 -8.14 -1.07
C GLY A 110 9.73 -8.85 -2.09
N ARG A 111 8.95 -9.83 -1.62
CA ARG A 111 8.06 -10.58 -2.48
C ARG A 111 6.93 -9.69 -2.98
N ALA A 112 6.36 -8.91 -2.06
CA ALA A 112 5.27 -8.01 -2.40
C ALA A 112 5.66 -7.07 -3.54
N ARG A 113 6.91 -6.59 -3.50
CA ARG A 113 7.41 -5.69 -4.52
C ARG A 113 7.44 -6.37 -5.88
N LEU A 114 8.17 -7.49 -5.97
CA LEU A 114 8.28 -8.24 -7.22
C LEU A 114 6.89 -8.57 -7.77
N ARG A 115 5.96 -8.88 -6.88
CA ARG A 115 4.60 -9.21 -7.29
C ARG A 115 3.97 -8.07 -8.09
N ALA A 116 4.14 -6.85 -7.58
CA ALA A 116 3.59 -5.66 -8.22
C ALA A 116 4.47 -5.23 -9.40
N VAL A 117 5.74 -5.60 -9.36
CA VAL A 117 6.68 -5.26 -10.43
C VAL A 117 6.48 -6.13 -11.66
N GLY A 118 5.59 -7.12 -11.55
CA GLY A 118 5.34 -8.01 -12.67
C GLY A 118 6.37 -9.12 -12.78
N ALA A 119 6.84 -9.61 -11.64
CA ALA A 119 7.83 -10.67 -11.61
C ALA A 119 7.18 -12.01 -11.29
N ILE A 120 6.07 -11.96 -10.56
CA ILE A 120 5.36 -13.18 -10.18
C ILE A 120 4.02 -13.27 -10.92
N ASP A 121 3.49 -14.48 -11.02
CA ASP A 121 2.21 -14.71 -11.69
C ASP A 121 2.29 -14.28 -13.16
N MET A 1 -19.01 4.75 -10.63
CA MET A 1 -18.14 5.95 -10.61
C MET A 1 -18.18 6.64 -9.25
N ALA A 2 -17.17 6.38 -8.42
CA ALA A 2 -17.10 6.98 -7.09
C ALA A 2 -15.66 7.03 -6.59
N GLU A 3 -15.22 8.21 -6.17
CA GLU A 3 -13.86 8.38 -5.67
C GLU A 3 -13.86 8.51 -4.15
N LEU A 4 -12.76 8.09 -3.53
CA LEU A 4 -12.62 8.16 -2.09
C LEU A 4 -11.24 8.71 -1.70
N ASN A 5 -11.24 9.77 -0.91
CA ASN A 5 -9.99 10.39 -0.47
C ASN A 5 -9.15 9.40 0.33
N VAL A 6 -7.86 9.35 0.03
CA VAL A 6 -6.95 8.45 0.72
C VAL A 6 -5.65 9.17 1.10
N GLU A 7 -4.99 8.67 2.14
CA GLU A 7 -3.74 9.27 2.60
C GLU A 7 -2.86 8.23 3.28
N ILE A 8 -1.56 8.33 3.05
CA ILE A 8 -0.60 7.42 3.66
C ILE A 8 0.45 8.18 4.46
N VAL A 9 0.44 7.99 5.77
CA VAL A 9 1.39 8.66 6.64
C VAL A 9 2.59 7.77 6.95
N ALA A 10 3.78 8.34 6.86
CA ALA A 10 5.00 7.60 7.14
C ALA A 10 5.40 7.73 8.61
N VAL A 11 6.66 7.43 8.92
CA VAL A 11 7.16 7.50 10.28
C VAL A 11 7.60 8.92 10.64
N ASP A 12 8.13 9.64 9.65
CA ASP A 12 8.60 11.01 9.88
C ASP A 12 7.80 12.02 9.06
N ARG A 13 7.23 11.58 7.95
CA ARG A 13 6.45 12.47 7.09
C ARG A 13 5.32 11.72 6.40
N ASN A 14 4.65 12.40 5.47
CA ASN A 14 3.55 11.79 4.72
C ASN A 14 4.00 11.37 3.33
N ILE A 15 3.37 10.33 2.79
CA ILE A 15 3.70 9.84 1.47
C ILE A 15 2.82 10.46 0.39
N TRP A 16 1.55 10.12 0.39
CA TRP A 16 0.60 10.65 -0.58
C TRP A 16 -0.76 10.90 0.04
N SER A 17 -1.47 11.89 -0.49
CA SER A 17 -2.80 12.24 0.01
C SER A 17 -3.63 12.92 -1.08
N GLY A 18 -4.73 12.28 -1.45
CA GLY A 18 -5.59 12.84 -2.48
C GLY A 18 -6.89 12.08 -2.63
N THR A 19 -7.11 11.51 -3.82
CA THR A 19 -8.33 10.75 -4.08
C THR A 19 -8.03 9.57 -5.00
N ALA A 20 -8.71 8.45 -4.76
CA ALA A 20 -8.53 7.25 -5.57
C ALA A 20 -9.83 6.46 -5.70
N LYS A 21 -9.84 5.50 -6.62
CA LYS A 21 -11.03 4.68 -6.84
C LYS A 21 -11.09 3.54 -5.84
N PHE A 22 -9.97 2.84 -5.66
CA PHE A 22 -9.91 1.72 -4.72
C PHE A 22 -8.47 1.25 -4.52
N LEU A 23 -8.26 0.44 -3.48
CA LEU A 23 -6.93 -0.09 -3.18
C LEU A 23 -7.02 -1.50 -2.65
N PHE A 24 -5.94 -2.26 -2.85
CA PHE A 24 -5.89 -3.65 -2.38
C PHE A 24 -4.71 -3.85 -1.43
N THR A 25 -5.01 -3.91 -0.14
CA THR A 25 -3.98 -4.10 0.87
C THR A 25 -4.11 -5.47 1.53
N ARG A 26 -3.08 -5.86 2.28
CA ARG A 26 -3.06 -7.14 2.96
C ARG A 26 -2.84 -6.95 4.46
N THR A 27 -3.71 -7.57 5.26
CA THR A 27 -3.61 -7.47 6.71
C THR A 27 -3.64 -8.85 7.36
N THR A 28 -3.77 -8.88 8.68
CA THR A 28 -3.82 -10.14 9.41
C THR A 28 -4.96 -11.01 8.92
N VAL A 29 -6.04 -10.38 8.48
CA VAL A 29 -7.21 -11.09 7.98
C VAL A 29 -7.02 -11.50 6.52
N GLY A 30 -6.05 -10.89 5.85
CA GLY A 30 -5.78 -11.21 4.46
C GLY A 30 -6.05 -10.04 3.53
N GLU A 31 -6.02 -10.30 2.22
CA GLU A 31 -6.26 -9.25 1.23
C GLU A 31 -7.62 -8.59 1.45
N ILE A 32 -7.68 -7.28 1.20
CA ILE A 32 -8.92 -6.53 1.37
C ILE A 32 -9.02 -5.41 0.34
N GLY A 33 -10.19 -5.30 -0.29
CA GLY A 33 -10.40 -4.26 -1.29
C GLY A 33 -11.36 -3.20 -0.81
N ILE A 34 -10.86 -1.97 -0.67
CA ILE A 34 -11.69 -0.86 -0.22
C ILE A 34 -12.39 -0.18 -1.39
N LEU A 35 -13.72 -0.19 -1.36
CA LEU A 35 -14.52 0.43 -2.42
C LEU A 35 -15.15 1.73 -1.94
N PRO A 36 -15.46 2.65 -2.87
CA PRO A 36 -16.07 3.93 -2.54
C PRO A 36 -17.47 3.78 -1.96
N ARG A 37 -17.85 4.71 -1.09
CA ARG A 37 -19.16 4.68 -0.46
C ARG A 37 -19.34 3.41 0.38
N HIS A 38 -18.76 3.43 1.58
CA HIS A 38 -18.85 2.29 2.48
C HIS A 38 -18.68 2.73 3.93
N ILE A 39 -18.58 1.75 4.83
CA ILE A 39 -18.41 2.04 6.25
C ILE A 39 -16.95 1.99 6.66
N PRO A 40 -16.48 2.97 7.46
CA PRO A 40 -15.09 3.02 7.91
C PRO A 40 -14.64 1.73 8.60
N LEU A 41 -13.34 1.53 8.69
CA LEU A 41 -12.80 0.33 9.33
C LEU A 41 -11.28 0.47 9.53
N VAL A 42 -10.76 -0.31 10.47
CA VAL A 42 -9.32 -0.27 10.77
C VAL A 42 -8.71 -1.67 10.63
N ALA A 43 -7.39 -1.70 10.43
CA ALA A 43 -6.68 -2.97 10.28
C ALA A 43 -5.18 -2.75 10.24
N GLN A 44 -4.43 -3.69 10.81
CA GLN A 44 -2.97 -3.60 10.83
C GLN A 44 -2.35 -4.37 9.67
N LEU A 45 -1.40 -3.74 8.99
CA LEU A 45 -0.73 -4.37 7.85
C LEU A 45 0.20 -5.47 8.31
N VAL A 46 0.76 -6.21 7.36
CA VAL A 46 1.67 -7.31 7.67
C VAL A 46 3.02 -7.12 6.97
N ASP A 47 3.38 -5.86 6.72
CA ASP A 47 4.64 -5.56 6.06
C ASP A 47 4.70 -6.18 4.68
N ASP A 48 3.63 -6.03 3.91
CA ASP A 48 3.56 -6.59 2.57
C ASP A 48 3.33 -5.49 1.53
N ALA A 49 4.03 -4.37 1.70
CA ALA A 49 3.91 -3.25 0.78
C ALA A 49 2.46 -2.74 0.72
N MET A 50 2.20 -1.84 -0.21
CA MET A 50 0.85 -1.28 -0.37
C MET A 50 0.47 -1.19 -1.85
N VAL A 51 -0.79 -1.44 -2.13
CA VAL A 51 -1.30 -1.38 -3.50
C VAL A 51 -2.61 -0.61 -3.57
N ARG A 52 -2.58 0.55 -4.21
CA ARG A 52 -3.77 1.39 -4.34
C ARG A 52 -3.93 1.90 -5.77
N VAL A 53 -5.16 2.00 -6.23
CA VAL A 53 -5.44 2.49 -7.57
C VAL A 53 -6.36 3.70 -7.54
N GLU A 54 -6.05 4.70 -8.35
CA GLU A 54 -6.85 5.92 -8.40
C GLU A 54 -8.00 5.79 -9.41
N ARG A 55 -8.07 4.65 -10.08
CA ARG A 55 -9.12 4.40 -11.07
C ARG A 55 -9.39 2.91 -11.20
N GLU A 56 -10.55 2.57 -11.77
CA GLU A 56 -10.92 1.18 -11.95
C GLU A 56 -10.25 0.58 -13.18
N GLY A 57 -9.38 -0.40 -12.94
CA GLY A 57 -8.68 -1.05 -14.04
C GLY A 57 -7.83 -0.09 -14.85
N GLU A 58 -7.25 0.91 -14.19
CA GLU A 58 -6.41 1.89 -14.87
C GLU A 58 -5.23 2.31 -14.00
N LYS A 59 -5.45 3.28 -13.12
CA LYS A 59 -4.39 3.77 -12.24
C LYS A 59 -3.84 2.63 -11.37
N ASP A 60 -2.61 2.78 -10.92
CA ASP A 60 -1.97 1.78 -10.08
C ASP A 60 -0.86 2.38 -9.23
N LEU A 61 -1.26 3.02 -8.13
CA LEU A 61 -0.29 3.63 -7.23
C LEU A 61 0.53 2.58 -6.50
N ARG A 62 1.74 2.34 -6.97
CA ARG A 62 2.62 1.34 -6.37
C ARG A 62 3.32 1.90 -5.14
N ILE A 63 2.84 1.51 -3.96
CA ILE A 63 3.42 1.96 -2.71
C ILE A 63 4.02 0.79 -1.93
N ALA A 64 4.92 1.08 -1.01
CA ALA A 64 5.57 0.05 -0.22
C ALA A 64 5.59 0.42 1.27
N VAL A 65 4.59 -0.08 2.00
CA VAL A 65 4.49 0.19 3.43
C VAL A 65 5.02 -0.99 4.25
N ASP A 66 5.50 -0.70 5.45
CA ASP A 66 6.03 -1.73 6.32
C ASP A 66 5.50 -1.58 7.74
N GLY A 67 4.60 -2.49 8.13
CA GLY A 67 4.02 -2.44 9.46
C GLY A 67 3.36 -1.11 9.77
N GLY A 68 2.11 -0.96 9.34
CA GLY A 68 1.39 0.27 9.58
C GLY A 68 -0.05 0.04 9.97
N PHE A 69 -0.75 1.11 10.33
CA PHE A 69 -2.15 1.02 10.72
C PHE A 69 -3.05 1.63 9.65
N LEU A 70 -3.91 0.81 9.06
CA LEU A 70 -4.82 1.28 8.03
C LEU A 70 -6.16 1.71 8.62
N SER A 71 -6.52 2.96 8.35
CA SER A 71 -7.78 3.51 8.84
C SER A 71 -8.62 4.00 7.67
N VAL A 72 -9.63 3.21 7.30
CA VAL A 72 -10.50 3.57 6.19
C VAL A 72 -11.61 4.52 6.64
N THR A 73 -11.61 5.72 6.07
CA THR A 73 -12.63 6.72 6.39
C THR A 73 -13.03 7.50 5.16
N GLU A 74 -14.30 7.90 5.12
CA GLU A 74 -14.83 8.68 4.01
C GLU A 74 -14.18 10.06 3.96
N GLU A 75 -13.79 10.56 5.12
CA GLU A 75 -13.15 11.87 5.21
C GLU A 75 -11.78 11.82 4.54
N GLY A 76 -11.22 10.62 4.42
CA GLY A 76 -9.92 10.46 3.79
C GLY A 76 -9.06 9.41 4.46
N VAL A 77 -9.25 8.15 4.04
CA VAL A 77 -8.49 7.02 4.59
C VAL A 77 -7.09 7.44 5.05
N SER A 78 -6.62 6.84 6.13
CA SER A 78 -5.31 7.16 6.68
C SER A 78 -4.52 5.90 6.99
N ILE A 79 -3.31 5.83 6.47
CA ILE A 79 -2.44 4.67 6.68
C ILE A 79 -1.10 5.10 7.25
N LEU A 80 -0.89 4.84 8.55
CA LEU A 80 0.36 5.22 9.21
C LEU A 80 1.35 4.05 9.18
N ALA A 81 2.27 4.09 8.22
CA ALA A 81 3.27 3.04 8.09
C ALA A 81 4.57 3.45 8.78
N GLU A 82 5.37 2.45 9.13
CA GLU A 82 6.64 2.69 9.80
C GLU A 82 7.73 3.03 8.79
N SER A 83 7.57 2.53 7.57
CA SER A 83 8.54 2.79 6.50
C SER A 83 7.88 2.66 5.13
N ALA A 84 7.14 3.70 4.74
CA ALA A 84 6.46 3.71 3.45
C ALA A 84 7.41 4.11 2.33
N GLU A 85 7.05 3.76 1.11
CA GLU A 85 7.88 4.08 -0.06
C GLU A 85 7.01 4.38 -1.27
N PHE A 86 7.27 5.52 -1.91
CA PHE A 86 6.52 5.92 -3.09
C PHE A 86 6.86 5.04 -4.29
N GLU A 87 6.05 5.14 -5.33
CA GLU A 87 6.26 4.36 -6.54
C GLU A 87 7.68 4.54 -7.08
N SER A 88 8.29 5.67 -6.76
CA SER A 88 9.66 5.95 -7.21
C SER A 88 10.62 4.88 -6.71
N GLU A 89 10.29 4.26 -5.58
CA GLU A 89 11.13 3.23 -5.01
C GLU A 89 10.62 1.84 -5.39
N ILE A 90 10.07 1.74 -6.60
CA ILE A 90 9.55 0.46 -7.08
C ILE A 90 10.41 -0.09 -8.23
N ASP A 91 11.52 0.58 -8.51
CA ASP A 91 12.41 0.14 -9.58
C ASP A 91 13.06 -1.19 -9.23
N GLU A 92 13.42 -1.95 -10.28
CA GLU A 92 14.04 -3.26 -10.09
C GLU A 92 15.21 -3.18 -9.12
N ALA A 93 15.85 -2.01 -9.04
CA ALA A 93 16.98 -1.82 -8.16
C ALA A 93 16.63 -2.17 -6.72
N ALA A 94 15.56 -1.56 -6.22
CA ALA A 94 15.11 -1.81 -4.85
C ALA A 94 14.48 -3.19 -4.73
N ALA A 95 13.68 -3.56 -5.72
CA ALA A 95 13.01 -4.86 -5.73
C ALA A 95 14.02 -5.99 -5.70
N LYS A 96 15.22 -5.73 -6.22
CA LYS A 96 16.28 -6.72 -6.25
C LYS A 96 16.92 -6.87 -4.89
N GLN A 97 17.45 -5.77 -4.37
CA GLN A 97 18.10 -5.77 -3.07
C GLN A 97 17.17 -6.32 -1.99
N ASP A 98 15.95 -5.80 -1.95
CA ASP A 98 14.98 -6.24 -0.97
C ASP A 98 14.60 -7.70 -1.19
N SER A 99 14.53 -8.10 -2.46
CA SER A 99 14.18 -9.47 -2.80
C SER A 99 15.18 -10.45 -2.18
N GLU A 100 16.43 -10.01 -2.03
CA GLU A 100 17.46 -10.85 -1.45
C GLU A 100 17.14 -11.22 -0.01
N SER A 101 16.20 -10.51 0.60
CA SER A 101 15.80 -10.77 1.98
C SER A 101 16.92 -10.41 2.95
N ASP A 102 17.46 -9.20 2.81
CA ASP A 102 18.52 -8.73 3.68
C ASP A 102 18.02 -8.56 5.11
N ASP A 103 16.70 -8.55 5.28
CA ASP A 103 16.10 -8.39 6.60
C ASP A 103 14.71 -9.03 6.64
N PRO A 104 14.16 -9.22 7.85
CA PRO A 104 12.83 -9.83 8.01
C PRO A 104 11.75 -9.06 7.24
N ARG A 105 11.64 -7.77 7.52
CA ARG A 105 10.65 -6.93 6.86
C ARG A 105 10.95 -6.84 5.37
N ILE A 106 12.24 -6.91 5.02
CA ILE A 106 12.66 -6.83 3.63
C ILE A 106 12.16 -8.05 2.85
N ALA A 107 12.20 -9.21 3.47
CA ALA A 107 11.75 -10.44 2.83
C ALA A 107 10.26 -10.39 2.54
N ALA A 108 9.47 -10.16 3.59
CA ALA A 108 8.02 -10.08 3.43
C ALA A 108 7.63 -8.99 2.44
N ARG A 109 8.31 -7.84 2.55
CA ARG A 109 8.05 -6.72 1.66
C ARG A 109 8.58 -7.02 0.26
N GLY A 110 9.65 -7.81 0.19
CA GLY A 110 10.23 -8.16 -1.09
C GLY A 110 9.25 -8.87 -1.98
N ARG A 111 8.65 -9.94 -1.47
CA ARG A 111 7.66 -10.70 -2.22
C ARG A 111 6.44 -9.84 -2.53
N ALA A 112 6.06 -9.02 -1.57
CA ALA A 112 4.91 -8.12 -1.73
C ALA A 112 5.19 -7.09 -2.82
N ARG A 113 6.34 -6.45 -2.74
CA ARG A 113 6.73 -5.44 -3.72
C ARG A 113 6.81 -6.04 -5.12
N LEU A 114 7.56 -7.12 -5.25
CA LEU A 114 7.72 -7.79 -6.53
C LEU A 114 6.35 -8.09 -7.16
N ARG A 115 5.46 -8.66 -6.36
CA ARG A 115 4.13 -9.00 -6.83
C ARG A 115 3.39 -7.76 -7.33
N ALA A 116 3.71 -6.62 -6.73
CA ALA A 116 3.09 -5.35 -7.10
C ALA A 116 3.83 -4.68 -8.26
N VAL A 117 5.12 -4.99 -8.39
CA VAL A 117 5.93 -4.42 -9.46
C VAL A 117 5.65 -5.11 -10.79
N GLY A 118 4.97 -6.24 -10.75
CA GLY A 118 4.66 -6.97 -11.97
C GLY A 118 5.62 -8.11 -12.23
N ALA A 119 6.18 -8.65 -11.16
CA ALA A 119 7.12 -9.77 -11.28
C ALA A 119 6.42 -11.11 -11.15
N ILE A 120 5.09 -11.11 -11.27
CA ILE A 120 4.31 -12.34 -11.17
C ILE A 120 4.28 -13.08 -12.49
N ASP A 121 3.85 -12.39 -13.55
CA ASP A 121 3.77 -13.00 -14.87
C ASP A 121 5.16 -13.06 -15.53
N MET A 1 -19.80 5.36 -9.53
CA MET A 1 -18.83 6.43 -9.85
C MET A 1 -18.70 7.42 -8.70
N ALA A 2 -17.76 7.16 -7.80
CA ALA A 2 -17.53 8.03 -6.65
C ALA A 2 -16.06 8.02 -6.23
N GLU A 3 -15.60 9.14 -5.71
CA GLU A 3 -14.21 9.28 -5.27
C GLU A 3 -14.12 9.29 -3.75
N LEU A 4 -13.19 8.50 -3.22
CA LEU A 4 -12.98 8.43 -1.77
C LEU A 4 -11.60 8.96 -1.40
N ASN A 5 -11.57 9.89 -0.45
CA ASN A 5 -10.32 10.48 0.00
C ASN A 5 -9.45 9.44 0.72
N VAL A 6 -8.16 9.50 0.49
CA VAL A 6 -7.22 8.57 1.12
C VAL A 6 -5.92 9.27 1.49
N GLU A 7 -5.21 8.71 2.47
CA GLU A 7 -3.95 9.28 2.91
C GLU A 7 -3.03 8.22 3.49
N ILE A 8 -1.75 8.30 3.15
CA ILE A 8 -0.76 7.34 3.65
C ILE A 8 0.34 8.07 4.40
N VAL A 9 0.39 7.85 5.72
CA VAL A 9 1.39 8.50 6.55
C VAL A 9 2.59 7.60 6.79
N ALA A 10 3.79 8.17 6.68
CA ALA A 10 5.02 7.42 6.90
C ALA A 10 5.66 7.79 8.24
N VAL A 11 6.87 7.30 8.47
CA VAL A 11 7.58 7.58 9.71
C VAL A 11 8.31 8.92 9.64
N ASP A 12 8.74 9.30 8.44
CA ASP A 12 9.44 10.55 8.23
C ASP A 12 8.50 11.66 7.76
N ARG A 13 7.41 11.25 7.11
CA ARG A 13 6.43 12.21 6.60
C ARG A 13 5.29 11.49 5.89
N ASN A 14 4.45 12.26 5.20
CA ASN A 14 3.32 11.70 4.47
C ASN A 14 3.71 11.29 3.05
N ILE A 15 3.03 10.28 2.52
CA ILE A 15 3.31 9.80 1.18
C ILE A 15 2.34 10.40 0.16
N TRP A 16 1.08 9.99 0.25
CA TRP A 16 0.05 10.48 -0.66
C TRP A 16 -1.21 10.87 0.11
N SER A 17 -1.87 11.92 -0.36
CA SER A 17 -3.10 12.40 0.28
C SER A 17 -3.99 13.13 -0.73
N GLY A 18 -5.10 12.50 -1.09
CA GLY A 18 -6.01 13.10 -2.03
C GLY A 18 -7.30 12.32 -2.18
N THR A 19 -7.56 11.81 -3.38
CA THR A 19 -8.76 11.04 -3.64
C THR A 19 -8.47 9.88 -4.58
N ALA A 20 -9.23 8.79 -4.43
CA ALA A 20 -9.05 7.61 -5.27
C ALA A 20 -10.37 6.87 -5.42
N LYS A 21 -10.40 5.95 -6.39
CA LYS A 21 -11.61 5.17 -6.65
C LYS A 21 -11.64 3.91 -5.78
N PHE A 22 -10.50 3.24 -5.65
CA PHE A 22 -10.42 2.03 -4.84
C PHE A 22 -8.97 1.57 -4.67
N LEU A 23 -8.75 0.67 -3.71
CA LEU A 23 -7.42 0.15 -3.44
C LEU A 23 -7.49 -1.25 -2.86
N PHE A 24 -6.44 -2.04 -3.06
CA PHE A 24 -6.38 -3.40 -2.56
C PHE A 24 -5.16 -3.60 -1.66
N THR A 25 -5.40 -3.82 -0.37
CA THR A 25 -4.32 -4.02 0.58
C THR A 25 -4.60 -5.23 1.47
N ARG A 26 -3.55 -5.76 2.09
CA ARG A 26 -3.69 -6.92 2.96
C ARG A 26 -3.41 -6.53 4.41
N THR A 27 -4.32 -6.91 5.30
CA THR A 27 -4.18 -6.62 6.72
C THR A 27 -4.34 -7.87 7.56
N THR A 28 -4.54 -7.70 8.87
CA THR A 28 -4.71 -8.82 9.78
C THR A 28 -5.82 -9.75 9.30
N VAL A 29 -6.80 -9.18 8.61
CA VAL A 29 -7.93 -9.95 8.10
C VAL A 29 -7.63 -10.51 6.71
N GLY A 30 -6.66 -9.90 6.02
CA GLY A 30 -6.29 -10.36 4.69
C GLY A 30 -6.59 -9.32 3.62
N GLU A 31 -6.69 -9.77 2.38
CA GLU A 31 -6.97 -8.88 1.26
C GLU A 31 -8.29 -8.13 1.48
N ILE A 32 -8.25 -6.82 1.32
CA ILE A 32 -9.43 -5.99 1.50
C ILE A 32 -9.48 -4.87 0.48
N GLY A 33 -10.57 -4.79 -0.26
CA GLY A 33 -10.73 -3.74 -1.27
C GLY A 33 -11.72 -2.68 -0.85
N ILE A 34 -11.23 -1.46 -0.67
CA ILE A 34 -12.08 -0.35 -0.25
C ILE A 34 -12.73 0.32 -1.46
N LEU A 35 -14.02 0.63 -1.33
CA LEU A 35 -14.77 1.27 -2.40
C LEU A 35 -15.40 2.58 -1.91
N PRO A 36 -15.83 3.44 -2.85
CA PRO A 36 -16.44 4.73 -2.51
C PRO A 36 -17.61 4.57 -1.53
N ARG A 37 -17.54 5.30 -0.42
CA ARG A 37 -18.59 5.24 0.59
C ARG A 37 -18.71 3.82 1.17
N HIS A 38 -17.78 3.47 2.05
CA HIS A 38 -17.78 2.15 2.67
C HIS A 38 -17.72 2.26 4.19
N ILE A 39 -17.98 1.15 4.87
CA ILE A 39 -17.96 1.13 6.33
C ILE A 39 -16.53 1.35 6.86
N PRO A 40 -16.37 2.20 7.89
CA PRO A 40 -15.07 2.48 8.48
C PRO A 40 -14.55 1.32 9.32
N LEU A 41 -13.24 1.16 9.36
CA LEU A 41 -12.62 0.09 10.13
C LEU A 41 -11.10 0.26 10.19
N VAL A 42 -10.47 -0.40 11.15
CA VAL A 42 -9.03 -0.33 11.32
C VAL A 42 -8.40 -1.72 11.28
N ALA A 43 -7.24 -1.81 10.64
CA ALA A 43 -6.53 -3.08 10.52
C ALA A 43 -5.04 -2.86 10.32
N GLN A 44 -4.23 -3.84 10.75
CA GLN A 44 -2.79 -3.74 10.61
C GLN A 44 -2.31 -4.51 9.38
N LEU A 45 -1.46 -3.87 8.58
CA LEU A 45 -0.93 -4.48 7.38
C LEU A 45 -0.06 -5.69 7.72
N VAL A 46 0.46 -6.35 6.69
CA VAL A 46 1.31 -7.53 6.89
C VAL A 46 2.67 -7.35 6.21
N ASP A 47 3.10 -6.09 6.07
CA ASP A 47 4.38 -5.79 5.44
C ASP A 47 4.44 -6.37 4.03
N ASP A 48 3.38 -6.16 3.25
CA ASP A 48 3.32 -6.66 1.88
C ASP A 48 3.06 -5.52 0.90
N ALA A 49 3.73 -4.39 1.12
CA ALA A 49 3.57 -3.24 0.24
C ALA A 49 2.11 -2.74 0.25
N MET A 50 1.83 -1.74 -0.57
CA MET A 50 0.49 -1.18 -0.66
C MET A 50 0.10 -0.92 -2.11
N VAL A 51 -1.08 -1.40 -2.49
CA VAL A 51 -1.59 -1.22 -3.85
C VAL A 51 -2.89 -0.42 -3.83
N ARG A 52 -2.86 0.78 -4.40
CA ARG A 52 -4.04 1.64 -4.45
C ARG A 52 -4.22 2.25 -5.83
N VAL A 53 -5.48 2.46 -6.22
CA VAL A 53 -5.78 3.05 -7.52
C VAL A 53 -6.73 4.23 -7.36
N GLU A 54 -6.53 5.26 -8.17
CA GLU A 54 -7.36 6.45 -8.11
C GLU A 54 -8.52 6.39 -9.11
N ARG A 55 -8.45 5.42 -10.03
CA ARG A 55 -9.49 5.25 -11.03
C ARG A 55 -9.88 3.79 -11.18
N GLU A 56 -11.07 3.55 -11.72
CA GLU A 56 -11.56 2.18 -11.91
C GLU A 56 -10.96 1.54 -13.16
N GLY A 57 -10.17 0.49 -12.96
CA GLY A 57 -9.57 -0.22 -14.07
C GLY A 57 -8.65 0.65 -14.91
N GLU A 58 -7.97 1.60 -14.28
CA GLU A 58 -7.06 2.48 -15.01
C GLU A 58 -5.88 2.89 -14.15
N LYS A 59 -6.05 3.94 -13.35
CA LYS A 59 -4.98 4.42 -12.48
C LYS A 59 -4.43 3.29 -11.62
N ASP A 60 -3.23 3.49 -11.09
CA ASP A 60 -2.59 2.48 -10.25
C ASP A 60 -1.42 3.06 -9.47
N LEU A 61 -1.70 3.48 -8.23
CA LEU A 61 -0.67 4.05 -7.37
C LEU A 61 0.19 2.95 -6.76
N ARG A 62 1.46 2.90 -7.16
CA ARG A 62 2.39 1.90 -6.66
C ARG A 62 3.01 2.36 -5.34
N ILE A 63 2.66 1.67 -4.26
CA ILE A 63 3.18 2.00 -2.94
C ILE A 63 3.71 0.76 -2.23
N ALA A 64 4.63 0.96 -1.30
CA ALA A 64 5.22 -0.15 -0.55
C ALA A 64 5.25 0.15 0.94
N VAL A 65 4.17 -0.21 1.64
CA VAL A 65 4.09 0.02 3.08
C VAL A 65 4.60 -1.19 3.85
N ASP A 66 5.13 -0.93 5.05
CA ASP A 66 5.67 -2.00 5.89
C ASP A 66 5.10 -1.91 7.31
N GLY A 67 4.35 -2.94 7.71
CA GLY A 67 3.76 -2.97 9.04
C GLY A 67 3.14 -1.66 9.44
N GLY A 68 2.14 -1.22 8.68
CA GLY A 68 1.47 0.03 8.98
C GLY A 68 0.08 -0.16 9.53
N PHE A 69 -0.53 0.93 10.00
CA PHE A 69 -1.89 0.87 10.54
C PHE A 69 -2.89 1.43 9.53
N LEU A 70 -3.81 0.57 9.09
CA LEU A 70 -4.81 0.97 8.11
C LEU A 70 -6.07 1.48 8.80
N SER A 71 -6.49 2.69 8.43
CA SER A 71 -7.69 3.29 9.00
C SER A 71 -8.63 3.75 7.88
N VAL A 72 -9.65 2.96 7.61
CA VAL A 72 -10.62 3.27 6.57
C VAL A 72 -11.69 4.24 7.08
N THR A 73 -11.74 5.42 6.49
CA THR A 73 -12.73 6.41 6.88
C THR A 73 -13.18 7.23 5.66
N GLU A 74 -14.45 7.63 5.68
CA GLU A 74 -15.02 8.42 4.60
C GLU A 74 -14.39 9.80 4.56
N GLU A 75 -13.95 10.28 5.72
CA GLU A 75 -13.32 11.58 5.81
C GLU A 75 -11.98 11.57 5.09
N GLY A 76 -11.42 10.38 4.90
CA GLY A 76 -10.15 10.25 4.22
C GLY A 76 -9.26 9.19 4.82
N VAL A 77 -9.45 7.94 4.39
CA VAL A 77 -8.66 6.80 4.87
C VAL A 77 -7.23 7.23 5.26
N SER A 78 -6.68 6.56 6.27
CA SER A 78 -5.34 6.87 6.74
C SER A 78 -4.51 5.60 6.91
N ILE A 79 -3.29 5.63 6.40
CA ILE A 79 -2.40 4.48 6.48
C ILE A 79 -1.04 4.88 7.04
N LEU A 80 -0.83 4.57 8.32
CA LEU A 80 0.43 4.89 8.98
C LEU A 80 1.42 3.73 8.86
N ALA A 81 2.30 3.82 7.86
CA ALA A 81 3.28 2.77 7.65
C ALA A 81 4.61 3.12 8.31
N GLU A 82 5.38 2.09 8.66
CA GLU A 82 6.68 2.30 9.30
C GLU A 82 7.78 2.49 8.26
N SER A 83 7.50 2.10 7.02
CA SER A 83 8.47 2.24 5.94
C SER A 83 7.77 2.24 4.58
N ALA A 84 7.09 3.33 4.28
CA ALA A 84 6.38 3.46 3.01
C ALA A 84 7.32 3.89 1.89
N GLU A 85 6.88 3.75 0.65
CA GLU A 85 7.69 4.12 -0.50
C GLU A 85 6.83 4.43 -1.71
N PHE A 86 7.19 5.48 -2.43
CA PHE A 86 6.45 5.89 -3.63
C PHE A 86 6.64 4.88 -4.75
N GLU A 87 5.80 4.99 -5.78
CA GLU A 87 5.87 4.09 -6.92
C GLU A 87 7.27 4.11 -7.56
N SER A 88 7.99 5.19 -7.34
CA SER A 88 9.34 5.34 -7.89
C SER A 88 10.30 4.34 -7.26
N GLU A 89 9.89 3.73 -6.15
CA GLU A 89 10.72 2.75 -5.47
C GLU A 89 10.38 1.33 -5.92
N ILE A 90 10.01 1.19 -7.19
CA ILE A 90 9.65 -0.12 -7.74
C ILE A 90 10.74 -0.63 -8.69
N ASP A 91 11.84 0.12 -8.80
CA ASP A 91 12.95 -0.27 -9.67
C ASP A 91 13.62 -1.54 -9.18
N GLU A 92 14.20 -2.30 -10.10
CA GLU A 92 14.88 -3.54 -9.76
C GLU A 92 15.97 -3.31 -8.72
N ALA A 93 16.54 -2.10 -8.71
CA ALA A 93 17.59 -1.76 -7.76
C ALA A 93 17.12 -1.98 -6.33
N ALA A 94 15.99 -1.37 -5.98
CA ALA A 94 15.43 -1.50 -4.64
C ALA A 94 14.81 -2.88 -4.44
N ALA A 95 14.21 -3.40 -5.51
CA ALA A 95 13.58 -4.72 -5.46
C ALA A 95 14.61 -5.82 -5.29
N LYS A 96 15.83 -5.56 -5.76
CA LYS A 96 16.92 -6.51 -5.66
C LYS A 96 17.47 -6.58 -4.24
N GLN A 97 17.86 -5.42 -3.73
CA GLN A 97 18.41 -5.33 -2.39
C GLN A 97 17.50 -6.04 -1.39
N ASP A 98 16.21 -5.79 -1.51
CA ASP A 98 15.23 -6.40 -0.63
C ASP A 98 15.12 -7.89 -0.92
N SER A 99 15.29 -8.26 -2.19
CA SER A 99 15.21 -9.65 -2.60
C SER A 99 16.21 -10.49 -1.81
N GLU A 100 17.35 -9.88 -1.47
CA GLU A 100 18.39 -10.57 -0.70
C GLU A 100 17.83 -11.10 0.62
N SER A 101 16.73 -10.50 1.07
CA SER A 101 16.09 -10.91 2.32
C SER A 101 17.06 -10.78 3.49
N ASP A 102 17.47 -9.56 3.78
CA ASP A 102 18.40 -9.31 4.88
C ASP A 102 17.65 -8.92 6.16
N ASP A 103 16.33 -9.01 6.12
CA ASP A 103 15.50 -8.67 7.27
C ASP A 103 14.11 -9.30 7.16
N PRO A 104 13.40 -9.42 8.29
CA PRO A 104 12.05 -10.01 8.30
C PRO A 104 11.06 -9.17 7.51
N ARG A 105 11.16 -7.85 7.65
CA ARG A 105 10.28 -6.94 6.96
C ARG A 105 10.71 -6.78 5.50
N ILE A 106 12.02 -6.65 5.28
CA ILE A 106 12.55 -6.50 3.93
C ILE A 106 12.26 -7.74 3.09
N ALA A 107 12.23 -8.90 3.74
CA ALA A 107 11.96 -10.16 3.06
C ALA A 107 10.50 -10.24 2.63
N ALA A 108 9.59 -10.05 3.58
CA ALA A 108 8.16 -10.08 3.29
C ALA A 108 7.80 -9.04 2.26
N ARG A 109 8.31 -7.82 2.46
CA ARG A 109 8.04 -6.72 1.53
C ARG A 109 8.75 -6.97 0.20
N GLY A 110 9.90 -7.62 0.26
CA GLY A 110 10.66 -7.91 -0.94
C GLY A 110 9.85 -8.74 -1.92
N ARG A 111 9.18 -9.76 -1.42
CA ARG A 111 8.36 -10.62 -2.25
C ARG A 111 7.15 -9.86 -2.76
N ALA A 112 6.56 -9.04 -1.89
CA ALA A 112 5.40 -8.24 -2.26
C ALA A 112 5.75 -7.27 -3.38
N ARG A 113 6.85 -6.54 -3.20
CA ARG A 113 7.30 -5.58 -4.20
C ARG A 113 7.59 -6.27 -5.51
N LEU A 114 8.36 -7.35 -5.46
CA LEU A 114 8.71 -8.11 -6.65
C LEU A 114 7.45 -8.60 -7.36
N ARG A 115 6.44 -8.96 -6.58
CA ARG A 115 5.18 -9.45 -7.13
C ARG A 115 4.56 -8.39 -8.04
N ALA A 116 4.55 -7.15 -7.57
CA ALA A 116 3.99 -6.04 -8.35
C ALA A 116 4.92 -5.63 -9.48
N VAL A 117 6.22 -5.88 -9.30
CA VAL A 117 7.21 -5.53 -10.31
C VAL A 117 7.20 -6.54 -11.47
N GLY A 118 6.53 -7.67 -11.26
CA GLY A 118 6.46 -8.68 -12.30
C GLY A 118 7.61 -9.67 -12.22
N ALA A 119 8.11 -9.90 -11.02
CA ALA A 119 9.22 -10.82 -10.80
C ALA A 119 8.72 -12.22 -10.48
N ILE A 120 7.44 -12.48 -10.75
CA ILE A 120 6.85 -13.78 -10.48
C ILE A 120 7.07 -14.74 -11.65
N ASP A 121 6.67 -14.30 -12.84
CA ASP A 121 6.83 -15.12 -14.04
C ASP A 121 8.29 -15.46 -14.28
N MET A 1 -18.92 3.45 -8.74
CA MET A 1 -18.14 4.51 -9.43
C MET A 1 -18.13 5.81 -8.63
N ALA A 2 -17.30 5.84 -7.58
CA ALA A 2 -17.19 7.01 -6.74
C ALA A 2 -15.74 7.28 -6.34
N GLU A 3 -15.50 8.42 -5.70
CA GLU A 3 -14.16 8.79 -5.27
C GLU A 3 -14.03 8.72 -3.76
N LEU A 4 -12.89 8.23 -3.29
CA LEU A 4 -12.63 8.12 -1.86
C LEU A 4 -11.26 8.67 -1.50
N ASN A 5 -11.25 9.77 -0.74
CA ASN A 5 -10.01 10.40 -0.33
C ASN A 5 -9.15 9.44 0.48
N VAL A 6 -7.86 9.35 0.13
CA VAL A 6 -6.95 8.47 0.82
C VAL A 6 -5.65 9.18 1.16
N GLU A 7 -4.95 8.69 2.18
CA GLU A 7 -3.69 9.28 2.61
C GLU A 7 -2.79 8.25 3.28
N ILE A 8 -1.50 8.31 2.98
CA ILE A 8 -0.53 7.37 3.56
C ILE A 8 0.54 8.14 4.33
N VAL A 9 0.56 7.96 5.65
CA VAL A 9 1.52 8.64 6.49
C VAL A 9 2.70 7.73 6.83
N ALA A 10 3.88 8.31 6.90
CA ALA A 10 5.10 7.56 7.22
C ALA A 10 5.57 7.86 8.64
N VAL A 11 6.79 7.46 8.95
CA VAL A 11 7.36 7.68 10.27
C VAL A 11 7.98 9.07 10.40
N ASP A 12 8.54 9.57 9.31
CA ASP A 12 9.17 10.89 9.30
C ASP A 12 8.34 11.91 8.54
N ARG A 13 7.53 11.44 7.59
CA ARG A 13 6.69 12.33 6.79
C ARG A 13 5.54 11.57 6.14
N ASN A 14 4.87 12.22 5.20
CA ASN A 14 3.75 11.61 4.50
C ASN A 14 4.14 11.21 3.08
N ILE A 15 3.49 10.18 2.56
CA ILE A 15 3.78 9.69 1.21
C ILE A 15 2.90 10.40 0.18
N TRP A 16 1.60 10.11 0.21
CA TRP A 16 0.66 10.72 -0.72
C TRP A 16 -0.71 10.89 -0.07
N SER A 17 -1.46 11.88 -0.54
CA SER A 17 -2.78 12.16 -0.01
C SER A 17 -3.64 12.88 -1.05
N GLY A 18 -4.77 12.27 -1.42
CA GLY A 18 -5.65 12.87 -2.40
C GLY A 18 -6.95 12.10 -2.55
N THR A 19 -7.19 11.58 -3.75
CA THR A 19 -8.41 10.82 -4.01
C THR A 19 -8.11 9.60 -4.89
N ALA A 20 -8.77 8.49 -4.58
CA ALA A 20 -8.58 7.26 -5.34
C ALA A 20 -9.86 6.45 -5.42
N LYS A 21 -10.04 5.74 -6.53
CA LYS A 21 -11.23 4.93 -6.73
C LYS A 21 -11.27 3.78 -5.73
N PHE A 22 -10.18 3.03 -5.63
CA PHE A 22 -10.11 1.91 -4.71
C PHE A 22 -8.67 1.43 -4.54
N LEU A 23 -8.43 0.61 -3.51
CA LEU A 23 -7.10 0.09 -3.25
C LEU A 23 -7.17 -1.31 -2.64
N PHE A 24 -6.11 -2.08 -2.84
CA PHE A 24 -6.05 -3.44 -2.30
C PHE A 24 -4.84 -3.61 -1.39
N THR A 25 -5.09 -3.86 -0.11
CA THR A 25 -4.02 -4.03 0.86
C THR A 25 -4.18 -5.34 1.63
N ARG A 26 -3.09 -5.85 2.17
CA ARG A 26 -3.11 -7.09 2.93
C ARG A 26 -2.89 -6.82 4.42
N THR A 27 -3.77 -7.36 5.25
CA THR A 27 -3.66 -7.17 6.70
C THR A 27 -3.75 -8.51 7.43
N THR A 28 -3.92 -8.45 8.74
CA THR A 28 -4.03 -9.67 9.56
C THR A 28 -5.17 -10.54 9.06
N VAL A 29 -6.21 -9.92 8.52
CA VAL A 29 -7.36 -10.65 8.03
C VAL A 29 -7.13 -11.16 6.61
N GLY A 30 -6.18 -10.53 5.91
CA GLY A 30 -5.86 -10.94 4.54
C GLY A 30 -6.18 -9.85 3.53
N GLU A 31 -6.28 -10.24 2.27
CA GLU A 31 -6.59 -9.29 1.20
C GLU A 31 -7.89 -8.56 1.47
N ILE A 32 -7.91 -7.26 1.17
CA ILE A 32 -9.10 -6.45 1.38
C ILE A 32 -9.19 -5.33 0.35
N GLY A 33 -10.38 -5.15 -0.22
CA GLY A 33 -10.58 -4.11 -1.21
C GLY A 33 -11.46 -2.99 -0.71
N ILE A 34 -10.90 -1.79 -0.61
CA ILE A 34 -11.65 -0.62 -0.14
C ILE A 34 -12.41 0.04 -1.28
N LEU A 35 -13.72 0.17 -1.12
CA LEU A 35 -14.56 0.79 -2.14
C LEU A 35 -15.23 2.05 -1.60
N PRO A 36 -15.65 2.96 -2.49
CA PRO A 36 -16.31 4.21 -2.10
C PRO A 36 -17.49 3.97 -1.15
N ARG A 37 -18.11 2.80 -1.28
CA ARG A 37 -19.25 2.45 -0.43
C ARG A 37 -18.88 1.35 0.55
N HIS A 38 -17.94 1.66 1.45
CA HIS A 38 -17.49 0.69 2.44
C HIS A 38 -17.45 1.33 3.83
N ILE A 39 -17.88 0.57 4.84
CA ILE A 39 -17.88 1.06 6.21
C ILE A 39 -16.46 1.31 6.71
N PRO A 40 -16.22 2.44 7.38
CA PRO A 40 -14.89 2.79 7.90
C PRO A 40 -14.45 1.84 9.02
N LEU A 41 -13.14 1.62 9.13
CA LEU A 41 -12.60 0.75 10.15
C LEU A 41 -11.08 0.83 10.20
N VAL A 42 -10.46 0.04 11.06
CA VAL A 42 -9.02 0.02 11.20
C VAL A 42 -8.46 -1.39 11.04
N ALA A 43 -7.23 -1.48 10.55
CA ALA A 43 -6.58 -2.77 10.35
C ALA A 43 -5.07 -2.62 10.24
N GLN A 44 -4.34 -3.57 10.81
CA GLN A 44 -2.88 -3.54 10.79
C GLN A 44 -2.34 -4.33 9.60
N LEU A 45 -1.51 -3.69 8.79
CA LEU A 45 -0.93 -4.34 7.62
C LEU A 45 0.02 -5.45 8.04
N VAL A 46 0.39 -6.29 7.07
CA VAL A 46 1.31 -7.40 7.34
C VAL A 46 2.64 -7.20 6.63
N ASP A 47 3.01 -5.94 6.40
CA ASP A 47 4.27 -5.61 5.74
C ASP A 47 4.30 -6.20 4.33
N ASP A 48 3.15 -6.20 3.67
CA ASP A 48 3.05 -6.72 2.31
C ASP A 48 2.90 -5.58 1.30
N ALA A 49 3.63 -4.50 1.51
CA ALA A 49 3.58 -3.35 0.63
C ALA A 49 2.18 -2.75 0.59
N MET A 50 2.00 -1.73 -0.25
CA MET A 50 0.71 -1.07 -0.38
C MET A 50 0.34 -0.86 -1.84
N VAL A 51 -0.79 -1.43 -2.24
CA VAL A 51 -1.26 -1.31 -3.63
C VAL A 51 -2.61 -0.61 -3.67
N ARG A 52 -2.64 0.58 -4.26
CA ARG A 52 -3.87 1.35 -4.38
C ARG A 52 -4.04 1.92 -5.78
N VAL A 53 -5.27 2.03 -6.23
CA VAL A 53 -5.55 2.59 -7.55
C VAL A 53 -6.45 3.82 -7.47
N GLU A 54 -6.19 4.79 -8.33
CA GLU A 54 -6.96 6.02 -8.36
C GLU A 54 -8.07 5.96 -9.41
N ARG A 55 -8.19 4.82 -10.09
CA ARG A 55 -9.21 4.66 -11.12
C ARG A 55 -9.52 3.17 -11.31
N GLU A 56 -10.66 2.88 -11.92
CA GLU A 56 -11.09 1.51 -12.17
C GLU A 56 -10.37 0.91 -13.37
N GLY A 57 -9.56 -0.11 -13.13
CA GLY A 57 -8.84 -0.77 -14.20
C GLY A 57 -7.92 0.15 -14.97
N GLU A 58 -7.31 1.11 -14.28
CA GLU A 58 -6.40 2.04 -14.92
C GLU A 58 -5.22 2.40 -14.02
N LYS A 59 -5.41 3.39 -13.16
CA LYS A 59 -4.35 3.81 -12.24
C LYS A 59 -3.88 2.66 -11.38
N ASP A 60 -2.68 2.79 -10.82
CA ASP A 60 -2.12 1.74 -9.98
C ASP A 60 -0.95 2.28 -9.14
N LEU A 61 -1.28 3.04 -8.10
CA LEU A 61 -0.27 3.60 -7.22
C LEU A 61 0.54 2.50 -6.54
N ARG A 62 1.73 2.23 -7.06
CA ARG A 62 2.60 1.20 -6.50
C ARG A 62 3.32 1.71 -5.26
N ILE A 63 2.85 1.27 -4.09
CA ILE A 63 3.45 1.68 -2.82
C ILE A 63 3.93 0.45 -2.05
N ALA A 64 4.85 0.68 -1.11
CA ALA A 64 5.39 -0.41 -0.31
C ALA A 64 5.52 0.00 1.16
N VAL A 65 4.50 -0.34 1.96
CA VAL A 65 4.50 -0.01 3.37
C VAL A 65 4.98 -1.19 4.21
N ASP A 66 5.39 -0.92 5.45
CA ASP A 66 5.88 -1.96 6.34
C ASP A 66 5.24 -1.84 7.72
N GLY A 67 4.40 -2.82 8.07
CA GLY A 67 3.74 -2.81 9.37
C GLY A 67 3.13 -1.47 9.71
N GLY A 68 2.10 -1.08 8.97
CA GLY A 68 1.44 0.19 9.21
C GLY A 68 0.02 0.03 9.69
N PHE A 69 -0.59 1.13 10.11
CA PHE A 69 -1.97 1.11 10.58
C PHE A 69 -2.90 1.70 9.54
N LEU A 70 -3.78 0.86 8.99
CA LEU A 70 -4.72 1.31 7.97
C LEU A 70 -6.04 1.75 8.59
N SER A 71 -6.41 3.00 8.33
CA SER A 71 -7.66 3.55 8.84
C SER A 71 -8.53 4.05 7.70
N VAL A 72 -9.52 3.24 7.32
CA VAL A 72 -10.41 3.60 6.22
C VAL A 72 -11.53 4.53 6.69
N THR A 73 -11.51 5.76 6.21
CA THR A 73 -12.52 6.73 6.57
C THR A 73 -12.95 7.55 5.36
N GLU A 74 -14.21 7.95 5.35
CA GLU A 74 -14.75 8.75 4.25
C GLU A 74 -14.12 10.13 4.22
N GLU A 75 -13.71 10.60 5.40
CA GLU A 75 -13.07 11.91 5.50
C GLU A 75 -11.71 11.89 4.81
N GLY A 76 -11.15 10.71 4.65
CA GLY A 76 -9.86 10.58 4.00
C GLY A 76 -8.99 9.51 4.62
N VAL A 77 -9.19 8.26 4.19
CA VAL A 77 -8.42 7.13 4.70
C VAL A 77 -7.00 7.52 5.10
N SER A 78 -6.50 6.93 6.17
CA SER A 78 -5.16 7.23 6.67
C SER A 78 -4.39 5.95 6.96
N ILE A 79 -3.19 5.85 6.39
CA ILE A 79 -2.35 4.68 6.58
C ILE A 79 -0.97 5.08 7.11
N LEU A 80 -0.75 4.82 8.40
CA LEU A 80 0.52 5.14 9.04
C LEU A 80 1.48 3.97 8.96
N ALA A 81 2.35 4.00 7.96
CA ALA A 81 3.32 2.93 7.77
C ALA A 81 4.64 3.26 8.46
N GLU A 82 5.40 2.22 8.81
CA GLU A 82 6.69 2.40 9.46
C GLU A 82 7.79 2.69 8.44
N SER A 83 7.55 2.29 7.19
CA SER A 83 8.51 2.51 6.13
C SER A 83 7.86 2.37 4.76
N ALA A 84 7.15 3.43 4.35
CA ALA A 84 6.47 3.44 3.06
C ALA A 84 7.43 3.77 1.93
N GLU A 85 7.20 3.17 0.76
CA GLU A 85 8.04 3.41 -0.40
C GLU A 85 7.20 3.81 -1.62
N PHE A 86 7.48 4.98 -2.16
CA PHE A 86 6.77 5.48 -3.32
C PHE A 86 7.03 4.63 -4.55
N GLU A 87 6.19 4.77 -5.56
CA GLU A 87 6.32 4.02 -6.79
C GLU A 87 7.73 4.15 -7.38
N SER A 88 8.40 5.26 -7.06
CA SER A 88 9.74 5.51 -7.55
C SER A 88 10.77 4.75 -6.72
N GLU A 89 10.35 4.25 -5.56
CA GLU A 89 11.24 3.50 -4.68
C GLU A 89 11.06 2.01 -4.86
N ILE A 90 10.77 1.60 -6.10
CA ILE A 90 10.58 0.19 -6.41
C ILE A 90 11.36 -0.22 -7.64
N ASP A 91 12.44 0.51 -7.93
CA ASP A 91 13.27 0.21 -9.09
C ASP A 91 13.95 -1.15 -8.93
N GLU A 92 14.25 -1.78 -10.06
CA GLU A 92 14.91 -3.08 -10.06
C GLU A 92 16.09 -3.11 -9.09
N ALA A 93 16.75 -1.96 -8.93
CA ALA A 93 17.89 -1.85 -8.04
C ALA A 93 17.47 -2.09 -6.60
N ALA A 94 16.45 -1.36 -6.16
CA ALA A 94 15.94 -1.49 -4.79
C ALA A 94 15.17 -2.78 -4.62
N ALA A 95 14.49 -3.21 -5.68
CA ALA A 95 13.70 -4.44 -5.65
C ALA A 95 14.61 -5.65 -5.46
N LYS A 96 15.87 -5.52 -5.86
CA LYS A 96 16.82 -6.61 -5.74
C LYS A 96 17.43 -6.65 -4.34
N GLN A 97 17.98 -5.52 -3.91
CA GLN A 97 18.60 -5.44 -2.60
C GLN A 97 17.62 -5.86 -1.51
N ASP A 98 16.36 -5.48 -1.68
CA ASP A 98 15.33 -5.81 -0.72
C ASP A 98 14.84 -7.25 -0.93
N SER A 99 14.85 -7.68 -2.19
CA SER A 99 14.43 -9.04 -2.53
C SER A 99 15.30 -10.08 -1.82
N GLU A 100 16.54 -9.69 -1.52
CA GLU A 100 17.47 -10.58 -0.84
C GLU A 100 16.86 -11.12 0.45
N SER A 101 15.91 -10.38 1.01
CA SER A 101 15.24 -10.79 2.24
C SER A 101 16.19 -10.71 3.42
N ASP A 102 16.77 -9.54 3.63
CA ASP A 102 17.70 -9.34 4.74
C ASP A 102 16.95 -9.02 6.04
N ASP A 103 15.63 -8.99 5.97
CA ASP A 103 14.80 -8.71 7.14
C ASP A 103 13.37 -9.21 6.93
N PRO A 104 12.64 -9.45 8.02
CA PRO A 104 11.25 -9.94 7.95
C PRO A 104 10.34 -8.95 7.25
N ARG A 105 10.58 -7.67 7.48
CA ARG A 105 9.78 -6.61 6.87
C ARG A 105 10.19 -6.38 5.42
N ILE A 106 11.49 -6.56 5.14
CA ILE A 106 12.00 -6.37 3.79
C ILE A 106 11.56 -7.52 2.88
N ALA A 107 11.41 -8.71 3.46
CA ALA A 107 10.99 -9.87 2.70
C ALA A 107 9.51 -9.79 2.34
N ALA A 108 8.67 -9.47 3.32
CA ALA A 108 7.24 -9.35 3.10
C ALA A 108 6.94 -8.27 2.07
N ARG A 109 7.63 -7.14 2.20
CA ARG A 109 7.44 -6.03 1.26
C ARG A 109 8.08 -6.35 -0.08
N GLY A 110 9.23 -7.01 -0.04
CA GLY A 110 9.92 -7.37 -1.26
C GLY A 110 9.08 -8.25 -2.17
N ARG A 111 8.40 -9.22 -1.55
CA ARG A 111 7.54 -10.14 -2.31
C ARG A 111 6.34 -9.39 -2.89
N ALA A 112 5.71 -8.56 -2.06
CA ALA A 112 4.55 -7.80 -2.50
C ALA A 112 4.95 -6.76 -3.54
N ARG A 113 6.14 -6.19 -3.39
CA ARG A 113 6.63 -5.18 -4.32
C ARG A 113 6.85 -5.79 -5.70
N LEU A 114 7.62 -6.88 -5.75
CA LEU A 114 7.91 -7.56 -7.01
C LEU A 114 6.62 -7.92 -7.74
N ARG A 115 5.68 -8.52 -7.01
CA ARG A 115 4.41 -8.93 -7.59
C ARG A 115 3.67 -7.73 -8.17
N ALA A 116 3.84 -6.57 -7.55
CA ALA A 116 3.19 -5.35 -8.01
C ALA A 116 3.98 -4.71 -9.15
N VAL A 117 5.29 -4.92 -9.16
CA VAL A 117 6.15 -4.37 -10.20
C VAL A 117 6.03 -5.17 -11.50
N GLY A 118 5.37 -6.32 -11.44
CA GLY A 118 5.21 -7.14 -12.62
C GLY A 118 6.15 -8.33 -12.63
N ALA A 119 6.56 -8.77 -11.45
CA ALA A 119 7.46 -9.91 -11.32
C ALA A 119 6.74 -11.21 -11.63
N ILE A 120 5.78 -11.57 -10.77
CA ILE A 120 5.03 -12.80 -10.95
C ILE A 120 4.34 -12.83 -12.31
N ASP A 121 3.76 -13.98 -12.65
CA ASP A 121 3.07 -14.15 -13.92
C ASP A 121 4.04 -13.97 -15.08
N MET A 1 -18.94 5.48 -11.07
CA MET A 1 -17.68 6.22 -10.77
C MET A 1 -17.76 6.96 -9.44
N ALA A 2 -17.07 6.43 -8.44
CA ALA A 2 -17.06 7.04 -7.11
C ALA A 2 -15.65 7.16 -6.57
N GLU A 3 -15.25 8.39 -6.25
CA GLU A 3 -13.91 8.64 -5.72
C GLU A 3 -13.91 8.60 -4.20
N LEU A 4 -12.79 8.16 -3.63
CA LEU A 4 -12.66 8.06 -2.18
C LEU A 4 -11.32 8.64 -1.73
N ASN A 5 -11.37 9.61 -0.82
CA ASN A 5 -10.17 10.24 -0.32
C ASN A 5 -9.33 9.25 0.49
N VAL A 6 -8.02 9.29 0.28
CA VAL A 6 -7.11 8.40 0.98
C VAL A 6 -5.82 9.12 1.37
N GLU A 7 -5.16 8.63 2.41
CA GLU A 7 -3.91 9.23 2.87
C GLU A 7 -3.02 8.20 3.55
N ILE A 8 -1.72 8.27 3.27
CA ILE A 8 -0.76 7.36 3.86
C ILE A 8 0.30 8.13 4.63
N VAL A 9 0.29 7.98 5.95
CA VAL A 9 1.23 8.68 6.81
C VAL A 9 2.43 7.79 7.15
N ALA A 10 3.62 8.38 7.11
CA ALA A 10 4.85 7.65 7.41
C ALA A 10 5.39 8.06 8.78
N VAL A 11 6.61 7.64 9.08
CA VAL A 11 7.25 7.97 10.36
C VAL A 11 7.91 9.33 10.31
N ASP A 12 8.37 9.72 9.13
CA ASP A 12 9.04 11.01 8.95
C ASP A 12 8.08 12.06 8.38
N ARG A 13 7.06 11.59 7.65
CA ARG A 13 6.08 12.49 7.04
C ARG A 13 5.01 11.70 6.30
N ASN A 14 4.14 12.42 5.60
CA ASN A 14 3.08 11.78 4.83
C ASN A 14 3.56 11.39 3.44
N ILE A 15 3.09 10.24 2.96
CA ILE A 15 3.48 9.76 1.65
C ILE A 15 2.61 10.37 0.56
N TRP A 16 1.33 9.98 0.53
CA TRP A 16 0.40 10.50 -0.47
C TRP A 16 -0.96 10.78 0.16
N SER A 17 -1.59 11.86 -0.29
CA SER A 17 -2.91 12.25 0.22
C SER A 17 -3.76 12.84 -0.89
N GLY A 18 -4.90 12.19 -1.16
CA GLY A 18 -5.79 12.67 -2.20
C GLY A 18 -7.00 11.77 -2.38
N THR A 19 -7.47 11.65 -3.61
CA THR A 19 -8.63 10.81 -3.91
C THR A 19 -8.22 9.59 -4.73
N ALA A 20 -9.00 8.53 -4.63
CA ALA A 20 -8.72 7.29 -5.35
C ALA A 20 -10.00 6.51 -5.61
N LYS A 21 -9.91 5.48 -6.45
CA LYS A 21 -11.06 4.65 -6.77
C LYS A 21 -11.15 3.46 -5.83
N PHE A 22 -10.03 2.77 -5.63
CA PHE A 22 -10.01 1.61 -4.74
C PHE A 22 -8.58 1.13 -4.50
N LEU A 23 -8.40 0.29 -3.49
CA LEU A 23 -7.09 -0.25 -3.16
C LEU A 23 -7.19 -1.65 -2.58
N PHE A 24 -6.12 -2.43 -2.74
CA PHE A 24 -6.09 -3.80 -2.23
C PHE A 24 -4.85 -4.02 -1.36
N THR A 25 -5.05 -4.02 -0.04
CA THR A 25 -3.96 -4.22 0.90
C THR A 25 -4.23 -5.41 1.82
N ARG A 26 -3.19 -5.85 2.52
CA ARG A 26 -3.33 -6.97 3.44
C ARG A 26 -3.21 -6.51 4.88
N THR A 27 -4.14 -6.95 5.72
CA THR A 27 -4.14 -6.58 7.14
C THR A 27 -4.21 -7.82 8.02
N THR A 28 -4.48 -7.62 9.29
CA THR A 28 -4.58 -8.73 10.24
C THR A 28 -5.62 -9.74 9.78
N VAL A 29 -6.64 -9.27 9.08
CA VAL A 29 -7.69 -10.13 8.56
C VAL A 29 -7.31 -10.72 7.20
N GLY A 30 -6.33 -10.11 6.55
CA GLY A 30 -5.91 -10.60 5.25
C GLY A 30 -6.16 -9.58 4.14
N GLU A 31 -6.12 -10.05 2.90
CA GLU A 31 -6.35 -9.18 1.75
C GLU A 31 -7.72 -8.52 1.84
N ILE A 32 -7.74 -7.19 1.74
CA ILE A 32 -8.98 -6.44 1.81
C ILE A 32 -9.04 -5.36 0.74
N GLY A 33 -10.20 -5.22 0.10
CA GLY A 33 -10.35 -4.22 -0.94
C GLY A 33 -11.33 -3.13 -0.55
N ILE A 34 -10.82 -1.90 -0.45
CA ILE A 34 -11.64 -0.76 -0.07
C ILE A 34 -12.28 -0.12 -1.29
N LEU A 35 -13.60 -0.11 -1.35
CA LEU A 35 -14.33 0.47 -2.47
C LEU A 35 -15.06 1.75 -2.03
N PRO A 36 -15.40 2.62 -2.98
CA PRO A 36 -16.11 3.87 -2.69
C PRO A 36 -17.38 3.65 -1.88
N ARG A 37 -17.63 4.54 -0.92
CA ARG A 37 -18.81 4.44 -0.08
C ARG A 37 -18.82 3.11 0.69
N HIS A 38 -17.93 3.00 1.67
CA HIS A 38 -17.83 1.80 2.48
C HIS A 38 -17.75 2.14 3.96
N ILE A 39 -18.17 1.20 4.81
CA ILE A 39 -18.14 1.40 6.24
C ILE A 39 -16.71 1.57 6.76
N PRO A 40 -16.48 2.55 7.64
CA PRO A 40 -15.15 2.82 8.20
C PRO A 40 -14.70 1.72 9.17
N LEU A 41 -13.39 1.45 9.19
CA LEU A 41 -12.85 0.42 10.08
C LEU A 41 -11.34 0.59 10.22
N VAL A 42 -10.74 -0.21 11.10
CA VAL A 42 -9.30 -0.15 11.33
C VAL A 42 -8.70 -1.55 11.35
N ALA A 43 -7.41 -1.64 11.05
CA ALA A 43 -6.71 -2.92 11.03
C ALA A 43 -5.21 -2.73 10.80
N GLN A 44 -4.42 -3.63 11.35
CA GLN A 44 -2.97 -3.56 11.20
C GLN A 44 -2.53 -4.14 9.86
N LEU A 45 -1.51 -3.53 9.26
CA LEU A 45 -1.00 -3.98 7.97
C LEU A 45 -0.30 -5.33 8.09
N VAL A 46 0.26 -5.80 6.99
CA VAL A 46 0.95 -7.09 6.95
C VAL A 46 2.40 -6.94 6.49
N ASP A 47 2.89 -5.71 6.44
CA ASP A 47 4.26 -5.45 6.00
C ASP A 47 4.51 -6.03 4.61
N ASP A 48 3.44 -6.16 3.83
CA ASP A 48 3.54 -6.69 2.48
C ASP A 48 3.32 -5.60 1.45
N ALA A 49 3.76 -4.39 1.78
CA ALA A 49 3.61 -3.23 0.90
C ALA A 49 2.16 -2.75 0.88
N MET A 50 1.90 -1.73 0.06
CA MET A 50 0.55 -1.17 -0.04
C MET A 50 0.19 -0.90 -1.50
N VAL A 51 -0.82 -1.62 -1.99
CA VAL A 51 -1.28 -1.46 -3.36
C VAL A 51 -2.58 -0.66 -3.41
N ARG A 52 -2.51 0.55 -3.92
CA ARG A 52 -3.70 1.41 -4.01
C ARG A 52 -3.81 2.04 -5.40
N VAL A 53 -5.01 2.04 -5.95
CA VAL A 53 -5.24 2.63 -7.26
C VAL A 53 -6.20 3.81 -7.17
N GLU A 54 -5.99 4.81 -8.00
CA GLU A 54 -6.82 6.00 -7.99
C GLU A 54 -7.96 5.89 -9.01
N ARG A 55 -7.76 5.05 -10.02
CA ARG A 55 -8.76 4.87 -11.05
C ARG A 55 -8.66 3.48 -11.67
N GLU A 56 -9.80 2.93 -12.06
CA GLU A 56 -9.84 1.60 -12.67
C GLU A 56 -9.48 1.68 -14.14
N GLY A 57 -8.93 0.59 -14.67
CA GLY A 57 -8.54 0.55 -16.08
C GLY A 57 -7.04 0.48 -16.26
N GLU A 58 -6.30 1.23 -15.46
CA GLU A 58 -4.84 1.25 -15.57
C GLU A 58 -4.21 1.92 -14.35
N LYS A 59 -4.81 3.00 -13.90
CA LYS A 59 -4.30 3.74 -12.74
C LYS A 59 -3.99 2.79 -11.58
N ASP A 60 -2.87 3.04 -10.92
CA ASP A 60 -2.45 2.21 -9.79
C ASP A 60 -1.23 2.80 -9.10
N LEU A 61 -1.43 3.25 -7.86
CA LEU A 61 -0.35 3.84 -7.08
C LEU A 61 0.46 2.75 -6.37
N ARG A 62 1.73 2.64 -6.74
CA ARG A 62 2.62 1.65 -6.16
C ARG A 62 3.21 2.15 -4.84
N ILE A 63 2.76 1.55 -3.74
CA ILE A 63 3.24 1.93 -2.41
C ILE A 63 3.72 0.70 -1.64
N ALA A 64 4.69 0.89 -0.76
CA ALA A 64 5.23 -0.20 0.03
C ALA A 64 5.33 0.18 1.51
N VAL A 65 4.31 -0.18 2.28
CA VAL A 65 4.29 0.12 3.71
C VAL A 65 4.93 -1.02 4.51
N ASP A 66 5.33 -0.72 5.73
CA ASP A 66 5.97 -1.73 6.59
C ASP A 66 5.36 -1.73 7.99
N GLY A 67 4.38 -2.62 8.20
CA GLY A 67 3.75 -2.73 9.50
C GLY A 67 3.26 -1.41 10.04
N GLY A 68 2.08 -0.97 9.60
CA GLY A 68 1.53 0.29 10.06
C GLY A 68 0.10 0.14 10.55
N PHE A 69 -0.60 1.27 10.64
CA PHE A 69 -1.99 1.28 11.10
C PHE A 69 -2.92 1.76 9.99
N LEU A 70 -3.91 0.95 9.66
CA LEU A 70 -4.86 1.29 8.61
C LEU A 70 -6.19 1.76 9.20
N SER A 71 -6.62 2.94 8.77
CA SER A 71 -7.89 3.50 9.24
C SER A 71 -8.73 3.94 8.05
N VAL A 72 -9.70 3.13 7.69
CA VAL A 72 -10.58 3.43 6.56
C VAL A 72 -11.71 4.37 6.97
N THR A 73 -11.77 5.52 6.32
CA THR A 73 -12.81 6.50 6.61
C THR A 73 -13.23 7.24 5.34
N GLU A 74 -14.51 7.60 5.28
CA GLU A 74 -15.06 8.31 4.13
C GLU A 74 -14.44 9.70 4.02
N GLU A 75 -14.09 10.27 5.16
CA GLU A 75 -13.48 11.59 5.19
C GLU A 75 -12.09 11.55 4.55
N GLY A 76 -11.51 10.37 4.50
CA GLY A 76 -10.20 10.22 3.91
C GLY A 76 -9.33 9.19 4.61
N VAL A 77 -9.48 7.93 4.21
CA VAL A 77 -8.71 6.82 4.80
C VAL A 77 -7.32 7.27 5.23
N SER A 78 -6.81 6.66 6.30
CA SER A 78 -5.49 7.01 6.82
C SER A 78 -4.67 5.76 7.10
N ILE A 79 -3.44 5.75 6.62
CA ILE A 79 -2.55 4.61 6.81
C ILE A 79 -1.21 5.05 7.37
N LEU A 80 -1.00 4.79 8.67
CA LEU A 80 0.25 5.15 9.33
C LEU A 80 1.27 4.04 9.20
N ALA A 81 2.14 4.14 8.22
CA ALA A 81 3.16 3.14 7.99
C ALA A 81 4.48 3.52 8.68
N GLU A 82 5.23 2.51 9.10
CA GLU A 82 6.52 2.74 9.76
C GLU A 82 7.62 2.96 8.73
N SER A 83 7.42 2.47 7.52
CA SER A 83 8.41 2.62 6.46
C SER A 83 7.75 2.51 5.09
N ALA A 84 6.99 3.54 4.72
CA ALA A 84 6.30 3.55 3.43
C ALA A 84 7.25 3.98 2.32
N GLU A 85 6.88 3.67 1.08
CA GLU A 85 7.69 4.02 -0.08
C GLU A 85 6.81 4.40 -1.27
N PHE A 86 7.29 5.33 -2.08
CA PHE A 86 6.54 5.78 -3.26
C PHE A 86 6.70 4.78 -4.40
N GLU A 87 5.85 4.93 -5.42
CA GLU A 87 5.89 4.05 -6.58
C GLU A 87 7.21 4.19 -7.34
N SER A 88 7.95 5.25 -7.06
CA SER A 88 9.23 5.49 -7.73
C SER A 88 10.38 4.82 -6.97
N GLU A 89 10.05 3.97 -6.00
CA GLU A 89 11.05 3.28 -5.21
C GLU A 89 10.90 1.76 -5.34
N ILE A 90 10.44 1.33 -6.50
CA ILE A 90 10.25 -0.08 -6.77
C ILE A 90 10.99 -0.51 -8.03
N ASP A 91 11.96 0.30 -8.43
CA ASP A 91 12.75 0.01 -9.62
C ASP A 91 13.59 -1.25 -9.44
N GLU A 92 13.89 -1.92 -10.54
CA GLU A 92 14.69 -3.15 -10.53
C GLU A 92 15.81 -3.09 -9.49
N ALA A 93 16.36 -1.90 -9.30
CA ALA A 93 17.44 -1.71 -8.33
C ALA A 93 16.97 -2.11 -6.92
N ALA A 94 15.83 -1.57 -6.51
CA ALA A 94 15.28 -1.87 -5.20
C ALA A 94 14.76 -3.30 -5.15
N ALA A 95 14.31 -3.80 -6.29
CA ALA A 95 13.79 -5.16 -6.39
C ALA A 95 14.86 -6.17 -5.98
N LYS A 96 15.99 -6.14 -6.68
CA LYS A 96 17.09 -7.05 -6.40
C LYS A 96 17.58 -6.88 -4.97
N GLN A 97 17.64 -5.63 -4.52
CA GLN A 97 18.09 -5.34 -3.17
C GLN A 97 17.24 -6.05 -2.13
N ASP A 98 15.95 -5.72 -2.11
CA ASP A 98 15.02 -6.34 -1.17
C ASP A 98 14.81 -7.81 -1.52
N SER A 99 15.02 -8.16 -2.79
CA SER A 99 14.86 -9.54 -3.25
C SER A 99 15.77 -10.48 -2.46
N GLU A 100 16.98 -10.00 -2.16
CA GLU A 100 17.94 -10.80 -1.40
C GLU A 100 17.32 -11.31 -0.10
N SER A 101 16.31 -10.60 0.39
CA SER A 101 15.63 -10.98 1.62
C SER A 101 16.61 -11.04 2.80
N ASP A 102 17.24 -9.91 3.09
CA ASP A 102 18.19 -9.83 4.19
C ASP A 102 17.50 -9.43 5.49
N ASP A 103 16.16 -9.40 5.47
CA ASP A 103 15.39 -9.04 6.65
C ASP A 103 13.96 -9.54 6.53
N PRO A 104 13.29 -9.77 7.68
CA PRO A 104 11.90 -10.25 7.69
C PRO A 104 10.95 -9.31 6.96
N ARG A 105 11.17 -8.01 7.15
CA ARG A 105 10.35 -6.98 6.51
C ARG A 105 10.76 -6.79 5.06
N ILE A 106 12.06 -6.69 4.82
CA ILE A 106 12.58 -6.50 3.47
C ILE A 106 12.18 -7.67 2.57
N ALA A 107 12.00 -8.84 3.16
CA ALA A 107 11.62 -10.03 2.42
C ALA A 107 10.14 -10.00 2.05
N ALA A 108 9.30 -9.82 3.07
CA ALA A 108 7.86 -9.76 2.84
C ALA A 108 7.49 -8.60 1.93
N ARG A 109 8.01 -7.42 2.23
CA ARG A 109 7.73 -6.24 1.42
C ARG A 109 8.38 -6.37 0.04
N GLY A 110 9.57 -6.95 0.00
CA GLY A 110 10.26 -7.13 -1.26
C GLY A 110 9.49 -8.01 -2.21
N ARG A 111 8.92 -9.09 -1.69
CA ARG A 111 8.13 -10.01 -2.50
C ARG A 111 6.93 -9.30 -3.11
N ALA A 112 6.21 -8.54 -2.28
CA ALA A 112 5.05 -7.80 -2.74
C ALA A 112 5.43 -6.81 -3.83
N ARG A 113 6.62 -6.24 -3.73
CA ARG A 113 7.11 -5.28 -4.71
C ARG A 113 7.18 -5.91 -6.10
N LEU A 114 7.90 -7.03 -6.19
CA LEU A 114 8.05 -7.73 -7.47
C LEU A 114 6.69 -8.09 -8.05
N ARG A 115 5.73 -8.40 -7.18
CA ARG A 115 4.38 -8.76 -7.62
C ARG A 115 3.76 -7.61 -8.41
N ALA A 116 3.88 -6.39 -7.88
CA ALA A 116 3.33 -5.22 -8.53
C ALA A 116 4.19 -4.79 -9.71
N VAL A 117 5.47 -5.13 -9.66
CA VAL A 117 6.41 -4.78 -10.72
C VAL A 117 6.23 -5.69 -11.93
N GLY A 118 5.50 -6.78 -11.76
CA GLY A 118 5.29 -7.71 -12.85
C GLY A 118 6.36 -8.76 -12.95
N ALA A 119 6.96 -9.10 -11.82
CA ALA A 119 8.02 -10.10 -11.77
C ALA A 119 7.48 -11.45 -11.29
N ILE A 120 6.16 -11.61 -11.30
CA ILE A 120 5.53 -12.85 -10.87
C ILE A 120 4.57 -13.37 -11.92
N ASP A 121 4.67 -14.67 -12.22
CA ASP A 121 3.82 -15.30 -13.22
C ASP A 121 2.84 -16.26 -12.56
N MET A 1 -18.94 3.60 -7.48
CA MET A 1 -18.71 4.47 -8.67
C MET A 1 -18.43 5.91 -8.24
N ALA A 2 -17.26 6.13 -7.66
CA ALA A 2 -16.87 7.47 -7.22
C ALA A 2 -15.44 7.47 -6.67
N GLU A 3 -14.92 8.66 -6.40
CA GLU A 3 -13.57 8.81 -5.87
C GLU A 3 -13.59 9.01 -4.36
N LEU A 4 -12.62 8.42 -3.68
CA LEU A 4 -12.52 8.53 -2.23
C LEU A 4 -11.14 9.06 -1.81
N ASN A 5 -11.14 10.10 -0.99
CA ASN A 5 -9.89 10.69 -0.52
C ASN A 5 -9.08 9.68 0.27
N VAL A 6 -7.77 9.69 0.06
CA VAL A 6 -6.88 8.76 0.75
C VAL A 6 -5.57 9.44 1.14
N GLU A 7 -4.91 8.92 2.16
CA GLU A 7 -3.65 9.48 2.62
C GLU A 7 -2.79 8.41 3.29
N ILE A 8 -1.48 8.50 3.09
CA ILE A 8 -0.54 7.55 3.69
C ILE A 8 0.51 8.27 4.53
N VAL A 9 0.49 8.01 5.82
CA VAL A 9 1.43 8.65 6.73
C VAL A 9 2.59 7.70 7.07
N ALA A 10 3.80 8.24 7.03
CA ALA A 10 4.99 7.44 7.34
C ALA A 10 5.49 7.72 8.76
N VAL A 11 6.69 7.24 9.07
CA VAL A 11 7.28 7.44 10.38
C VAL A 11 7.98 8.80 10.48
N ASP A 12 8.53 9.25 9.36
CA ASP A 12 9.23 10.52 9.32
C ASP A 12 8.33 11.64 8.81
N ARG A 13 7.32 11.27 8.02
CA ARG A 13 6.38 12.25 7.47
C ARG A 13 5.34 11.58 6.59
N ASN A 14 4.46 12.37 6.01
CA ASN A 14 3.40 11.86 5.14
C ASN A 14 3.96 11.50 3.76
N ILE A 15 3.33 10.53 3.11
CA ILE A 15 3.76 10.10 1.79
C ILE A 15 2.93 10.75 0.69
N TRP A 16 1.66 10.34 0.60
CA TRP A 16 0.76 10.88 -0.41
C TRP A 16 -0.62 11.14 0.18
N SER A 17 -1.32 12.13 -0.37
CA SER A 17 -2.66 12.48 0.09
C SER A 17 -3.46 13.15 -1.02
N GLY A 18 -4.57 12.53 -1.40
CA GLY A 18 -5.41 13.08 -2.44
C GLY A 18 -6.71 12.31 -2.61
N THR A 19 -6.87 11.66 -3.75
CA THR A 19 -8.07 10.89 -4.03
C THR A 19 -7.76 9.66 -4.87
N ALA A 20 -8.61 8.63 -4.76
CA ALA A 20 -8.41 7.40 -5.51
C ALA A 20 -9.74 6.69 -5.75
N LYS A 21 -9.69 5.60 -6.50
CA LYS A 21 -10.88 4.82 -6.81
C LYS A 21 -11.01 3.63 -5.86
N PHE A 22 -9.90 2.92 -5.66
CA PHE A 22 -9.89 1.77 -4.76
C PHE A 22 -8.47 1.30 -4.49
N LEU A 23 -8.31 0.46 -3.46
CA LEU A 23 -7.01 -0.07 -3.09
C LEU A 23 -7.12 -1.48 -2.55
N PHE A 24 -6.04 -2.25 -2.69
CA PHE A 24 -6.01 -3.63 -2.22
C PHE A 24 -4.87 -3.83 -1.23
N THR A 25 -5.20 -3.87 0.06
CA THR A 25 -4.21 -4.07 1.11
C THR A 25 -4.43 -5.39 1.83
N ARG A 26 -3.41 -5.81 2.59
CA ARG A 26 -3.49 -7.07 3.34
C ARG A 26 -3.39 -6.80 4.83
N THR A 27 -4.34 -7.36 5.59
CA THR A 27 -4.35 -7.19 7.04
C THR A 27 -4.44 -8.54 7.75
N THR A 28 -4.75 -8.52 9.04
CA THR A 28 -4.85 -9.74 9.82
C THR A 28 -5.88 -10.68 9.20
N VAL A 29 -6.89 -10.11 8.57
CA VAL A 29 -7.95 -10.91 7.94
C VAL A 29 -7.52 -11.36 6.55
N GLY A 30 -6.53 -10.68 5.97
CA GLY A 30 -6.06 -11.05 4.64
C GLY A 30 -6.31 -9.95 3.62
N GLU A 31 -6.36 -10.34 2.35
CA GLU A 31 -6.60 -9.38 1.28
C GLU A 31 -7.94 -8.68 1.45
N ILE A 32 -7.97 -7.39 1.16
CA ILE A 32 -9.18 -6.59 1.29
C ILE A 32 -9.21 -5.45 0.28
N GLY A 33 -10.31 -5.32 -0.44
CA GLY A 33 -10.44 -4.27 -1.42
C GLY A 33 -11.46 -3.22 -1.01
N ILE A 34 -10.97 -1.99 -0.80
CA ILE A 34 -11.85 -0.90 -0.39
C ILE A 34 -12.43 -0.18 -1.61
N LEU A 35 -13.75 -0.13 -1.68
CA LEU A 35 -14.44 0.52 -2.79
C LEU A 35 -15.02 1.86 -2.35
N PRO A 36 -15.33 2.75 -3.32
CA PRO A 36 -15.90 4.07 -3.02
C PRO A 36 -17.10 3.98 -2.09
N ARG A 37 -17.79 2.84 -2.12
CA ARG A 37 -18.96 2.63 -1.27
C ARG A 37 -18.73 1.48 -0.31
N HIS A 38 -18.08 1.78 0.82
CA HIS A 38 -17.80 0.77 1.83
C HIS A 38 -17.70 1.39 3.21
N ILE A 39 -18.30 0.74 4.20
CA ILE A 39 -18.28 1.23 5.57
C ILE A 39 -16.85 1.38 6.08
N PRO A 40 -16.55 2.51 6.74
CA PRO A 40 -15.20 2.76 7.28
C PRO A 40 -14.83 1.80 8.40
N LEU A 41 -13.53 1.62 8.61
CA LEU A 41 -13.04 0.73 9.65
C LEU A 41 -11.53 0.87 9.83
N VAL A 42 -10.97 0.07 10.73
CA VAL A 42 -9.55 0.10 11.00
C VAL A 42 -8.95 -1.31 10.96
N ALA A 43 -7.65 -1.38 10.68
CA ALA A 43 -6.95 -2.66 10.61
C ALA A 43 -5.45 -2.47 10.49
N GLN A 44 -4.70 -3.45 11.00
CA GLN A 44 -3.24 -3.38 10.96
C GLN A 44 -2.69 -4.16 9.76
N LEU A 45 -1.66 -3.63 9.14
CA LEU A 45 -1.05 -4.28 7.98
C LEU A 45 -0.22 -5.49 8.41
N VAL A 46 0.34 -6.19 7.43
CA VAL A 46 1.14 -7.37 7.70
C VAL A 46 2.54 -7.24 7.10
N ASP A 47 2.99 -6.01 6.93
CA ASP A 47 4.31 -5.75 6.35
C ASP A 47 4.45 -6.40 4.98
N ASP A 48 3.47 -6.15 4.12
CA ASP A 48 3.47 -6.72 2.77
C ASP A 48 3.31 -5.63 1.71
N ALA A 49 4.01 -4.51 1.92
CA ALA A 49 3.93 -3.39 0.99
C ALA A 49 2.52 -2.81 0.92
N MET A 50 2.29 -1.94 -0.04
CA MET A 50 0.98 -1.31 -0.20
C MET A 50 0.58 -1.25 -1.68
N VAL A 51 -0.69 -1.54 -1.95
CA VAL A 51 -1.20 -1.53 -3.31
C VAL A 51 -2.50 -0.73 -3.39
N ARG A 52 -2.44 0.45 -3.99
CA ARG A 52 -3.62 1.31 -4.12
C ARG A 52 -3.73 1.87 -5.53
N VAL A 53 -4.97 1.97 -6.03
CA VAL A 53 -5.20 2.52 -7.36
C VAL A 53 -6.11 3.74 -7.30
N GLU A 54 -5.81 4.74 -8.11
CA GLU A 54 -6.59 5.96 -8.15
C GLU A 54 -7.81 5.82 -9.05
N ARG A 55 -7.69 4.96 -10.06
CA ARG A 55 -8.78 4.71 -10.99
C ARG A 55 -9.15 3.24 -10.99
N GLU A 56 -10.37 2.95 -11.45
CA GLU A 56 -10.84 1.57 -11.49
C GLU A 56 -10.28 0.84 -12.71
N GLY A 57 -9.45 -0.17 -12.45
CA GLY A 57 -8.87 -0.94 -13.54
C GLY A 57 -8.03 -0.10 -14.49
N GLU A 58 -7.36 0.92 -13.95
CA GLU A 58 -6.54 1.79 -14.78
C GLU A 58 -5.25 2.18 -14.07
N LYS A 59 -5.34 3.14 -13.16
CA LYS A 59 -4.17 3.60 -12.42
C LYS A 59 -3.70 2.54 -11.43
N ASP A 60 -2.52 2.74 -10.86
CA ASP A 60 -1.97 1.78 -9.91
C ASP A 60 -0.83 2.39 -9.11
N LEU A 61 -1.16 2.96 -7.95
CA LEU A 61 -0.16 3.57 -7.08
C LEU A 61 0.64 2.49 -6.36
N ARG A 62 1.87 2.27 -6.83
CA ARG A 62 2.73 1.26 -6.23
C ARG A 62 3.45 1.82 -5.00
N ILE A 63 2.99 1.41 -3.83
CA ILE A 63 3.58 1.85 -2.58
C ILE A 63 4.14 0.67 -1.80
N ALA A 64 5.06 0.94 -0.88
CA ALA A 64 5.69 -0.10 -0.07
C ALA A 64 5.75 0.28 1.39
N VAL A 65 4.78 -0.20 2.16
CA VAL A 65 4.71 0.10 3.59
C VAL A 65 5.10 -1.12 4.42
N ASP A 66 5.38 -0.90 5.70
CA ASP A 66 5.76 -1.99 6.59
C ASP A 66 5.17 -1.80 7.98
N GLY A 67 4.29 -2.71 8.37
CA GLY A 67 3.67 -2.63 9.69
C GLY A 67 3.09 -1.26 9.98
N GLY A 68 1.86 -1.02 9.50
CA GLY A 68 1.22 0.25 9.72
C GLY A 68 -0.24 0.10 10.12
N PHE A 69 -0.90 1.22 10.37
CA PHE A 69 -2.30 1.21 10.76
C PHE A 69 -3.18 1.76 9.64
N LEU A 70 -4.11 0.94 9.17
CA LEU A 70 -5.01 1.35 8.09
C LEU A 70 -6.37 1.78 8.62
N SER A 71 -6.75 3.00 8.30
CA SER A 71 -8.03 3.56 8.73
C SER A 71 -8.82 4.07 7.52
N VAL A 72 -9.78 3.27 7.07
CA VAL A 72 -10.59 3.65 5.92
C VAL A 72 -11.74 4.57 6.33
N THR A 73 -11.69 5.81 5.85
CA THR A 73 -12.73 6.79 6.16
C THR A 73 -13.10 7.60 4.93
N GLU A 74 -14.36 8.00 4.84
CA GLU A 74 -14.85 8.79 3.73
C GLU A 74 -14.21 10.17 3.72
N GLU A 75 -13.86 10.66 4.91
CA GLU A 75 -13.23 11.96 5.04
C GLU A 75 -11.84 11.94 4.43
N GLY A 76 -11.26 10.75 4.30
CA GLY A 76 -9.93 10.62 3.72
C GLY A 76 -9.10 9.55 4.39
N VAL A 77 -9.29 8.30 3.94
CA VAL A 77 -8.55 7.15 4.48
C VAL A 77 -7.15 7.55 4.96
N SER A 78 -6.69 6.93 6.04
CA SER A 78 -5.38 7.22 6.60
C SER A 78 -4.60 5.95 6.87
N ILE A 79 -3.35 5.92 6.43
CA ILE A 79 -2.50 4.75 6.62
C ILE A 79 -1.16 5.14 7.23
N LEU A 80 -1.00 4.86 8.52
CA LEU A 80 0.23 5.20 9.22
C LEU A 80 1.21 4.03 9.16
N ALA A 81 2.13 4.08 8.22
CA ALA A 81 3.12 3.03 8.06
C ALA A 81 4.43 3.40 8.74
N GLU A 82 5.21 2.39 9.11
CA GLU A 82 6.48 2.62 9.78
C GLU A 82 7.58 2.90 8.76
N SER A 83 7.44 2.34 7.56
CA SER A 83 8.42 2.54 6.50
C SER A 83 7.76 2.50 5.13
N ALA A 84 7.12 3.60 4.74
CA ALA A 84 6.44 3.68 3.46
C ALA A 84 7.43 4.01 2.34
N GLU A 85 7.04 3.70 1.12
CA GLU A 85 7.89 3.95 -0.05
C GLU A 85 7.07 4.38 -1.25
N PHE A 86 7.53 5.41 -1.94
CA PHE A 86 6.82 5.92 -3.12
C PHE A 86 7.09 5.03 -4.33
N GLU A 87 6.22 5.13 -5.32
CA GLU A 87 6.35 4.34 -6.54
C GLU A 87 7.73 4.53 -7.18
N SER A 88 8.33 5.70 -6.95
CA SER A 88 9.65 6.00 -7.49
C SER A 88 10.67 4.95 -7.06
N GLU A 89 10.42 4.32 -5.92
CA GLU A 89 11.31 3.29 -5.40
C GLU A 89 10.80 1.90 -5.76
N ILE A 90 10.15 1.79 -6.91
CA ILE A 90 9.62 0.51 -7.36
C ILE A 90 10.39 -0.02 -8.58
N ASP A 91 11.47 0.67 -8.93
CA ASP A 91 12.29 0.26 -10.07
C ASP A 91 12.96 -1.08 -9.80
N GLU A 92 13.25 -1.83 -10.87
CA GLU A 92 13.90 -3.13 -10.75
C GLU A 92 15.09 -3.08 -9.80
N ALA A 93 15.72 -1.92 -9.71
CA ALA A 93 16.87 -1.74 -8.83
C ALA A 93 16.49 -2.04 -7.39
N ALA A 94 15.52 -1.30 -6.86
CA ALA A 94 15.07 -1.48 -5.49
C ALA A 94 14.42 -2.86 -5.31
N ALA A 95 13.84 -3.37 -6.39
CA ALA A 95 13.19 -4.67 -6.36
C ALA A 95 14.19 -5.78 -6.05
N LYS A 96 15.21 -5.90 -6.88
CA LYS A 96 16.25 -6.92 -6.70
C LYS A 96 16.90 -6.78 -5.33
N GLN A 97 17.07 -5.53 -4.88
CA GLN A 97 17.68 -5.27 -3.59
C GLN A 97 16.93 -5.97 -2.47
N ASP A 98 15.65 -5.65 -2.32
CA ASP A 98 14.83 -6.24 -1.28
C ASP A 98 14.59 -7.72 -1.57
N SER A 99 14.57 -8.08 -2.85
CA SER A 99 14.35 -9.46 -3.26
C SER A 99 15.38 -10.38 -2.62
N GLU A 100 16.61 -9.88 -2.48
CA GLU A 100 17.68 -10.65 -1.87
C GLU A 100 17.30 -11.15 -0.48
N SER A 101 16.36 -10.45 0.16
CA SER A 101 15.90 -10.82 1.49
C SER A 101 17.03 -10.76 2.50
N ASP A 102 17.57 -9.56 2.70
CA ASP A 102 18.66 -9.35 3.66
C ASP A 102 18.12 -8.95 5.03
N ASP A 103 16.80 -9.00 5.20
CA ASP A 103 16.17 -8.64 6.45
C ASP A 103 14.76 -9.24 6.54
N PRO A 104 14.19 -9.29 7.76
CA PRO A 104 12.85 -9.83 7.98
C PRO A 104 11.77 -9.01 7.27
N ARG A 105 11.87 -7.69 7.39
CA ARG A 105 10.91 -6.80 6.76
C ARG A 105 11.17 -6.69 5.27
N ILE A 106 12.43 -6.56 4.89
CA ILE A 106 12.81 -6.46 3.49
C ILE A 106 12.43 -7.71 2.72
N ALA A 107 12.51 -8.86 3.38
CA ALA A 107 12.17 -10.14 2.76
C ALA A 107 10.68 -10.22 2.49
N ALA A 108 9.89 -10.11 3.54
CA ALA A 108 8.44 -10.18 3.41
C ALA A 108 7.93 -9.05 2.51
N ARG A 109 8.42 -7.83 2.77
CA ARG A 109 8.02 -6.68 1.98
C ARG A 109 8.56 -6.79 0.55
N GLY A 110 9.72 -7.44 0.42
CA GLY A 110 10.32 -7.61 -0.89
C GLY A 110 9.42 -8.39 -1.83
N ARG A 111 8.98 -9.57 -1.39
CA ARG A 111 8.10 -10.40 -2.20
C ARG A 111 6.79 -9.67 -2.48
N ALA A 112 6.32 -8.91 -1.50
CA ALA A 112 5.09 -8.15 -1.65
C ALA A 112 5.18 -7.17 -2.82
N ARG A 113 6.12 -6.24 -2.72
CA ARG A 113 6.31 -5.23 -3.76
C ARG A 113 6.65 -5.90 -5.08
N LEU A 114 7.60 -6.83 -5.05
CA LEU A 114 8.02 -7.55 -6.25
C LEU A 114 6.81 -8.06 -7.02
N ARG A 115 5.91 -8.72 -6.31
CA ARG A 115 4.70 -9.27 -6.93
C ARG A 115 3.88 -8.14 -7.58
N ALA A 116 3.86 -6.99 -6.92
CA ALA A 116 3.13 -5.84 -7.44
C ALA A 116 3.88 -5.19 -8.60
N VAL A 117 5.20 -5.33 -8.59
CA VAL A 117 6.03 -4.76 -9.65
C VAL A 117 5.96 -5.60 -10.93
N GLY A 118 5.35 -6.78 -10.83
CA GLY A 118 5.24 -7.65 -11.98
C GLY A 118 6.23 -8.80 -11.94
N ALA A 119 6.63 -9.19 -10.73
CA ALA A 119 7.58 -10.28 -10.55
C ALA A 119 6.93 -11.63 -10.81
N ILE A 120 5.61 -11.69 -10.67
CA ILE A 120 4.88 -12.93 -10.89
C ILE A 120 4.12 -12.92 -12.21
N ASP A 121 4.22 -11.80 -12.92
CA ASP A 121 3.54 -11.65 -14.21
C ASP A 121 2.03 -11.55 -14.03
N MET A 1 -19.50 4.35 -9.66
CA MET A 1 -18.16 5.00 -9.78
C MET A 1 -18.06 6.23 -8.88
N ALA A 2 -17.30 6.10 -7.80
CA ALA A 2 -17.13 7.21 -6.86
C ALA A 2 -15.65 7.35 -6.46
N GLU A 3 -15.35 8.44 -5.76
CA GLU A 3 -13.98 8.71 -5.33
C GLU A 3 -13.89 8.71 -3.81
N LEU A 4 -12.94 7.92 -3.28
CA LEU A 4 -12.74 7.84 -1.84
C LEU A 4 -11.41 8.44 -1.44
N ASN A 5 -11.45 9.54 -0.70
CA ASN A 5 -10.24 10.22 -0.26
C ASN A 5 -9.37 9.29 0.58
N VAL A 6 -8.08 9.26 0.27
CA VAL A 6 -7.14 8.41 1.00
C VAL A 6 -5.89 9.18 1.37
N GLU A 7 -5.16 8.68 2.36
CA GLU A 7 -3.93 9.33 2.80
C GLU A 7 -2.97 8.32 3.42
N ILE A 8 -1.71 8.38 3.00
CA ILE A 8 -0.69 7.47 3.50
C ILE A 8 0.39 8.25 4.23
N VAL A 9 0.44 8.10 5.55
CA VAL A 9 1.42 8.80 6.36
C VAL A 9 2.62 7.91 6.67
N ALA A 10 3.81 8.49 6.59
CA ALA A 10 5.03 7.75 6.87
C ALA A 10 5.41 7.84 8.34
N VAL A 11 6.64 7.48 8.67
CA VAL A 11 7.12 7.53 10.04
C VAL A 11 7.58 8.93 10.42
N ASP A 12 8.36 9.55 9.55
CA ASP A 12 8.87 10.90 9.79
C ASP A 12 8.43 11.86 8.70
N ARG A 13 7.36 11.52 8.00
CA ARG A 13 6.83 12.37 6.93
C ARG A 13 5.59 11.77 6.30
N ASN A 14 5.07 12.43 5.27
CA ASN A 14 3.88 11.96 4.57
C ASN A 14 4.22 11.47 3.17
N ILE A 15 3.44 10.53 2.66
CA ILE A 15 3.67 9.98 1.33
C ILE A 15 2.77 10.65 0.29
N TRP A 16 1.48 10.36 0.35
CA TRP A 16 0.51 10.94 -0.58
C TRP A 16 -0.85 11.10 0.08
N SER A 17 -1.65 12.03 -0.47
CA SER A 17 -2.98 12.29 0.06
C SER A 17 -3.88 12.87 -1.01
N GLY A 18 -5.03 12.22 -1.24
CA GLY A 18 -5.96 12.69 -2.25
C GLY A 18 -7.13 11.75 -2.43
N THR A 19 -7.62 11.65 -3.66
CA THR A 19 -8.75 10.77 -3.96
C THR A 19 -8.31 9.55 -4.74
N ALA A 20 -8.88 8.40 -4.41
CA ALA A 20 -8.54 7.15 -5.09
C ALA A 20 -9.77 6.28 -5.28
N LYS A 21 -9.91 5.71 -6.48
CA LYS A 21 -11.05 4.85 -6.78
C LYS A 21 -11.09 3.66 -5.84
N PHE A 22 -9.99 2.92 -5.75
CA PHE A 22 -9.92 1.76 -4.87
C PHE A 22 -8.48 1.30 -4.66
N LEU A 23 -8.27 0.44 -3.66
CA LEU A 23 -6.93 -0.05 -3.36
C LEU A 23 -7.00 -1.43 -2.71
N PHE A 24 -5.94 -2.20 -2.87
CA PHE A 24 -5.86 -3.54 -2.30
C PHE A 24 -4.75 -3.65 -1.26
N THR A 25 -5.12 -3.94 -0.03
CA THR A 25 -4.15 -4.06 1.05
C THR A 25 -4.41 -5.32 1.88
N ARG A 26 -3.36 -5.85 2.50
CA ARG A 26 -3.48 -7.04 3.33
C ARG A 26 -3.28 -6.71 4.79
N THR A 27 -4.22 -7.16 5.62
CA THR A 27 -4.17 -6.91 7.06
C THR A 27 -4.32 -8.21 7.84
N THR A 28 -4.59 -8.10 9.13
CA THR A 28 -4.76 -9.27 9.99
C THR A 28 -5.78 -10.24 9.40
N VAL A 29 -6.73 -9.71 8.65
CA VAL A 29 -7.76 -10.53 8.02
C VAL A 29 -7.33 -11.00 6.64
N GLY A 30 -6.36 -10.31 6.06
CA GLY A 30 -5.87 -10.67 4.73
C GLY A 30 -6.15 -9.60 3.70
N GLU A 31 -6.14 -9.99 2.43
CA GLU A 31 -6.39 -9.06 1.33
C GLU A 31 -7.75 -8.39 1.50
N ILE A 32 -7.78 -7.08 1.26
CA ILE A 32 -9.03 -6.32 1.38
C ILE A 32 -9.05 -5.13 0.42
N GLY A 33 -10.08 -5.07 -0.41
CA GLY A 33 -10.21 -3.99 -1.36
C GLY A 33 -11.22 -2.95 -0.92
N ILE A 34 -10.74 -1.73 -0.66
CA ILE A 34 -11.62 -0.65 -0.22
C ILE A 34 -12.26 0.07 -1.41
N LEU A 35 -13.59 0.07 -1.43
CA LEU A 35 -14.34 0.72 -2.51
C LEU A 35 -15.00 2.01 -2.01
N PRO A 36 -15.40 2.90 -2.93
CA PRO A 36 -16.05 4.17 -2.57
C PRO A 36 -17.28 3.96 -1.70
N ARG A 37 -17.90 2.78 -1.82
CA ARG A 37 -19.09 2.47 -1.05
C ARG A 37 -18.78 1.41 0.01
N HIS A 38 -18.16 1.83 1.10
CA HIS A 38 -17.81 0.92 2.19
C HIS A 38 -17.76 1.65 3.52
N ILE A 39 -18.13 0.96 4.60
CA ILE A 39 -18.12 1.54 5.93
C ILE A 39 -16.70 1.60 6.50
N PRO A 40 -16.39 2.63 7.30
CA PRO A 40 -15.07 2.78 7.91
C PRO A 40 -14.62 1.54 8.67
N LEU A 41 -13.32 1.39 8.85
CA LEU A 41 -12.77 0.24 9.56
C LEU A 41 -11.25 0.35 9.68
N VAL A 42 -10.73 -0.04 10.84
CA VAL A 42 -9.29 0.01 11.08
C VAL A 42 -8.66 -1.38 11.00
N ALA A 43 -7.37 -1.42 10.68
CA ALA A 43 -6.67 -2.69 10.57
C ALA A 43 -5.16 -2.47 10.46
N GLN A 44 -4.39 -3.42 10.98
CA GLN A 44 -2.93 -3.32 10.94
C GLN A 44 -2.36 -4.12 9.78
N LEU A 45 -1.43 -3.51 9.06
CA LEU A 45 -0.80 -4.17 7.91
C LEU A 45 0.13 -5.29 8.37
N VAL A 46 0.63 -6.06 7.41
CA VAL A 46 1.52 -7.17 7.71
C VAL A 46 2.85 -7.03 6.99
N ASP A 47 3.23 -5.79 6.70
CA ASP A 47 4.49 -5.52 6.01
C ASP A 47 4.50 -6.17 4.63
N ASP A 48 3.44 -5.95 3.87
CA ASP A 48 3.33 -6.51 2.52
C ASP A 48 3.14 -5.40 1.48
N ALA A 49 3.90 -4.31 1.63
CA ALA A 49 3.81 -3.20 0.70
C ALA A 49 2.40 -2.62 0.66
N MET A 50 2.18 -1.66 -0.23
CA MET A 50 0.87 -1.04 -0.36
C MET A 50 0.50 -0.85 -1.83
N VAL A 51 -0.61 -1.46 -2.23
CA VAL A 51 -1.09 -1.34 -3.61
C VAL A 51 -2.40 -0.57 -3.67
N ARG A 52 -2.36 0.61 -4.28
CA ARG A 52 -3.56 1.44 -4.39
C ARG A 52 -3.72 1.99 -5.81
N VAL A 53 -4.97 2.17 -6.23
CA VAL A 53 -5.26 2.69 -7.56
C VAL A 53 -6.22 3.87 -7.46
N GLU A 54 -6.01 4.88 -8.31
CA GLU A 54 -6.84 6.06 -8.31
C GLU A 54 -7.94 5.96 -9.37
N ARG A 55 -8.10 4.79 -9.96
CA ARG A 55 -9.11 4.58 -10.99
C ARG A 55 -9.44 3.10 -11.13
N GLU A 56 -10.61 2.81 -11.68
CA GLU A 56 -11.05 1.43 -11.86
C GLU A 56 -10.42 0.81 -13.11
N GLY A 57 -9.59 -0.21 -12.90
CA GLY A 57 -8.95 -0.89 -14.01
C GLY A 57 -8.07 0.02 -14.86
N GLU A 58 -7.44 1.00 -14.23
CA GLU A 58 -6.56 1.91 -14.96
C GLU A 58 -5.40 2.39 -14.09
N LYS A 59 -5.64 3.45 -13.31
CA LYS A 59 -4.60 3.99 -12.44
C LYS A 59 -3.99 2.90 -11.57
N ASP A 60 -2.74 3.10 -11.17
CA ASP A 60 -2.04 2.13 -10.33
C ASP A 60 -0.94 2.79 -9.52
N LEU A 61 -1.27 3.20 -8.29
CA LEU A 61 -0.31 3.83 -7.41
C LEU A 61 0.56 2.78 -6.72
N ARG A 62 1.80 2.64 -7.20
CA ARG A 62 2.72 1.66 -6.64
C ARG A 62 3.33 2.18 -5.35
N ILE A 63 2.95 1.57 -4.23
CA ILE A 63 3.45 1.97 -2.92
C ILE A 63 4.00 0.77 -2.16
N ALA A 64 4.87 1.03 -1.19
CA ALA A 64 5.46 -0.04 -0.40
C ALA A 64 5.59 0.37 1.07
N VAL A 65 4.60 -0.02 1.87
CA VAL A 65 4.60 0.30 3.30
C VAL A 65 5.12 -0.88 4.11
N ASP A 66 5.64 -0.58 5.30
CA ASP A 66 6.18 -1.61 6.18
C ASP A 66 5.65 -1.45 7.61
N GLY A 67 4.79 -2.37 8.01
CA GLY A 67 4.23 -2.31 9.36
C GLY A 67 3.59 -0.98 9.68
N GLY A 68 2.35 -0.80 9.26
CA GLY A 68 1.65 0.45 9.52
C GLY A 68 0.22 0.23 9.99
N PHE A 69 -0.47 1.33 10.28
CA PHE A 69 -1.85 1.25 10.74
C PHE A 69 -2.80 1.75 9.66
N LEU A 70 -3.81 0.94 9.35
CA LEU A 70 -4.78 1.30 8.32
C LEU A 70 -6.10 1.75 8.94
N SER A 71 -6.52 2.97 8.61
CA SER A 71 -7.76 3.51 9.12
C SER A 71 -8.64 3.98 7.97
N VAL A 72 -9.62 3.16 7.60
CA VAL A 72 -10.52 3.49 6.51
C VAL A 72 -11.66 4.40 6.96
N THR A 73 -11.72 5.59 6.36
CA THR A 73 -12.76 6.55 6.70
C THR A 73 -13.19 7.33 5.47
N GLU A 74 -14.47 7.70 5.43
CA GLU A 74 -15.02 8.46 4.32
C GLU A 74 -14.41 9.86 4.28
N GLU A 75 -14.02 10.36 5.44
CA GLU A 75 -13.41 11.68 5.53
C GLU A 75 -12.04 11.69 4.84
N GLY A 76 -11.45 10.50 4.71
CA GLY A 76 -10.15 10.41 4.06
C GLY A 76 -9.26 9.35 4.68
N VAL A 77 -9.44 8.10 4.26
CA VAL A 77 -8.63 6.98 4.77
C VAL A 77 -7.23 7.43 5.17
N SER A 78 -6.69 6.81 6.22
CA SER A 78 -5.35 7.15 6.69
C SER A 78 -4.52 5.89 6.93
N ILE A 79 -3.30 5.90 6.42
CA ILE A 79 -2.40 4.76 6.57
C ILE A 79 -1.04 5.22 7.09
N LEU A 80 -0.79 4.97 8.38
CA LEU A 80 0.46 5.36 9.00
C LEU A 80 1.48 4.22 8.94
N ALA A 81 2.37 4.28 7.96
CA ALA A 81 3.38 3.25 7.79
C ALA A 81 4.70 3.67 8.44
N GLU A 82 5.50 2.69 8.83
CA GLU A 82 6.79 2.96 9.46
C GLU A 82 7.87 3.25 8.42
N SER A 83 7.69 2.70 7.22
CA SER A 83 8.64 2.91 6.13
C SER A 83 7.96 2.74 4.77
N ALA A 84 7.31 3.79 4.30
CA ALA A 84 6.62 3.76 3.02
C ALA A 84 7.57 4.13 1.88
N GLU A 85 7.13 3.87 0.65
CA GLU A 85 7.95 4.18 -0.52
C GLU A 85 7.06 4.42 -1.75
N PHE A 86 7.28 5.55 -2.41
CA PHE A 86 6.50 5.90 -3.59
C PHE A 86 6.81 4.95 -4.74
N GLU A 87 5.96 4.99 -5.78
CA GLU A 87 6.14 4.13 -6.94
C GLU A 87 7.56 4.25 -7.50
N SER A 88 8.13 5.45 -7.42
CA SER A 88 9.47 5.69 -7.91
C SER A 88 10.52 5.00 -7.04
N GLU A 89 10.11 4.62 -5.83
CA GLU A 89 11.01 3.93 -4.91
C GLU A 89 10.79 2.43 -4.96
N ILE A 90 10.47 1.94 -6.15
CA ILE A 90 10.24 0.51 -6.33
C ILE A 90 10.93 0.00 -7.59
N ASP A 91 12.03 0.65 -7.95
CA ASP A 91 12.78 0.26 -9.14
C ASP A 91 13.39 -1.13 -8.96
N GLU A 92 13.60 -1.82 -10.07
CA GLU A 92 14.17 -3.16 -10.06
C GLU A 92 15.37 -3.26 -9.10
N ALA A 93 16.14 -2.18 -9.02
CA ALA A 93 17.31 -2.15 -8.14
C ALA A 93 16.90 -2.42 -6.71
N ALA A 94 15.78 -1.84 -6.30
CA ALA A 94 15.28 -2.02 -4.94
C ALA A 94 14.62 -3.39 -4.78
N ALA A 95 13.88 -3.80 -5.80
CA ALA A 95 13.21 -5.09 -5.80
C ALA A 95 14.22 -6.23 -5.66
N LYS A 96 15.45 -5.99 -6.09
CA LYS A 96 16.50 -6.98 -6.02
C LYS A 96 17.11 -7.03 -4.63
N GLN A 97 17.54 -5.88 -4.14
CA GLN A 97 18.15 -5.79 -2.83
C GLN A 97 17.24 -6.41 -1.77
N ASP A 98 15.97 -6.01 -1.80
CA ASP A 98 14.99 -6.51 -0.86
C ASP A 98 14.68 -7.98 -1.14
N SER A 99 14.68 -8.33 -2.43
CA SER A 99 14.39 -9.71 -2.83
C SER A 99 15.32 -10.69 -2.14
N GLU A 100 16.55 -10.23 -1.86
CA GLU A 100 17.53 -11.06 -1.19
C GLU A 100 17.01 -11.56 0.16
N SER A 101 16.03 -10.85 0.71
CA SER A 101 15.43 -11.22 1.98
C SER A 101 16.48 -11.20 3.10
N ASP A 102 17.11 -10.04 3.29
CA ASP A 102 18.12 -9.89 4.33
C ASP A 102 17.50 -9.48 5.65
N ASP A 103 16.16 -9.47 5.71
CA ASP A 103 15.46 -9.09 6.92
C ASP A 103 14.03 -9.63 6.90
N PRO A 104 13.40 -9.77 8.08
CA PRO A 104 12.04 -10.29 8.19
C PRO A 104 11.04 -9.43 7.41
N ARG A 105 11.13 -8.12 7.60
CA ARG A 105 10.24 -7.18 6.93
C ARG A 105 10.61 -7.04 5.46
N ILE A 106 11.91 -6.90 5.18
CA ILE A 106 12.39 -6.76 3.81
C ILE A 106 12.02 -7.98 2.98
N ALA A 107 11.93 -9.15 3.62
CA ALA A 107 11.59 -10.38 2.94
C ALA A 107 10.12 -10.40 2.55
N ALA A 108 9.26 -10.18 3.54
CA ALA A 108 7.82 -10.17 3.28
C ALA A 108 7.46 -9.09 2.27
N ARG A 109 8.00 -7.89 2.47
CA ARG A 109 7.74 -6.77 1.57
C ARG A 109 8.37 -7.04 0.20
N GLY A 110 9.49 -7.75 0.20
CA GLY A 110 10.17 -8.06 -1.04
C GLY A 110 9.28 -8.80 -2.02
N ARG A 111 8.74 -9.94 -1.57
CA ARG A 111 7.85 -10.73 -2.41
C ARG A 111 6.61 -9.94 -2.78
N ALA A 112 6.13 -9.12 -1.83
CA ALA A 112 4.95 -8.30 -2.07
C ALA A 112 5.24 -7.21 -3.09
N ARG A 113 6.46 -6.68 -3.07
CA ARG A 113 6.86 -5.64 -4.00
C ARG A 113 7.00 -6.19 -5.41
N LEU A 114 7.76 -7.27 -5.55
CA LEU A 114 7.98 -7.90 -6.84
C LEU A 114 6.66 -8.24 -7.51
N ARG A 115 5.74 -8.81 -6.74
CA ARG A 115 4.43 -9.17 -7.26
C ARG A 115 3.65 -7.94 -7.71
N ALA A 116 3.82 -6.84 -6.98
CA ALA A 116 3.14 -5.60 -7.31
C ALA A 116 3.84 -4.87 -8.45
N VAL A 117 5.15 -5.04 -8.54
CA VAL A 117 5.95 -4.40 -9.58
C VAL A 117 5.79 -5.11 -10.92
N GLY A 118 5.12 -6.27 -10.90
CA GLY A 118 4.91 -7.01 -12.13
C GLY A 118 6.02 -8.02 -12.39
N ALA A 119 6.59 -8.55 -11.31
CA ALA A 119 7.66 -9.53 -11.42
C ALA A 119 7.11 -10.96 -11.39
N ILE A 120 5.81 -11.11 -11.61
CA ILE A 120 5.17 -12.42 -11.61
C ILE A 120 5.29 -13.09 -12.97
N ASP A 121 4.95 -12.35 -14.02
CA ASP A 121 5.03 -12.86 -15.38
C ASP A 121 5.95 -12.02 -16.23
N MET A 1 -18.55 3.95 -8.37
CA MET A 1 -17.99 4.95 -9.32
C MET A 1 -17.81 6.31 -8.65
N ALA A 2 -17.37 6.28 -7.40
CA ALA A 2 -17.16 7.51 -6.64
C ALA A 2 -15.72 7.59 -6.12
N GLU A 3 -15.36 8.76 -5.59
CA GLU A 3 -14.01 8.96 -5.06
C GLU A 3 -14.01 8.91 -3.54
N LEU A 4 -12.91 8.45 -2.97
CA LEU A 4 -12.78 8.34 -1.52
C LEU A 4 -11.44 8.90 -1.05
N ASN A 5 -11.50 10.00 -0.32
CA ASN A 5 -10.29 10.66 0.19
C ASN A 5 -9.41 9.65 0.94
N VAL A 6 -8.13 9.61 0.59
CA VAL A 6 -7.19 8.69 1.22
C VAL A 6 -5.83 9.36 1.41
N GLU A 7 -5.08 8.89 2.40
CA GLU A 7 -3.75 9.44 2.68
C GLU A 7 -2.87 8.40 3.34
N ILE A 8 -1.58 8.41 3.01
CA ILE A 8 -0.62 7.47 3.57
C ILE A 8 0.46 8.21 4.33
N VAL A 9 0.50 8.02 5.64
CA VAL A 9 1.48 8.68 6.48
C VAL A 9 2.66 7.76 6.78
N ALA A 10 3.87 8.27 6.57
CA ALA A 10 5.08 7.49 6.82
C ALA A 10 5.50 7.60 8.28
N VAL A 11 6.71 7.15 8.58
CA VAL A 11 7.23 7.19 9.95
C VAL A 11 7.77 8.57 10.28
N ASP A 12 8.58 9.12 9.38
CA ASP A 12 9.17 10.43 9.58
C ASP A 12 8.77 11.40 8.47
N ARG A 13 7.64 11.12 7.82
CA ARG A 13 7.15 11.97 6.74
C ARG A 13 5.85 11.43 6.16
N ASN A 14 5.36 12.07 5.10
CA ASN A 14 4.13 11.65 4.45
C ASN A 14 4.40 11.20 3.01
N ILE A 15 3.57 10.29 2.52
CA ILE A 15 3.74 9.78 1.17
C ILE A 15 2.80 10.48 0.18
N TRP A 16 1.50 10.25 0.33
CA TRP A 16 0.51 10.86 -0.55
C TRP A 16 -0.82 11.04 0.18
N SER A 17 -1.59 12.02 -0.28
CA SER A 17 -2.89 12.30 0.33
C SER A 17 -3.82 12.98 -0.66
N GLY A 18 -4.93 12.32 -0.98
CA GLY A 18 -5.88 12.89 -1.93
C GLY A 18 -7.13 12.05 -2.04
N THR A 19 -7.64 11.90 -3.26
CA THR A 19 -8.84 11.11 -3.51
C THR A 19 -8.54 9.93 -4.42
N ALA A 20 -9.15 8.79 -4.13
CA ALA A 20 -8.94 7.59 -4.93
C ALA A 20 -10.24 6.85 -5.17
N LYS A 21 -10.24 5.95 -6.15
CA LYS A 21 -11.43 5.16 -6.47
C LYS A 21 -11.48 3.89 -5.64
N PHE A 22 -10.35 3.20 -5.54
CA PHE A 22 -10.29 1.96 -4.76
C PHE A 22 -8.84 1.50 -4.58
N LEU A 23 -8.64 0.59 -3.63
CA LEU A 23 -7.30 0.07 -3.36
C LEU A 23 -7.36 -1.36 -2.81
N PHE A 24 -6.28 -2.11 -3.03
CA PHE A 24 -6.20 -3.48 -2.56
C PHE A 24 -4.97 -3.68 -1.68
N THR A 25 -5.21 -3.97 -0.40
CA THR A 25 -4.12 -4.19 0.54
C THR A 25 -4.37 -5.43 1.39
N ARG A 26 -3.36 -5.81 2.19
CA ARG A 26 -3.46 -6.97 3.06
C ARG A 26 -3.40 -6.56 4.52
N THR A 27 -4.36 -7.04 5.31
CA THR A 27 -4.41 -6.73 6.73
C THR A 27 -4.47 -8.00 7.57
N THR A 28 -4.76 -7.83 8.86
CA THR A 28 -4.85 -8.98 9.76
C THR A 28 -5.86 -10.00 9.26
N VAL A 29 -6.90 -9.52 8.59
CA VAL A 29 -7.94 -10.38 8.05
C VAL A 29 -7.54 -10.95 6.69
N GLY A 30 -6.54 -10.32 6.05
CA GLY A 30 -6.09 -10.77 4.76
C GLY A 30 -6.34 -9.74 3.66
N GLU A 31 -6.27 -10.17 2.41
CA GLU A 31 -6.49 -9.29 1.28
C GLU A 31 -7.86 -8.64 1.35
N ILE A 32 -7.90 -7.32 1.20
CA ILE A 32 -9.15 -6.57 1.25
C ILE A 32 -9.20 -5.51 0.17
N GLY A 33 -10.40 -5.21 -0.32
CA GLY A 33 -10.56 -4.20 -1.34
C GLY A 33 -11.58 -3.15 -0.97
N ILE A 34 -11.15 -1.91 -0.84
CA ILE A 34 -12.03 -0.82 -0.48
C ILE A 34 -12.62 -0.15 -1.73
N LEU A 35 -13.93 -0.25 -1.89
CA LEU A 35 -14.61 0.34 -3.04
C LEU A 35 -15.23 1.68 -2.67
N PRO A 36 -15.51 2.54 -3.67
CA PRO A 36 -16.11 3.85 -3.44
C PRO A 36 -17.36 3.78 -2.59
N ARG A 37 -17.27 4.33 -1.38
CA ARG A 37 -18.40 4.32 -0.45
C ARG A 37 -18.84 2.90 -0.12
N HIS A 38 -18.36 2.38 1.00
CA HIS A 38 -18.69 1.03 1.43
C HIS A 38 -18.90 0.97 2.94
N ILE A 39 -17.80 1.01 3.68
CA ILE A 39 -17.85 0.96 5.13
C ILE A 39 -16.47 1.15 5.75
N PRO A 40 -16.35 2.01 6.78
CA PRO A 40 -15.07 2.27 7.44
C PRO A 40 -14.63 1.12 8.35
N LEU A 41 -13.33 0.96 8.51
CA LEU A 41 -12.78 -0.10 9.36
C LEU A 41 -11.27 0.01 9.46
N VAL A 42 -10.75 -0.23 10.66
CA VAL A 42 -9.31 -0.16 10.90
C VAL A 42 -8.69 -1.55 10.89
N ALA A 43 -7.42 -1.62 10.53
CA ALA A 43 -6.69 -2.89 10.48
C ALA A 43 -5.20 -2.68 10.41
N GLN A 44 -4.43 -3.73 10.71
CA GLN A 44 -2.98 -3.65 10.68
C GLN A 44 -2.42 -4.38 9.46
N LEU A 45 -1.46 -3.75 8.79
CA LEU A 45 -0.85 -4.35 7.61
C LEU A 45 0.00 -5.56 7.99
N VAL A 46 0.54 -6.23 6.97
CA VAL A 46 1.37 -7.41 7.19
C VAL A 46 2.75 -7.25 6.58
N ASP A 47 3.19 -6.01 6.43
CA ASP A 47 4.50 -5.72 5.85
C ASP A 47 4.63 -6.34 4.47
N ASP A 48 3.64 -6.10 3.62
CA ASP A 48 3.64 -6.64 2.26
C ASP A 48 3.36 -5.55 1.24
N ALA A 49 3.98 -4.38 1.44
CA ALA A 49 3.79 -3.25 0.54
C ALA A 49 2.33 -2.81 0.50
N MET A 50 2.03 -1.86 -0.38
CA MET A 50 0.67 -1.35 -0.50
C MET A 50 0.28 -1.15 -1.97
N VAL A 51 -0.96 -1.50 -2.29
CA VAL A 51 -1.45 -1.36 -3.66
C VAL A 51 -2.79 -0.64 -3.68
N ARG A 52 -2.78 0.61 -4.12
CA ARG A 52 -4.00 1.40 -4.18
C ARG A 52 -4.10 2.15 -5.51
N VAL A 53 -5.32 2.33 -6.00
CA VAL A 53 -5.54 3.03 -7.25
C VAL A 53 -6.48 4.23 -7.06
N GLU A 54 -6.23 5.29 -7.81
CA GLU A 54 -7.03 6.50 -7.71
C GLU A 54 -8.19 6.49 -8.70
N ARG A 55 -7.90 6.06 -9.93
CA ARG A 55 -8.92 6.02 -10.97
C ARG A 55 -9.13 4.60 -11.48
N GLU A 56 -10.38 4.23 -11.72
CA GLU A 56 -10.71 2.90 -12.21
C GLU A 56 -10.50 2.82 -13.72
N GLY A 57 -10.19 1.62 -14.21
CA GLY A 57 -9.98 1.43 -15.63
C GLY A 57 -8.53 1.10 -15.96
N GLU A 58 -7.61 1.77 -15.27
CA GLU A 58 -6.18 1.54 -15.50
C GLU A 58 -5.33 2.24 -14.45
N LYS A 59 -5.74 3.44 -14.06
CA LYS A 59 -5.00 4.20 -13.04
C LYS A 59 -4.69 3.36 -11.82
N ASP A 60 -3.57 3.66 -11.18
CA ASP A 60 -3.16 2.92 -9.99
C ASP A 60 -1.96 3.59 -9.32
N LEU A 61 -1.80 3.33 -8.03
CA LEU A 61 -0.69 3.90 -7.27
C LEU A 61 0.15 2.81 -6.62
N ARG A 62 1.41 2.73 -7.03
CA ARG A 62 2.32 1.73 -6.49
C ARG A 62 3.01 2.24 -5.23
N ILE A 63 2.66 1.64 -4.10
CA ILE A 63 3.24 2.04 -2.82
C ILE A 63 3.84 0.83 -2.11
N ALA A 64 4.76 1.08 -1.18
CA ALA A 64 5.41 0.02 -0.43
C ALA A 64 5.47 0.34 1.05
N VAL A 65 4.44 -0.06 1.78
CA VAL A 65 4.37 0.19 3.22
C VAL A 65 4.95 -1.00 4.00
N ASP A 66 5.42 -0.73 5.21
CA ASP A 66 5.99 -1.77 6.06
C ASP A 66 5.48 -1.68 7.48
N GLY A 67 4.59 -2.59 7.85
CA GLY A 67 4.05 -2.60 9.20
C GLY A 67 3.43 -1.26 9.59
N GLY A 68 2.18 -1.05 9.19
CA GLY A 68 1.51 0.19 9.51
C GLY A 68 0.08 -0.02 9.95
N PHE A 69 -0.64 1.08 10.17
CA PHE A 69 -2.03 1.01 10.61
C PHE A 69 -2.95 1.59 9.53
N LEU A 70 -3.88 0.78 9.06
CA LEU A 70 -4.82 1.22 8.03
C LEU A 70 -6.17 1.56 8.63
N SER A 71 -6.60 2.80 8.42
CA SER A 71 -7.89 3.26 8.93
C SER A 71 -8.74 3.83 7.79
N VAL A 72 -9.67 3.04 7.31
CA VAL A 72 -10.55 3.46 6.22
C VAL A 72 -11.71 4.29 6.73
N THR A 73 -11.71 5.57 6.40
CA THR A 73 -12.76 6.47 6.82
C THR A 73 -13.19 7.39 5.67
N GLU A 74 -14.48 7.73 5.67
CA GLU A 74 -15.04 8.60 4.64
C GLU A 74 -14.44 10.00 4.73
N GLU A 75 -14.02 10.39 5.93
CA GLU A 75 -13.42 11.70 6.14
C GLU A 75 -12.07 11.78 5.44
N GLY A 76 -11.48 10.62 5.14
CA GLY A 76 -10.20 10.60 4.47
C GLY A 76 -9.29 9.50 4.99
N VAL A 77 -9.46 8.28 4.47
CA VAL A 77 -8.66 7.12 4.87
C VAL A 77 -7.26 7.53 5.32
N SER A 78 -6.74 6.85 6.33
CA SER A 78 -5.41 7.15 6.87
C SER A 78 -4.60 5.87 7.05
N ILE A 79 -3.38 5.89 6.52
CA ILE A 79 -2.49 4.74 6.61
C ILE A 79 -1.12 5.16 7.15
N LEU A 80 -0.88 4.86 8.43
CA LEU A 80 0.38 5.21 9.07
C LEU A 80 1.38 4.06 8.95
N ALA A 81 2.24 4.12 7.95
CA ALA A 81 3.24 3.09 7.73
C ALA A 81 4.58 3.47 8.37
N GLU A 82 5.36 2.47 8.75
CA GLU A 82 6.66 2.69 9.36
C GLU A 82 7.73 2.92 8.31
N SER A 83 7.53 2.35 7.12
CA SER A 83 8.48 2.47 6.03
C SER A 83 7.76 2.46 4.68
N ALA A 84 7.09 3.56 4.35
CA ALA A 84 6.36 3.67 3.09
C ALA A 84 7.28 4.15 1.97
N GLU A 85 6.93 3.78 0.74
CA GLU A 85 7.73 4.17 -0.42
C GLU A 85 6.83 4.40 -1.64
N PHE A 86 7.15 5.44 -2.40
CA PHE A 86 6.37 5.77 -3.59
C PHE A 86 6.64 4.76 -4.71
N GLU A 87 5.81 4.79 -5.74
CA GLU A 87 5.95 3.89 -6.88
C GLU A 87 7.37 3.97 -7.47
N SER A 88 7.99 5.13 -7.31
CA SER A 88 9.35 5.34 -7.82
C SER A 88 10.31 4.31 -7.24
N GLU A 89 9.95 3.76 -6.09
CA GLU A 89 10.80 2.76 -5.42
C GLU A 89 10.34 1.35 -5.76
N ILE A 90 9.84 1.17 -6.98
CA ILE A 90 9.37 -0.14 -7.44
C ILE A 90 10.25 -0.70 -8.54
N ASP A 91 11.37 -0.03 -8.81
CA ASP A 91 12.30 -0.47 -9.85
C ASP A 91 12.94 -1.80 -9.48
N GLU A 92 13.33 -2.58 -10.48
CA GLU A 92 13.95 -3.87 -10.27
C GLU A 92 15.15 -3.75 -9.31
N ALA A 93 15.78 -2.59 -9.30
CA ALA A 93 16.92 -2.36 -8.43
C ALA A 93 16.56 -2.56 -6.97
N ALA A 94 15.55 -1.83 -6.51
CA ALA A 94 15.10 -1.92 -5.12
C ALA A 94 14.54 -3.31 -4.84
N ALA A 95 13.91 -3.91 -5.84
CA ALA A 95 13.33 -5.24 -5.69
C ALA A 95 14.41 -6.29 -5.51
N LYS A 96 15.61 -6.00 -6.00
CA LYS A 96 16.73 -6.92 -5.89
C LYS A 96 17.39 -6.82 -4.52
N GLN A 97 17.75 -5.60 -4.14
CA GLN A 97 18.39 -5.38 -2.86
C GLN A 97 17.56 -5.95 -1.71
N ASP A 98 16.26 -5.70 -1.77
CA ASP A 98 15.34 -6.20 -0.76
C ASP A 98 15.10 -7.69 -0.94
N SER A 99 15.13 -8.14 -2.19
CA SER A 99 14.92 -9.55 -2.51
C SER A 99 15.93 -10.42 -1.76
N GLU A 100 17.12 -9.88 -1.55
CA GLU A 100 18.17 -10.59 -0.85
C GLU A 100 17.69 -11.05 0.53
N SER A 101 16.70 -10.34 1.06
CA SER A 101 16.13 -10.67 2.37
C SER A 101 17.19 -10.54 3.46
N ASP A 102 17.73 -9.33 3.60
CA ASP A 102 18.75 -9.07 4.62
C ASP A 102 18.11 -8.59 5.92
N ASP A 103 16.78 -8.66 5.98
CA ASP A 103 16.04 -8.23 7.16
C ASP A 103 14.64 -8.85 7.18
N PRO A 104 14.01 -8.94 8.36
CA PRO A 104 12.67 -9.50 8.50
C PRO A 104 11.64 -8.72 7.70
N ARG A 105 11.71 -7.39 7.79
CA ARG A 105 10.78 -6.52 7.08
C ARG A 105 11.14 -6.46 5.59
N ILE A 106 12.42 -6.31 5.30
CA ILE A 106 12.89 -6.23 3.92
C ILE A 106 12.56 -7.52 3.16
N ALA A 107 12.52 -8.63 3.89
CA ALA A 107 12.23 -9.93 3.29
C ALA A 107 10.76 -10.02 2.92
N ALA A 108 9.88 -9.79 3.89
CA ALA A 108 8.44 -9.84 3.65
C ALA A 108 8.03 -8.85 2.57
N ARG A 109 8.53 -7.62 2.68
CA ARG A 109 8.23 -6.59 1.71
C ARG A 109 8.95 -6.87 0.39
N GLY A 110 10.13 -7.47 0.49
CA GLY A 110 10.89 -7.79 -0.70
C GLY A 110 10.13 -8.68 -1.65
N ARG A 111 9.50 -9.71 -1.11
CA ARG A 111 8.71 -10.65 -1.91
C ARG A 111 7.45 -9.96 -2.43
N ALA A 112 6.83 -9.15 -1.57
CA ALA A 112 5.62 -8.44 -1.93
C ALA A 112 5.89 -7.44 -3.04
N ARG A 113 7.06 -6.81 -2.98
CA ARG A 113 7.46 -5.83 -3.99
C ARG A 113 7.58 -6.48 -5.36
N LEU A 114 8.26 -7.61 -5.42
CA LEU A 114 8.45 -8.34 -6.67
C LEU A 114 7.11 -8.66 -7.33
N ARG A 115 6.18 -9.18 -6.53
CA ARG A 115 4.85 -9.54 -7.04
C ARG A 115 4.19 -8.32 -7.67
N ALA A 116 4.36 -7.16 -7.06
CA ALA A 116 3.78 -5.92 -7.56
C ALA A 116 4.51 -5.43 -8.81
N VAL A 117 5.81 -5.74 -8.87
CA VAL A 117 6.64 -5.33 -10.00
C VAL A 117 6.38 -6.20 -11.22
N GLY A 118 5.70 -7.32 -11.02
CA GLY A 118 5.41 -8.22 -12.12
C GLY A 118 6.33 -9.42 -12.15
N ALA A 119 6.85 -9.80 -10.99
CA ALA A 119 7.75 -10.94 -10.89
C ALA A 119 7.00 -12.25 -11.08
N ILE A 120 6.10 -12.57 -10.16
CA ILE A 120 5.32 -13.79 -10.22
C ILE A 120 4.62 -13.94 -11.57
N ASP A 121 4.37 -12.81 -12.23
CA ASP A 121 3.71 -12.80 -13.53
C ASP A 121 3.74 -11.42 -14.17
#